data_6QD2
#
_entry.id   6QD2
#
_cell.length_a   1
_cell.length_b   1
_cell.length_c   1
_cell.angle_alpha   90
_cell.angle_beta   90
_cell.angle_gamma   90
#
_symmetry.space_group_name_H-M   'P 1'
#
loop_
_entity.id
_entity.type
_entity.pdbx_description
1 polymer 'Cyclic nucleotide-gated potassium channel mll3241'
2 non-polymer 'POTASSIUM ION'
#
_entity_poly.entity_id   1
_entity_poly.type   'polypeptide(L)'
_entity_poly.pdbx_seq_one_letter_code
;MSVLPFLRIYAPLNAVLAAPGLLAVAALTIPDMSGRSRLALAALLAVIWGAYLLQLAATLLKRRAGVVRDRTPKIAIDVL
AVLVPLAAFLLDGSPDWSLYCAVWLLKPLRDSTFFPVLGRVLANEARNLIGVTTLFGVVLFAVALAAYVIERDIQPEKFG
SIPQAMWWAVVTLSTTGYGDTIPQSFAGRVLAGAVMMSGIGIFGLWAGILATGFYQEVRRGDFVRNWQLVAAVPLFQKLG
PAVLVEIVRALRARTVPAGAVICRIGEPGDRMFFVVEGSVSVATPNPVELGPGAFFGEMALISGEPRSATVSAATTVSLL
SLHSADFQMLCSSSPEIAEIFRKTALERRGAAASA
;
_entity_poly.pdbx_strand_id   A,B,C,D
#
loop_
_chem_comp.id
_chem_comp.type
_chem_comp.name
_chem_comp.formula
K non-polymer 'POTASSIUM ION' 'K 1'
#
# COMPACT_ATOMS: atom_id res chain seq x y z
N MET A 1 -12.40 14.02 3.87
CA MET A 1 -12.29 15.46 3.48
C MET A 1 -13.63 16.20 3.32
N SER A 2 -14.77 15.54 3.55
CA SER A 2 -16.06 16.05 3.12
C SER A 2 -17.14 15.86 4.17
N VAL A 3 -16.77 15.76 5.46
CA VAL A 3 -17.71 15.34 6.49
C VAL A 3 -17.43 16.15 7.75
N LEU A 4 -18.49 16.35 8.54
CA LEU A 4 -18.42 17.05 9.83
C LEU A 4 -18.71 16.07 10.96
N PRO A 5 -17.74 15.26 11.37
CA PRO A 5 -17.96 14.29 12.46
C PRO A 5 -17.86 14.96 13.81
N PHE A 6 -18.97 14.98 14.55
CA PHE A 6 -19.04 15.66 15.83
C PHE A 6 -19.98 14.90 16.75
N LEU A 7 -20.21 15.46 17.93
CA LEU A 7 -20.93 14.80 19.02
C LEU A 7 -20.20 13.50 19.42
N ARG A 8 -18.99 13.71 19.96
CA ARG A 8 -18.29 12.78 20.85
C ARG A 8 -18.40 11.32 20.42
N ILE A 9 -17.85 10.97 19.25
CA ILE A 9 -17.88 9.60 18.75
C ILE A 9 -17.37 8.61 19.79
N TYR A 10 -16.46 9.06 20.65
CA TYR A 10 -16.01 8.32 21.84
C TYR A 10 -16.88 8.69 23.03
N ALA A 11 -18.21 8.53 22.86
CA ALA A 11 -19.19 9.07 23.80
C ALA A 11 -19.28 8.31 25.12
N PRO A 12 -19.61 7.02 25.11
CA PRO A 12 -20.08 6.37 26.36
C PRO A 12 -19.00 6.29 27.42
N LEU A 13 -19.36 6.69 28.64
CA LEU A 13 -18.44 6.61 29.76
C LEU A 13 -18.06 5.17 30.09
N ASN A 14 -18.82 4.19 29.61
CA ASN A 14 -18.40 2.79 29.74
C ASN A 14 -17.03 2.59 29.11
N ALA A 15 -16.76 3.28 28.00
CA ALA A 15 -15.47 3.21 27.36
C ALA A 15 -14.45 4.11 28.03
N VAL A 16 -14.91 5.26 28.55
CA VAL A 16 -13.98 6.28 29.01
C VAL A 16 -13.18 5.80 30.22
N LEU A 17 -13.75 4.92 31.03
CA LEU A 17 -13.18 4.62 32.33
C LEU A 17 -12.16 3.48 32.29
N ALA A 18 -12.06 2.75 31.19
CA ALA A 18 -11.04 1.73 31.10
C ALA A 18 -9.65 2.34 31.11
N ALA A 19 -9.46 3.44 30.38
CA ALA A 19 -8.14 4.07 30.30
C ALA A 19 -7.62 4.51 31.66
N PRO A 20 -8.29 5.40 32.39
CA PRO A 20 -7.78 5.74 33.72
C PRO A 20 -7.84 4.58 34.69
N GLY A 21 -8.74 3.63 34.46
CA GLY A 21 -8.89 2.53 35.38
C GLY A 21 -7.68 1.65 35.43
N LEU A 22 -7.04 1.44 34.29
CA LEU A 22 -5.91 0.52 34.22
C LEU A 22 -4.60 1.20 34.58
N LEU A 23 -4.56 2.53 34.51
CA LEU A 23 -3.38 3.24 34.98
C LEU A 23 -3.31 3.27 36.50
N ALA A 24 -4.41 2.93 37.18
CA ALA A 24 -4.36 2.69 38.61
C ALA A 24 -3.48 1.50 38.97
N VAL A 25 -3.20 0.64 38.00
CA VAL A 25 -2.53 -0.63 38.28
C VAL A 25 -1.10 -0.39 38.73
N ALA A 26 -0.37 0.43 37.98
CA ALA A 26 1.08 0.37 37.99
C ALA A 26 1.67 0.77 39.34
N ALA A 27 1.04 1.73 40.03
CA ALA A 27 1.59 2.20 41.30
C ALA A 27 1.66 1.08 42.32
N LEU A 28 0.72 0.14 42.27
CA LEU A 28 0.81 -1.04 43.12
C LEU A 28 1.98 -1.93 42.75
N THR A 29 2.51 -1.80 41.54
CA THR A 29 3.48 -2.72 40.98
C THR A 29 4.90 -2.37 41.36
N ILE A 30 5.09 -1.42 42.27
CA ILE A 30 6.36 -0.72 42.43
C ILE A 30 6.78 -0.78 43.89
N PRO A 31 8.02 -1.16 44.22
CA PRO A 31 8.45 -1.12 45.62
C PRO A 31 8.62 0.30 46.13
N ASP A 32 8.77 0.40 47.45
CA ASP A 32 9.09 1.66 48.13
C ASP A 32 8.01 2.71 47.90
N MET A 33 6.77 2.28 47.69
CA MET A 33 5.65 3.16 47.43
C MET A 33 4.86 3.37 48.71
N SER A 34 4.50 4.63 48.97
CA SER A 34 3.76 4.94 50.19
C SER A 34 2.36 4.36 50.12
N GLY A 35 1.89 3.87 51.27
CA GLY A 35 0.57 3.30 51.36
C GLY A 35 -0.58 4.28 51.17
N ARG A 36 -0.28 5.58 51.13
CA ARG A 36 -1.33 6.60 51.04
C ARG A 36 -2.14 6.45 49.76
N SER A 37 -1.50 6.72 48.62
CA SER A 37 -2.18 6.56 47.34
C SER A 37 -2.21 5.12 46.87
N ARG A 38 -1.49 4.23 47.55
CA ARG A 38 -1.46 2.81 47.20
C ARG A 38 -2.88 2.25 47.12
N LEU A 39 -3.69 2.55 48.13
CA LEU A 39 -5.07 2.11 48.16
C LEU A 39 -6.03 3.15 47.63
N ALA A 40 -5.59 4.41 47.50
CA ALA A 40 -6.48 5.44 46.99
C ALA A 40 -6.92 5.11 45.57
N LEU A 41 -6.03 4.53 44.79
CA LEU A 41 -6.37 4.10 43.45
C LEU A 41 -7.21 2.83 43.46
N ALA A 42 -7.08 2.01 44.50
CA ALA A 42 -7.94 0.84 44.63
C ALA A 42 -9.39 1.27 44.78
N ALA A 43 -9.62 2.44 45.35
CA ALA A 43 -10.96 3.00 45.37
C ALA A 43 -11.47 3.19 43.96
N LEU A 44 -10.68 3.89 43.13
CA LEU A 44 -11.07 4.17 41.76
C LEU A 44 -11.40 2.89 41.00
N LEU A 45 -10.71 1.80 41.32
CA LEU A 45 -11.14 0.50 40.83
C LEU A 45 -12.51 0.15 41.38
N ALA A 46 -12.69 0.34 42.68
CA ALA A 46 -14.00 0.08 43.27
C ALA A 46 -15.04 1.04 42.71
N VAL A 47 -14.62 2.25 42.33
CA VAL A 47 -15.53 3.17 41.66
C VAL A 47 -15.94 2.59 40.32
N ILE A 48 -14.95 2.25 39.49
CA ILE A 48 -15.22 1.68 38.18
C ILE A 48 -15.97 0.36 38.35
N TRP A 49 -15.62 -0.40 39.39
CA TRP A 49 -16.40 -1.56 39.74
C TRP A 49 -17.83 -1.15 40.03
N GLY A 50 -18.02 -0.30 41.04
CA GLY A 50 -19.34 0.17 41.39
C GLY A 50 -20.03 0.90 40.25
N ALA A 51 -19.26 1.54 39.38
CA ALA A 51 -19.85 2.37 38.34
C ALA A 51 -20.50 1.49 37.27
N TYR A 52 -19.74 0.56 36.70
CA TYR A 52 -20.33 -0.39 35.77
C TYR A 52 -21.35 -1.24 36.49
N LEU A 53 -21.04 -1.63 37.72
CA LEU A 53 -21.97 -2.38 38.54
C LEU A 53 -23.26 -1.62 38.77
N LEU A 54 -23.16 -0.30 38.97
CA LEU A 54 -24.35 0.54 38.95
C LEU A 54 -25.00 0.50 37.59
N GLN A 55 -24.19 0.61 36.53
CA GLN A 55 -24.71 0.52 35.18
C GLN A 55 -25.18 -0.89 34.86
N LEU A 56 -24.63 -1.88 35.56
CA LEU A 56 -24.82 -3.28 35.20
C LEU A 56 -26.30 -3.65 35.21
N ALA A 57 -26.94 -3.51 36.36
CA ALA A 57 -28.32 -3.97 36.52
C ALA A 57 -29.25 -3.26 35.55
N ALA A 58 -28.98 -1.99 35.23
CA ALA A 58 -29.76 -1.30 34.22
C ALA A 58 -29.64 -2.00 32.88
N THR A 59 -28.48 -2.57 32.60
CA THR A 59 -28.33 -3.38 31.39
C THR A 59 -29.03 -4.72 31.54
N LEU A 60 -28.93 -5.32 32.73
CA LEU A 60 -29.66 -6.57 32.96
C LEU A 60 -31.15 -6.36 32.99
N LEU A 61 -31.60 -5.12 33.17
CA LEU A 61 -32.97 -4.75 32.83
C LEU A 61 -33.04 -4.69 31.31
N LYS A 62 -33.15 -5.88 30.70
CA LYS A 62 -33.32 -6.01 29.26
C LYS A 62 -34.76 -6.29 28.89
N ARG A 63 -35.70 -5.70 29.62
CA ARG A 63 -37.08 -5.62 29.18
C ARG A 63 -37.34 -4.37 28.34
N ARG A 64 -36.32 -3.56 28.10
CA ARG A 64 -36.40 -2.47 27.13
C ARG A 64 -36.12 -3.01 25.73
N ALA A 65 -36.99 -2.70 24.78
CA ALA A 65 -36.86 -3.15 23.40
C ALA A 65 -36.80 -4.67 23.32
N GLY A 66 -37.48 -5.36 24.22
CA GLY A 66 -37.43 -6.81 24.30
C GLY A 66 -38.39 -7.51 23.35
N VAL A 67 -38.02 -7.53 22.06
CA VAL A 67 -38.78 -8.25 21.04
C VAL A 67 -37.94 -9.39 20.43
N VAL A 68 -36.80 -9.06 19.79
CA VAL A 68 -35.83 -10.03 19.29
C VAL A 68 -34.48 -9.32 19.32
N ARG A 69 -33.50 -9.89 20.03
CA ARG A 69 -32.19 -9.25 20.16
C ARG A 69 -31.11 -10.31 20.31
N ASP A 70 -29.88 -9.94 19.93
CA ASP A 70 -28.71 -10.81 19.95
C ASP A 70 -27.64 -10.08 20.76
N ARG A 71 -27.70 -10.22 22.09
CA ARG A 71 -26.87 -9.44 23.00
C ARG A 71 -25.91 -10.33 23.79
N THR A 72 -25.68 -11.55 23.32
CA THR A 72 -24.51 -12.30 23.76
C THR A 72 -23.23 -11.47 23.67
N PRO A 73 -23.01 -10.64 22.64
CA PRO A 73 -21.79 -9.81 22.66
C PRO A 73 -21.78 -8.78 23.77
N LYS A 74 -22.81 -7.94 23.86
CA LYS A 74 -22.76 -6.80 24.77
C LYS A 74 -22.80 -7.21 26.23
N ILE A 75 -23.23 -8.44 26.52
CA ILE A 75 -23.33 -8.91 27.89
C ILE A 75 -22.11 -9.71 28.30
N ALA A 76 -21.32 -10.21 27.34
CA ALA A 76 -20.26 -11.17 27.62
C ALA A 76 -19.21 -10.64 28.58
N ILE A 77 -19.12 -9.33 28.77
CA ILE A 77 -18.07 -8.72 29.57
C ILE A 77 -18.63 -8.11 30.83
N ASP A 78 -19.81 -7.49 30.72
CA ASP A 78 -20.47 -6.85 31.85
C ASP A 78 -20.64 -7.83 32.99
N VAL A 79 -20.95 -9.07 32.66
CA VAL A 79 -21.04 -10.12 33.66
C VAL A 79 -19.71 -10.26 34.37
N LEU A 80 -18.65 -10.53 33.61
CA LEU A 80 -17.32 -10.68 34.18
C LEU A 80 -16.72 -9.35 34.59
N ALA A 81 -17.32 -8.23 34.20
CA ALA A 81 -16.78 -6.93 34.58
C ALA A 81 -16.73 -6.75 36.09
N VAL A 82 -17.62 -7.43 36.82
CA VAL A 82 -17.72 -7.29 38.27
C VAL A 82 -17.42 -8.60 38.98
N LEU A 83 -17.65 -9.75 38.35
CA LEU A 83 -17.45 -11.03 39.02
C LEU A 83 -15.98 -11.30 39.23
N VAL A 84 -15.17 -11.04 38.22
CA VAL A 84 -13.78 -11.46 38.21
C VAL A 84 -13.00 -10.67 39.25
N PRO A 85 -13.18 -9.34 39.37
CA PRO A 85 -12.59 -8.66 40.53
C PRO A 85 -13.05 -9.22 41.85
N LEU A 86 -14.30 -9.69 41.91
CA LEU A 86 -14.89 -10.07 43.18
C LEU A 86 -14.26 -11.35 43.70
N ALA A 87 -14.29 -12.41 42.88
CA ALA A 87 -13.62 -13.64 43.27
C ALA A 87 -12.13 -13.43 43.43
N ALA A 88 -11.56 -12.52 42.64
CA ALA A 88 -10.17 -12.17 42.81
C ALA A 88 -9.94 -11.47 44.15
N PHE A 89 -10.93 -10.74 44.63
CA PHE A 89 -10.74 -9.93 45.82
C PHE A 89 -10.50 -10.79 47.07
N LEU A 90 -11.05 -12.00 47.09
CA LEU A 90 -11.01 -12.85 48.28
C LEU A 90 -9.99 -13.96 48.18
N LEU A 91 -10.05 -14.76 47.11
CA LEU A 91 -9.17 -15.91 46.99
C LEU A 91 -7.71 -15.49 46.92
N ASP A 92 -7.43 -14.46 46.12
CA ASP A 92 -6.07 -13.93 45.98
C ASP A 92 -5.90 -12.80 47.00
N GLY A 93 -5.64 -13.20 48.24
CA GLY A 93 -5.53 -12.23 49.32
C GLY A 93 -4.37 -11.28 49.14
N SER A 94 -3.25 -11.77 48.62
CA SER A 94 -2.11 -10.92 48.34
C SER A 94 -2.49 -9.90 47.27
N PRO A 95 -1.69 -8.83 47.09
CA PRO A 95 -2.07 -7.78 46.13
C PRO A 95 -2.22 -8.25 44.70
N ASP A 96 -1.81 -9.48 44.38
CA ASP A 96 -1.92 -10.05 43.05
C ASP A 96 -3.35 -10.02 42.49
N TRP A 97 -4.37 -9.84 43.34
CA TRP A 97 -5.75 -9.74 42.85
C TRP A 97 -5.90 -8.64 41.82
N SER A 98 -5.10 -7.58 41.95
CA SER A 98 -5.09 -6.51 40.96
C SER A 98 -4.71 -7.00 39.57
N LEU A 99 -4.02 -8.14 39.47
CA LEU A 99 -3.63 -8.67 38.18
C LEU A 99 -4.82 -9.11 37.33
N TYR A 100 -6.03 -9.11 37.88
CA TYR A 100 -7.24 -9.30 37.09
C TYR A 100 -7.77 -8.00 36.52
N CYS A 101 -6.90 -7.01 36.34
CA CYS A 101 -7.20 -5.87 35.49
C CYS A 101 -6.90 -6.15 34.03
N ALA A 102 -6.73 -7.42 33.65
CA ALA A 102 -6.78 -7.82 32.26
C ALA A 102 -8.22 -7.96 31.77
N VAL A 103 -9.19 -7.54 32.55
CA VAL A 103 -10.58 -7.84 32.31
C VAL A 103 -11.28 -6.68 31.63
N TRP A 104 -11.04 -5.46 32.12
CA TRP A 104 -11.66 -4.29 31.54
C TRP A 104 -11.19 -4.02 30.12
N LEU A 105 -10.09 -4.64 29.69
CA LEU A 105 -9.56 -4.40 28.35
C LEU A 105 -10.56 -4.72 27.25
N LEU A 106 -11.56 -5.57 27.52
CA LEU A 106 -12.62 -5.83 26.56
C LEU A 106 -13.72 -4.78 26.58
N LYS A 107 -13.83 -4.03 27.68
CA LYS A 107 -14.88 -3.02 27.79
C LYS A 107 -14.79 -1.97 26.69
N PRO A 108 -13.62 -1.50 26.28
CA PRO A 108 -13.56 -0.79 25.00
C PRO A 108 -14.11 -1.63 23.87
N LEU A 109 -13.65 -2.87 23.78
CA LEU A 109 -14.13 -3.76 22.73
C LEU A 109 -15.57 -4.16 22.93
N ARG A 110 -16.15 -3.91 24.10
CA ARG A 110 -17.59 -4.10 24.26
C ARG A 110 -18.30 -3.17 23.29
N ASP A 111 -18.26 -1.87 23.58
CA ASP A 111 -18.82 -0.87 22.68
C ASP A 111 -17.72 -0.31 21.78
N SER A 112 -17.09 -1.21 21.05
CA SER A 112 -16.25 -0.85 19.93
C SER A 112 -16.98 -1.33 18.68
N THR A 113 -17.88 -0.49 18.19
CA THR A 113 -18.16 -0.51 16.76
C THR A 113 -16.84 -0.23 16.05
N PHE A 114 -16.73 -0.74 14.83
CA PHE A 114 -15.51 -0.87 14.02
C PHE A 114 -14.67 -2.09 14.43
N PHE A 115 -14.95 -2.74 15.56
CA PHE A 115 -14.27 -4.00 15.85
C PHE A 115 -14.97 -5.19 15.19
N PRO A 116 -16.31 -5.27 15.19
CA PRO A 116 -16.95 -6.30 14.35
C PRO A 116 -16.68 -6.10 12.88
N VAL A 117 -16.51 -4.84 12.47
CA VAL A 117 -16.14 -4.56 11.09
C VAL A 117 -14.82 -5.22 10.75
N LEU A 118 -13.89 -5.24 11.72
CA LEU A 118 -12.65 -5.96 11.53
C LEU A 118 -12.91 -7.45 11.39
N GLY A 119 -13.51 -8.06 12.41
CA GLY A 119 -13.68 -9.50 12.43
C GLY A 119 -14.54 -10.04 11.30
N ARG A 120 -15.29 -9.17 10.60
CA ARG A 120 -16.12 -9.64 9.51
C ARG A 120 -15.27 -10.15 8.34
N VAL A 121 -14.24 -9.39 7.95
CA VAL A 121 -13.51 -9.71 6.74
C VAL A 121 -12.48 -10.82 6.97
N LEU A 122 -12.01 -11.00 8.21
CA LEU A 122 -11.08 -12.09 8.48
C LEU A 122 -11.69 -13.45 8.14
N ALA A 123 -13.00 -13.56 8.21
CA ALA A 123 -13.72 -14.78 7.86
C ALA A 123 -14.01 -14.88 6.36
N ASN A 124 -13.26 -14.20 5.51
CA ASN A 124 -13.30 -14.43 4.06
C ASN A 124 -11.89 -14.62 3.50
N GLU A 125 -10.91 -13.92 4.08
CA GLU A 125 -9.57 -13.83 3.51
C GLU A 125 -8.51 -14.61 4.28
N ALA A 126 -8.88 -15.26 5.39
CA ALA A 126 -7.91 -16.04 6.15
C ALA A 126 -7.40 -17.24 5.37
N ARG A 127 -8.11 -17.66 4.33
CA ARG A 127 -7.59 -18.65 3.39
C ARG A 127 -6.19 -18.28 2.95
N ASN A 128 -6.03 -17.06 2.44
CA ASN A 128 -4.72 -16.54 2.09
C ASN A 128 -3.79 -16.53 3.31
N LEU A 129 -4.26 -15.98 4.44
CA LEU A 129 -3.39 -15.76 5.59
C LEU A 129 -2.73 -17.03 6.07
N ILE A 130 -3.46 -18.14 6.01
CA ILE A 130 -2.90 -19.41 6.45
C ILE A 130 -1.83 -19.86 5.48
N GLY A 131 -2.15 -19.85 4.18
CA GLY A 131 -1.15 -20.22 3.18
C GLY A 131 0.06 -19.33 3.22
N VAL A 132 -0.13 -18.08 3.63
CA VAL A 132 1.01 -17.19 3.84
C VAL A 132 1.68 -17.52 5.17
N THR A 133 0.87 -17.81 6.20
CA THR A 133 1.43 -18.15 7.51
C THR A 133 2.23 -19.43 7.43
N THR A 134 1.68 -20.45 6.77
CA THR A 134 2.49 -21.63 6.42
C THR A 134 3.74 -21.21 5.69
N LEU A 135 3.57 -20.47 4.58
CA LEU A 135 4.69 -20.01 3.79
C LEU A 135 5.68 -19.20 4.63
N PHE A 136 5.17 -18.43 5.59
CA PHE A 136 6.06 -17.79 6.54
C PHE A 136 6.83 -18.82 7.36
N GLY A 137 6.14 -19.89 7.77
CA GLY A 137 6.82 -20.94 8.48
C GLY A 137 7.79 -21.70 7.61
N VAL A 138 7.48 -21.82 6.32
CA VAL A 138 8.42 -22.38 5.37
C VAL A 138 9.70 -21.57 5.40
N VAL A 139 9.59 -20.28 5.07
CA VAL A 139 10.74 -19.41 4.96
C VAL A 139 11.46 -19.28 6.30
N LEU A 140 10.74 -19.44 7.42
CA LEU A 140 11.33 -19.32 8.74
C LEU A 140 12.40 -20.37 8.94
N PHE A 141 11.99 -21.64 8.94
CA PHE A 141 12.93 -22.70 9.23
C PHE A 141 13.77 -23.06 8.02
N ALA A 142 13.28 -22.75 6.82
CA ALA A 142 14.11 -22.88 5.64
C ALA A 142 15.38 -22.07 5.77
N VAL A 143 15.30 -20.93 6.44
CA VAL A 143 16.40 -20.00 6.56
C VAL A 143 17.04 -20.08 7.93
N ALA A 144 16.24 -20.34 8.96
CA ALA A 144 16.79 -20.44 10.31
C ALA A 144 17.77 -21.58 10.42
N LEU A 145 17.54 -22.66 9.66
CA LEU A 145 18.38 -23.83 9.78
C LEU A 145 19.78 -23.60 9.26
N ALA A 146 19.91 -22.82 8.20
CA ALA A 146 21.21 -22.63 7.57
C ALA A 146 22.20 -21.91 8.46
N ALA A 147 21.73 -21.26 9.53
CA ALA A 147 22.62 -20.59 10.47
C ALA A 147 23.32 -21.54 11.41
N TYR A 148 22.59 -22.54 11.94
CA TYR A 148 23.21 -23.53 12.80
C TYR A 148 24.28 -24.32 12.06
N VAL A 149 24.21 -24.36 10.73
CA VAL A 149 25.20 -25.03 9.91
C VAL A 149 26.59 -24.47 10.15
N ILE A 150 26.70 -23.21 10.61
CA ILE A 150 27.92 -22.44 10.44
C ILE A 150 28.54 -22.13 11.79
N GLU A 151 27.84 -21.35 12.60
CA GLU A 151 28.43 -20.76 13.80
C GLU A 151 28.22 -21.60 15.04
N ARG A 152 27.71 -22.82 14.90
CA ARG A 152 27.63 -23.71 16.05
C ARG A 152 29.01 -23.99 16.61
N ASP A 153 30.03 -24.00 15.75
CA ASP A 153 31.39 -24.30 16.21
C ASP A 153 31.93 -23.19 17.11
N ILE A 154 31.96 -21.96 16.59
CA ILE A 154 32.59 -20.84 17.29
C ILE A 154 31.58 -19.94 18.00
N GLN A 155 30.28 -20.21 17.87
CA GLN A 155 29.27 -19.58 18.71
C GLN A 155 28.32 -20.65 19.25
N PRO A 156 28.79 -21.51 20.16
CA PRO A 156 27.85 -22.38 20.86
C PRO A 156 26.85 -21.60 21.70
N GLU A 157 27.35 -20.65 22.48
CA GLU A 157 26.53 -20.00 23.49
C GLU A 157 25.44 -19.12 22.88
N LYS A 158 25.52 -18.84 21.58
CA LYS A 158 24.52 -18.05 20.88
C LYS A 158 23.81 -18.84 19.80
N PHE A 159 24.57 -19.54 18.95
CA PHE A 159 24.03 -20.35 17.86
C PHE A 159 24.44 -21.81 18.01
N GLY A 160 24.43 -22.30 19.25
CA GLY A 160 24.66 -23.72 19.49
C GLY A 160 23.40 -24.55 19.44
N SER A 161 22.35 -24.03 18.83
CA SER A 161 21.09 -24.75 18.72
C SER A 161 20.24 -24.09 17.64
N ILE A 162 19.14 -24.75 17.30
CA ILE A 162 18.24 -24.32 16.24
C ILE A 162 17.36 -23.14 16.67
N PRO A 163 16.54 -23.26 17.72
CA PRO A 163 15.59 -22.18 17.99
C PRO A 163 16.27 -20.88 18.39
N GLN A 164 17.49 -20.96 18.93
CA GLN A 164 18.28 -19.76 19.14
C GLN A 164 18.54 -19.04 17.82
N ALA A 165 18.56 -19.79 16.72
CA ALA A 165 18.68 -19.21 15.40
C ALA A 165 17.33 -18.86 14.80
N MET A 166 16.29 -19.65 15.08
CA MET A 166 14.93 -19.24 14.74
C MET A 166 14.56 -17.96 15.46
N TRP A 167 15.15 -17.74 16.63
CA TRP A 167 15.01 -16.45 17.31
C TRP A 167 15.59 -15.34 16.45
N TRP A 168 16.86 -15.48 16.06
CA TRP A 168 17.52 -14.56 15.15
C TRP A 168 16.89 -14.54 13.76
N ALA A 169 16.01 -15.48 13.43
CA ALA A 169 15.33 -15.48 12.14
C ALA A 169 14.31 -14.35 12.06
N VAL A 170 13.33 -14.36 12.94
CA VAL A 170 12.23 -13.42 12.84
C VAL A 170 12.70 -12.02 13.20
N VAL A 171 13.65 -11.94 14.13
CA VAL A 171 14.28 -10.65 14.43
C VAL A 171 14.97 -10.13 13.19
N THR A 172 15.57 -11.02 12.41
CA THR A 172 16.23 -10.67 11.17
C THR A 172 15.23 -10.51 10.03
N LEU A 173 14.10 -11.21 10.10
CA LEU A 173 13.14 -11.22 9.01
C LEU A 173 12.03 -10.21 9.18
N SER A 174 11.59 -9.99 10.42
CA SER A 174 10.44 -9.14 10.70
C SER A 174 10.82 -7.70 11.03
N THR A 175 11.87 -7.17 10.40
CA THR A 175 12.14 -5.75 10.32
C THR A 175 12.72 -5.21 11.61
N THR A 176 13.06 -6.05 12.59
CA THR A 176 13.26 -5.57 13.96
C THR A 176 14.71 -5.24 14.28
N GLY A 177 15.56 -6.24 14.29
CA GLY A 177 16.96 -6.03 14.58
C GLY A 177 17.21 -5.58 16.01
N TYR A 178 16.97 -6.47 16.97
CA TYR A 178 17.32 -6.20 18.36
C TYR A 178 18.78 -5.86 18.53
N GLY A 179 19.66 -6.80 18.18
CA GLY A 179 21.10 -6.58 18.27
C GLY A 179 21.76 -7.33 19.40
N ASP A 180 21.30 -8.54 19.70
CA ASP A 180 21.90 -9.36 20.74
C ASP A 180 22.94 -10.33 20.19
N THR A 181 22.61 -11.06 19.12
CA THR A 181 23.43 -12.15 18.62
C THR A 181 23.48 -12.07 17.11
N ILE A 182 24.66 -11.77 16.56
CA ILE A 182 24.82 -11.52 15.13
C ILE A 182 26.03 -12.32 14.67
N PRO A 183 26.08 -12.77 13.41
CA PRO A 183 27.22 -13.60 12.98
C PRO A 183 28.55 -12.86 13.02
N GLN A 184 29.59 -13.61 12.70
CA GLN A 184 30.96 -13.13 12.57
C GLN A 184 31.60 -13.53 11.24
N SER A 185 31.18 -14.65 10.65
CA SER A 185 31.77 -15.15 9.43
C SER A 185 31.15 -14.45 8.21
N PHE A 186 31.58 -14.90 7.03
CA PHE A 186 31.16 -14.27 5.78
C PHE A 186 29.84 -14.84 5.29
N ALA A 187 29.81 -16.14 4.99
CA ALA A 187 28.68 -16.72 4.27
C ALA A 187 27.40 -16.64 5.09
N GLY A 188 27.50 -16.81 6.41
CA GLY A 188 26.34 -16.58 7.25
C GLY A 188 25.86 -15.15 7.16
N ARG A 189 26.79 -14.20 7.03
CA ARG A 189 26.40 -12.82 6.78
C ARG A 189 25.91 -12.63 5.35
N VAL A 190 26.34 -13.46 4.40
CA VAL A 190 25.81 -13.36 3.04
C VAL A 190 24.32 -13.64 3.04
N LEU A 191 23.88 -14.56 3.90
CA LEU A 191 22.52 -15.06 3.83
C LEU A 191 21.51 -13.97 4.11
N ALA A 192 21.86 -13.02 4.96
CA ALA A 192 20.95 -11.93 5.27
C ALA A 192 20.60 -11.09 4.04
N GLY A 193 21.40 -11.18 2.98
CA GLY A 193 21.14 -10.41 1.78
C GLY A 193 19.78 -10.66 1.17
N ALA A 194 19.21 -11.84 1.41
CA ALA A 194 17.90 -12.20 0.88
C ALA A 194 16.80 -12.16 1.92
N VAL A 195 17.14 -11.99 3.20
CA VAL A 195 16.16 -12.15 4.26
C VAL A 195 15.26 -10.92 4.33
N MET A 196 15.86 -9.77 4.59
CA MET A 196 15.10 -8.53 4.59
C MET A 196 14.46 -8.29 3.23
N MET A 197 15.17 -8.67 2.17
CA MET A 197 14.58 -8.73 0.84
C MET A 197 13.32 -9.57 0.86
N SER A 198 13.35 -10.69 1.57
CA SER A 198 12.20 -11.58 1.61
C SER A 198 11.08 -11.02 2.48
N GLY A 199 11.36 -10.85 3.78
CA GLY A 199 10.31 -10.54 4.73
C GLY A 199 9.58 -9.25 4.43
N ILE A 200 10.31 -8.26 3.91
CA ILE A 200 9.67 -7.03 3.48
C ILE A 200 8.83 -7.26 2.24
N GLY A 201 9.15 -8.29 1.46
CA GLY A 201 8.30 -8.69 0.35
C GLY A 201 7.13 -9.50 0.84
N ILE A 202 7.36 -10.30 1.88
CA ILE A 202 6.30 -11.14 2.43
C ILE A 202 5.23 -10.28 3.09
N PHE A 203 5.64 -9.54 4.12
CA PHE A 203 4.72 -8.61 4.77
C PHE A 203 4.26 -7.53 3.82
N GLY A 204 5.02 -7.26 2.76
CA GLY A 204 4.50 -6.45 1.67
C GLY A 204 3.22 -7.00 1.10
N LEU A 205 3.10 -8.33 1.09
CA LEU A 205 1.86 -8.99 0.71
C LEU A 205 0.95 -9.20 1.91
N TRP A 206 1.51 -9.75 2.99
CA TRP A 206 0.68 -10.32 4.04
C TRP A 206 -0.14 -9.25 4.74
N ALA A 207 0.50 -8.21 5.24
CA ALA A 207 -0.26 -7.10 5.80
C ALA A 207 -1.08 -6.40 4.72
N GLY A 208 -0.64 -6.50 3.45
CA GLY A 208 -1.45 -5.98 2.36
C GLY A 208 -2.80 -6.66 2.27
N ILE A 209 -2.87 -7.94 2.66
CA ILE A 209 -4.13 -8.66 2.68
C ILE A 209 -5.15 -7.94 3.54
N LEU A 210 -4.70 -7.37 4.66
CA LEU A 210 -5.63 -6.74 5.57
C LEU A 210 -6.27 -5.53 4.92
N ALA A 211 -5.46 -4.52 4.58
CA ALA A 211 -5.99 -3.30 3.99
C ALA A 211 -6.66 -3.52 2.64
N THR A 212 -6.44 -4.69 2.01
CA THR A 212 -6.89 -4.96 0.66
C THR A 212 -8.39 -4.78 0.47
N GLY A 213 -9.18 -5.59 1.16
CA GLY A 213 -10.63 -5.52 1.14
C GLY A 213 -11.22 -5.04 2.43
N PHE A 214 -10.38 -4.80 3.43
CA PHE A 214 -10.80 -3.99 4.55
C PHE A 214 -11.35 -2.66 4.07
N TYR A 215 -10.63 -2.03 3.14
CA TYR A 215 -11.13 -0.80 2.53
C TYR A 215 -12.41 -1.04 1.76
N GLN A 216 -12.54 -2.21 1.12
CA GLN A 216 -13.81 -2.55 0.49
C GLN A 216 -14.92 -2.50 1.51
N GLU A 217 -14.68 -3.06 2.70
CA GLU A 217 -15.71 -3.09 3.74
C GLU A 217 -16.01 -1.70 4.25
N VAL A 218 -14.98 -0.86 4.41
CA VAL A 218 -15.20 0.49 4.88
C VAL A 218 -15.82 1.32 3.78
N ARG A 219 -15.36 1.14 2.54
CA ARG A 219 -16.06 1.74 1.41
C ARG A 219 -17.42 1.11 1.21
N ARG A 220 -17.62 -0.12 1.73
CA ARG A 220 -18.94 -0.72 1.75
C ARG A 220 -19.76 -0.25 2.94
N GLY A 221 -19.11 -0.03 4.07
CA GLY A 221 -19.81 0.51 5.23
C GLY A 221 -20.47 1.84 4.92
N ASP A 222 -19.87 2.61 4.01
CA ASP A 222 -20.42 3.88 3.57
C ASP A 222 -21.62 3.73 2.66
N PHE A 223 -21.95 2.50 2.22
CA PHE A 223 -23.14 2.25 1.43
C PHE A 223 -24.26 1.64 2.25
N VAL A 224 -23.97 0.53 2.93
CA VAL A 224 -24.96 -0.18 3.72
C VAL A 224 -25.54 0.73 4.79
N ARG A 225 -24.73 1.61 5.37
CA ARG A 225 -25.22 2.58 6.33
C ARG A 225 -25.91 3.76 5.67
N ASN A 226 -25.95 3.80 4.33
CA ASN A 226 -26.44 4.97 3.62
C ASN A 226 -27.30 4.61 2.41
N TRP A 227 -27.67 3.34 2.23
CA TRP A 227 -28.91 3.05 1.53
C TRP A 227 -30.10 3.53 2.34
N GLN A 228 -29.92 3.71 3.63
CA GLN A 228 -30.79 4.58 4.40
C GLN A 228 -30.57 6.02 3.97
N LEU A 229 -31.45 6.90 4.45
CA LEU A 229 -31.44 8.32 4.08
C LEU A 229 -31.59 8.50 2.58
N VAL A 230 -32.29 7.57 1.93
CA VAL A 230 -32.55 7.60 0.49
C VAL A 230 -33.98 8.00 0.20
N ALA A 231 -34.94 7.21 0.68
CA ALA A 231 -36.36 7.54 0.51
C ALA A 231 -36.76 8.80 1.27
N ALA A 232 -35.97 9.21 2.27
CA ALA A 232 -36.31 10.38 3.06
C ALA A 232 -36.33 11.65 2.21
N VAL A 233 -35.56 11.68 1.13
CA VAL A 233 -35.40 12.88 0.33
C VAL A 233 -36.61 13.04 -0.58
N PRO A 234 -37.37 14.13 -0.52
CA PRO A 234 -38.58 14.23 -1.36
C PRO A 234 -38.32 14.25 -2.86
N LEU A 235 -37.09 14.49 -3.30
CA LEU A 235 -36.82 14.72 -4.73
C LEU A 235 -36.36 13.46 -5.46
N PHE A 236 -36.06 12.37 -4.75
CA PHE A 236 -35.31 11.27 -5.33
C PHE A 236 -36.20 10.14 -5.86
N GLN A 237 -37.37 10.49 -6.40
CA GLN A 237 -38.20 9.51 -7.10
C GLN A 237 -37.83 9.37 -8.57
N LYS A 238 -37.13 10.34 -9.14
CA LYS A 238 -36.76 10.31 -10.55
C LYS A 238 -35.41 9.66 -10.79
N LEU A 239 -34.60 9.47 -9.75
CA LEU A 239 -33.25 8.96 -9.94
C LEU A 239 -33.27 7.55 -10.51
N GLY A 240 -32.57 7.37 -11.63
CA GLY A 240 -32.54 6.10 -12.31
C GLY A 240 -31.88 5.02 -11.47
N PRO A 241 -31.99 3.76 -11.90
CA PRO A 241 -31.43 2.68 -11.08
C PRO A 241 -29.92 2.75 -10.91
N ALA A 242 -29.17 2.86 -12.01
CA ALA A 242 -27.72 2.86 -11.93
C ALA A 242 -27.14 4.17 -11.44
N VAL A 243 -27.98 5.16 -11.13
CA VAL A 243 -27.48 6.47 -10.75
C VAL A 243 -26.91 6.44 -9.35
N LEU A 244 -27.54 5.69 -8.45
CA LEU A 244 -27.21 5.77 -7.03
C LEU A 244 -25.90 5.07 -6.72
N VAL A 245 -25.63 3.95 -7.40
CA VAL A 245 -24.39 3.21 -7.16
C VAL A 245 -23.19 4.09 -7.44
N GLU A 246 -23.32 4.99 -8.42
CA GLU A 246 -22.25 5.94 -8.70
C GLU A 246 -22.04 6.91 -7.53
N ILE A 247 -23.09 7.17 -6.76
CA ILE A 247 -23.13 8.33 -5.88
C ILE A 247 -22.79 7.94 -4.45
N VAL A 248 -23.48 6.92 -3.94
CA VAL A 248 -23.44 6.62 -2.51
C VAL A 248 -22.06 6.17 -2.07
N ARG A 249 -21.18 5.82 -3.00
CA ARG A 249 -19.78 5.57 -2.66
C ARG A 249 -19.16 6.75 -1.91
N ALA A 250 -19.50 7.96 -2.32
CA ALA A 250 -18.91 9.16 -1.74
C ALA A 250 -19.70 9.71 -0.56
N LEU A 251 -21.03 9.57 -0.59
CA LEU A 251 -21.87 10.16 0.44
C LEU A 251 -21.63 9.46 1.78
N ARG A 252 -21.13 10.21 2.76
CA ARG A 252 -21.08 9.76 4.14
C ARG A 252 -22.07 10.56 4.98
N ALA A 253 -22.64 9.88 5.98
CA ALA A 253 -23.54 10.50 6.94
C ALA A 253 -22.88 10.56 8.31
N ARG A 254 -22.95 11.73 8.95
CA ARG A 254 -22.57 11.87 10.34
C ARG A 254 -23.52 12.83 11.02
N THR A 255 -23.42 12.88 12.35
CA THR A 255 -24.27 13.70 13.19
C THR A 255 -23.46 14.85 13.76
N VAL A 256 -24.06 16.04 13.77
CA VAL A 256 -23.51 17.21 14.42
C VAL A 256 -24.35 17.46 15.67
N PRO A 257 -23.79 17.93 16.78
CA PRO A 257 -24.62 18.22 17.95
C PRO A 257 -25.20 19.63 17.90
N ALA A 258 -26.12 19.89 18.83
CA ALA A 258 -26.70 21.21 18.98
C ALA A 258 -25.63 22.20 19.42
N GLY A 259 -25.74 23.43 18.93
CA GLY A 259 -24.84 24.50 19.30
C GLY A 259 -23.59 24.60 18.43
N ALA A 260 -23.23 23.53 17.72
CA ALA A 260 -22.06 23.54 16.89
C ALA A 260 -22.30 24.36 15.62
N VAL A 261 -21.20 24.73 14.96
CA VAL A 261 -21.23 25.45 13.69
C VAL A 261 -21.25 24.41 12.58
N ILE A 262 -21.89 24.75 11.46
CA ILE A 262 -22.00 23.87 10.31
C ILE A 262 -21.16 24.38 9.15
N CYS A 263 -21.44 25.60 8.67
CA CYS A 263 -20.55 26.28 7.72
C CYS A 263 -20.54 27.75 8.07
N ARG A 264 -19.34 28.30 8.24
CA ARG A 264 -19.18 29.68 8.66
C ARG A 264 -19.18 30.61 7.45
N ILE A 265 -19.80 31.78 7.63
CA ILE A 265 -19.95 32.73 6.52
C ILE A 265 -18.58 33.21 6.06
N GLY A 266 -18.42 33.32 4.74
CA GLY A 266 -17.23 33.88 4.14
C GLY A 266 -16.13 32.88 3.87
N GLU A 267 -16.18 31.71 4.50
CA GLU A 267 -15.20 30.69 4.19
C GLU A 267 -15.45 30.16 2.78
N PRO A 268 -14.42 29.60 2.12
CA PRO A 268 -14.59 29.25 0.70
C PRO A 268 -15.60 28.13 0.52
N GLY A 269 -16.61 28.39 -0.31
CA GLY A 269 -17.64 27.41 -0.57
C GLY A 269 -17.04 26.18 -1.22
N ASP A 270 -16.95 25.09 -0.47
CA ASP A 270 -16.29 23.86 -0.92
C ASP A 270 -17.17 22.63 -0.81
N ARG A 271 -18.41 22.74 -0.33
CA ARG A 271 -19.22 21.56 -0.10
C ARG A 271 -20.67 21.98 0.13
N MET A 272 -21.57 21.04 -0.14
CA MET A 272 -22.99 21.21 0.14
C MET A 272 -23.50 19.99 0.87
N PHE A 273 -24.54 20.19 1.68
CA PHE A 273 -25.07 19.18 2.59
C PHE A 273 -26.53 18.89 2.27
N PHE A 274 -26.99 17.72 2.71
CA PHE A 274 -28.41 17.35 2.68
C PHE A 274 -28.87 17.12 4.11
N VAL A 275 -29.72 18.03 4.60
CA VAL A 275 -30.40 17.82 5.88
C VAL A 275 -31.47 16.75 5.68
N VAL A 276 -31.56 15.83 6.64
CA VAL A 276 -32.63 14.84 6.65
C VAL A 276 -33.37 14.78 7.98
N GLU A 277 -32.79 15.23 9.09
CA GLU A 277 -33.49 15.23 10.36
C GLU A 277 -32.78 16.16 11.32
N GLY A 278 -33.54 17.05 11.96
CA GLY A 278 -33.03 18.03 12.89
C GLY A 278 -33.42 19.44 12.48
N SER A 279 -32.65 20.42 12.93
CA SER A 279 -32.90 21.80 12.56
C SER A 279 -31.58 22.56 12.59
N VAL A 280 -31.55 23.67 11.86
CA VAL A 280 -30.33 24.44 11.62
C VAL A 280 -30.51 25.86 12.13
N SER A 281 -29.45 26.67 12.02
CA SER A 281 -29.55 28.12 12.23
C SER A 281 -28.88 28.78 11.02
N VAL A 282 -29.65 28.97 9.96
CA VAL A 282 -29.15 29.66 8.78
C VAL A 282 -29.11 31.13 9.15
N ALA A 283 -27.93 31.62 9.52
CA ALA A 283 -27.83 32.93 10.15
C ALA A 283 -28.11 34.04 9.15
N THR A 284 -29.31 34.58 9.20
CA THR A 284 -29.78 35.65 8.34
C THR A 284 -30.63 36.59 9.18
N PRO A 285 -31.05 37.73 8.64
CA PRO A 285 -31.96 38.60 9.42
C PRO A 285 -33.25 37.90 9.79
N ASN A 286 -33.85 37.17 8.85
CA ASN A 286 -34.91 36.22 9.13
C ASN A 286 -34.32 34.82 9.02
N PRO A 287 -33.95 34.16 10.13
CA PRO A 287 -33.31 32.84 10.02
C PRO A 287 -34.21 31.83 9.32
N VAL A 288 -33.73 31.33 8.19
CA VAL A 288 -34.49 30.32 7.41
C VAL A 288 -34.16 28.99 8.05
N GLU A 289 -34.91 28.68 9.12
CA GLU A 289 -34.65 27.51 9.95
C GLU A 289 -35.24 26.28 9.25
N LEU A 290 -34.40 25.55 8.54
CA LEU A 290 -34.84 24.42 7.74
C LEU A 290 -34.74 23.14 8.54
N GLY A 291 -35.73 22.26 8.36
CA GLY A 291 -35.90 21.10 9.19
C GLY A 291 -35.53 19.81 8.48
N PRO A 292 -36.15 18.69 8.87
CA PRO A 292 -35.86 17.40 8.21
C PRO A 292 -36.11 17.44 6.72
N GLY A 293 -35.06 17.12 5.94
CA GLY A 293 -35.20 16.97 4.50
C GLY A 293 -34.90 18.24 3.73
N ALA A 294 -33.73 18.82 3.96
CA ALA A 294 -33.33 20.07 3.30
C ALA A 294 -31.86 20.00 2.88
N PHE A 295 -31.37 21.07 2.25
CA PHE A 295 -30.02 21.09 1.70
C PHE A 295 -29.56 22.54 1.56
N PHE A 296 -28.26 22.70 1.32
CA PHE A 296 -27.70 24.03 1.11
C PHE A 296 -26.25 23.91 0.62
N GLY A 297 -25.88 24.84 -0.26
CA GLY A 297 -24.52 24.96 -0.76
C GLY A 297 -24.46 25.23 -2.24
N GLU A 298 -25.52 24.83 -2.96
CA GLU A 298 -25.65 25.14 -4.39
C GLU A 298 -25.49 26.63 -4.67
N MET A 299 -25.88 27.49 -3.72
CA MET A 299 -25.63 28.91 -3.86
C MET A 299 -24.14 29.21 -4.01
N ALA A 300 -23.29 28.45 -3.31
CA ALA A 300 -21.86 28.67 -3.32
C ALA A 300 -21.13 27.84 -4.37
N LEU A 301 -21.77 26.82 -4.93
CA LEU A 301 -21.10 25.91 -5.87
C LEU A 301 -21.39 26.29 -7.31
N ILE A 302 -22.64 26.58 -7.64
CA ILE A 302 -22.97 27.01 -9.00
C ILE A 302 -22.26 28.32 -9.32
N SER A 303 -22.04 29.15 -8.31
CA SER A 303 -21.28 30.39 -8.45
C SER A 303 -19.82 30.24 -8.08
N GLY A 304 -19.48 29.22 -7.27
CA GLY A 304 -18.11 29.04 -6.83
C GLY A 304 -17.65 30.17 -5.94
N GLU A 305 -18.44 30.47 -4.91
CA GLU A 305 -18.27 31.64 -4.06
C GLU A 305 -18.14 31.22 -2.61
N PRO A 306 -17.82 32.18 -1.71
CA PRO A 306 -17.88 31.86 -0.28
C PRO A 306 -19.30 31.63 0.21
N ARG A 307 -19.44 31.40 1.51
CA ARG A 307 -20.73 31.04 2.08
C ARG A 307 -21.68 32.23 2.10
N SER A 308 -22.96 31.93 1.97
CA SER A 308 -24.02 32.93 2.03
C SER A 308 -24.66 33.05 3.41
N ALA A 309 -24.23 32.24 4.38
CA ALA A 309 -24.85 32.27 5.69
C ALA A 309 -24.01 31.45 6.67
N THR A 310 -23.88 31.96 7.90
CA THR A 310 -23.26 31.21 8.98
C THR A 310 -24.27 30.19 9.47
N VAL A 311 -24.32 29.06 8.78
CA VAL A 311 -25.19 27.96 9.20
C VAL A 311 -24.53 27.28 10.39
N SER A 312 -25.26 27.18 11.50
CA SER A 312 -24.81 26.49 12.69
C SER A 312 -25.90 25.56 13.18
N ALA A 313 -25.48 24.51 13.89
CA ALA A 313 -26.40 23.48 14.35
C ALA A 313 -27.31 24.02 15.44
N ALA A 314 -28.54 24.39 15.07
CA ALA A 314 -29.51 24.77 16.07
C ALA A 314 -29.85 23.60 16.98
N THR A 315 -29.85 22.39 16.45
CA THR A 315 -30.11 21.18 17.21
C THR A 315 -29.15 20.10 16.72
N THR A 316 -29.29 18.90 17.28
CA THR A 316 -28.53 17.75 16.82
C THR A 316 -29.10 17.29 15.48
N VAL A 317 -28.32 17.41 14.41
CA VAL A 317 -28.77 17.12 13.05
C VAL A 317 -28.02 15.89 12.55
N SER A 318 -28.77 14.97 11.95
CA SER A 318 -28.17 13.83 11.24
C SER A 318 -27.80 14.32 9.85
N LEU A 319 -26.51 14.58 9.64
CA LEU A 319 -26.04 15.27 8.46
C LEU A 319 -25.62 14.30 7.36
N LEU A 320 -25.78 14.76 6.13
CA LEU A 320 -25.12 14.22 4.95
C LEU A 320 -24.16 15.28 4.42
N SER A 321 -23.43 14.92 3.36
CA SER A 321 -22.47 15.88 2.80
C SER A 321 -22.09 15.46 1.40
N LEU A 322 -21.57 16.44 0.65
CA LEU A 322 -21.23 16.22 -0.75
C LEU A 322 -20.36 17.35 -1.29
N HIS A 323 -19.22 17.02 -1.89
CA HIS A 323 -18.41 18.00 -2.58
C HIS A 323 -18.90 18.20 -4.03
N SER A 324 -18.31 19.20 -4.70
CA SER A 324 -18.83 19.73 -5.96
C SER A 324 -18.86 18.69 -7.07
N ALA A 325 -17.70 18.20 -7.49
CA ALA A 325 -17.51 17.21 -8.54
C ALA A 325 -18.61 16.15 -8.62
N ASP A 326 -18.92 15.54 -7.49
CA ASP A 326 -19.99 14.56 -7.44
C ASP A 326 -21.37 15.19 -7.55
N PHE A 327 -21.47 16.50 -7.30
CA PHE A 327 -22.69 17.27 -7.55
C PHE A 327 -22.65 17.89 -8.94
N GLN A 328 -21.48 18.40 -9.34
CA GLN A 328 -21.21 18.64 -10.76
C GLN A 328 -21.46 17.38 -11.56
N MET A 329 -21.14 16.21 -11.00
CA MET A 329 -21.51 14.95 -11.63
C MET A 329 -23.02 14.86 -11.75
N LEU A 330 -23.74 15.26 -10.70
CA LEU A 330 -25.19 15.26 -10.74
C LEU A 330 -25.71 16.33 -11.69
N CYS A 331 -25.14 17.53 -11.63
CA CYS A 331 -25.52 18.58 -12.57
C CYS A 331 -25.19 18.18 -13.99
N SER A 332 -24.12 17.40 -14.18
CA SER A 332 -23.82 16.84 -15.49
C SER A 332 -24.72 15.63 -15.80
N SER A 333 -25.20 14.95 -14.76
CA SER A 333 -25.94 13.71 -14.97
C SER A 333 -27.32 13.93 -15.59
N SER A 334 -28.02 15.00 -15.23
CA SER A 334 -29.40 15.20 -15.70
C SER A 334 -29.77 16.67 -15.73
N PRO A 335 -30.25 17.22 -16.86
CA PRO A 335 -30.78 18.59 -16.82
C PRO A 335 -32.07 18.74 -16.03
N GLU A 336 -32.79 17.65 -15.77
CA GLU A 336 -34.05 17.73 -15.05
C GLU A 336 -33.87 18.28 -13.64
N ILE A 337 -32.69 18.06 -13.05
CA ILE A 337 -32.47 18.39 -11.65
C ILE A 337 -31.94 19.82 -11.48
N ALA A 338 -31.13 20.31 -12.43
CA ALA A 338 -30.60 21.65 -12.33
C ALA A 338 -31.69 22.72 -12.41
N GLU A 339 -32.85 22.38 -12.96
CA GLU A 339 -33.96 23.33 -13.03
C GLU A 339 -34.35 23.80 -11.63
N ILE A 340 -34.55 22.85 -10.72
CA ILE A 340 -34.95 23.20 -9.36
C ILE A 340 -33.82 23.92 -8.64
N PHE A 341 -32.58 23.43 -8.79
CA PHE A 341 -31.44 24.06 -8.13
C PHE A 341 -31.06 25.38 -8.79
N ARG A 342 -31.62 25.68 -9.97
CA ARG A 342 -31.55 27.04 -10.49
C ARG A 342 -32.55 27.93 -9.78
N LYS A 343 -33.81 27.49 -9.68
CA LYS A 343 -34.80 28.23 -8.92
C LYS A 343 -34.37 28.38 -7.47
N THR A 344 -33.82 27.31 -6.90
CA THR A 344 -33.36 27.36 -5.51
C THR A 344 -32.25 28.40 -5.33
N ALA A 345 -31.40 28.57 -6.35
CA ALA A 345 -30.38 29.60 -6.32
C ALA A 345 -30.94 30.99 -6.58
N LEU A 346 -32.26 31.13 -6.77
CA LEU A 346 -32.94 32.41 -6.83
C LEU A 346 -33.93 32.58 -5.68
N GLU A 347 -34.61 31.51 -5.28
CA GLU A 347 -35.51 31.57 -4.14
C GLU A 347 -34.73 31.88 -2.87
N ARG A 348 -33.67 31.11 -2.60
CA ARG A 348 -32.90 31.28 -1.37
C ARG A 348 -32.15 32.60 -1.30
N ARG A 349 -31.94 33.28 -2.43
CA ARG A 349 -31.34 34.60 -2.40
C ARG A 349 -32.29 35.61 -1.75
N GLY A 350 -33.56 35.57 -2.14
CA GLY A 350 -34.57 36.43 -1.56
C GLY A 350 -35.16 35.86 -0.30
N ALA A 351 -35.29 34.53 -0.25
CA ALA A 351 -35.85 33.87 0.92
C ALA A 351 -34.91 33.89 2.12
N ALA A 352 -33.61 34.15 1.92
CA ALA A 352 -32.68 34.20 3.05
C ALA A 352 -32.95 35.42 3.91
N ALA A 353 -32.94 36.61 3.32
CA ALA A 353 -33.23 37.82 4.08
C ALA A 353 -34.70 37.88 4.48
N SER A 354 -35.59 37.54 3.56
CA SER A 354 -37.02 37.49 3.85
C SER A 354 -37.35 36.16 4.53
N ALA A 355 -38.64 35.86 4.65
CA ALA A 355 -39.10 34.60 5.22
C ALA A 355 -39.27 33.55 4.13
N MET B 1 -15.63 -10.45 3.75
CA MET B 1 -16.79 -10.06 4.59
C MET B 1 -18.13 -10.73 4.23
N SER B 2 -18.14 -11.63 3.22
CA SER B 2 -19.40 -12.07 2.61
C SER B 2 -19.41 -13.56 2.33
N VAL B 3 -18.62 -14.35 3.07
CA VAL B 3 -18.40 -15.75 2.70
C VAL B 3 -18.34 -16.58 3.99
N LEU B 4 -18.74 -17.84 3.87
CA LEU B 4 -18.72 -18.82 4.96
C LEU B 4 -17.69 -19.91 4.64
N PRO B 5 -16.40 -19.65 4.86
CA PRO B 5 -15.37 -20.65 4.58
C PRO B 5 -15.27 -21.67 5.70
N PHE B 6 -15.58 -22.93 5.39
CA PHE B 6 -15.61 -23.98 6.41
C PHE B 6 -15.18 -25.28 5.75
N LEU B 7 -15.25 -26.36 6.53
CA LEU B 7 -14.70 -27.66 6.17
C LEU B 7 -13.20 -27.55 5.91
N ARG B 8 -12.48 -27.25 7.00
CA ARG B 8 -11.06 -27.54 7.19
C ARG B 8 -10.20 -27.28 5.95
N ILE B 9 -10.13 -26.02 5.52
CA ILE B 9 -9.32 -25.65 4.35
C ILE B 9 -7.90 -26.17 4.46
N TYR B 10 -7.39 -26.30 5.69
CA TYR B 10 -6.13 -26.98 5.99
C TYR B 10 -6.40 -28.46 6.27
N ALA B 11 -7.06 -29.12 5.31
CA ALA B 11 -7.61 -30.46 5.52
C ALA B 11 -6.56 -31.57 5.57
N PRO B 12 -5.77 -31.78 4.50
CA PRO B 12 -5.06 -33.06 4.36
C PRO B 12 -3.99 -33.24 5.43
N LEU B 13 -3.99 -34.43 6.04
CA LEU B 13 -2.98 -34.77 7.04
C LEU B 13 -1.58 -34.82 6.45
N ASN B 14 -1.45 -34.90 5.12
CA ASN B 14 -0.15 -34.77 4.49
C ASN B 14 0.49 -33.44 4.87
N ALA B 15 -0.32 -32.39 4.98
CA ALA B 15 0.17 -31.09 5.40
C ALA B 15 0.30 -31.00 6.91
N VAL B 16 -0.57 -31.68 7.65
CA VAL B 16 -0.65 -31.48 9.09
C VAL B 16 0.62 -31.96 9.79
N LEU B 17 1.30 -32.94 9.23
CA LEU B 17 2.35 -33.64 9.96
C LEU B 17 3.72 -33.01 9.78
N ALA B 18 3.87 -32.08 8.84
CA ALA B 18 5.15 -31.38 8.71
C ALA B 18 5.44 -30.55 9.94
N ALA B 19 4.43 -29.85 10.47
CA ALA B 19 4.64 -28.97 11.62
C ALA B 19 5.14 -29.74 12.83
N PRO B 20 4.42 -30.72 13.38
CA PRO B 20 4.96 -31.46 14.52
C PRO B 20 6.18 -32.28 14.14
N GLY B 21 6.30 -32.65 12.87
CA GLY B 21 7.41 -33.49 12.46
C GLY B 21 8.75 -32.80 12.60
N LEU B 22 8.79 -31.51 12.32
CA LEU B 22 10.05 -30.78 12.34
C LEU B 22 10.38 -30.26 13.73
N LEU B 23 9.39 -30.16 14.61
CA LEU B 23 9.68 -29.82 15.99
C LEU B 23 10.31 -30.98 16.74
N ALA B 24 10.24 -32.19 16.18
CA ALA B 24 11.02 -33.30 16.70
C ALA B 24 12.52 -33.06 16.58
N VAL B 25 12.93 -32.12 15.73
CA VAL B 25 14.33 -31.97 15.40
C VAL B 25 15.11 -31.45 16.60
N ALA B 26 14.59 -30.40 17.24
CA ALA B 26 15.42 -29.53 18.06
C ALA B 26 15.98 -30.24 19.29
N ALA B 27 15.20 -31.16 19.87
CA ALA B 27 15.66 -31.83 21.09
C ALA B 27 16.94 -32.61 20.86
N LEU B 28 17.11 -33.15 19.65
CA LEU B 28 18.37 -33.79 19.29
C LEU B 28 19.51 -32.79 19.21
N THR B 29 19.21 -31.50 19.06
CA THR B 29 20.20 -30.49 18.76
C THR B 29 20.85 -29.91 20.01
N ILE B 30 20.62 -30.52 21.16
CA ILE B 30 20.83 -29.87 22.45
C ILE B 30 21.71 -30.78 23.31
N PRO B 31 22.78 -30.29 23.94
CA PRO B 31 23.54 -31.14 24.86
C PRO B 31 22.77 -31.43 26.14
N ASP B 32 23.32 -32.38 26.90
CA ASP B 32 22.82 -32.72 28.23
C ASP B 32 21.37 -33.18 28.21
N MET B 33 20.94 -33.77 27.09
CA MET B 33 19.57 -34.23 26.91
C MET B 33 19.52 -35.73 27.17
N SER B 34 18.49 -36.14 27.91
CA SER B 34 18.36 -37.55 28.24
C SER B 34 18.01 -38.36 27.01
N GLY B 35 18.57 -39.57 26.93
CA GLY B 35 18.33 -40.45 25.81
C GLY B 35 16.91 -40.98 25.70
N ARG B 36 16.08 -40.75 26.72
CA ARG B 36 14.74 -41.31 26.76
C ARG B 36 13.88 -40.78 25.61
N SER B 37 13.58 -39.49 25.63
CA SER B 37 12.82 -38.88 24.55
C SER B 37 13.68 -38.54 23.35
N ARG B 38 15.01 -38.65 23.49
CA ARG B 38 15.92 -38.37 22.39
C ARG B 38 15.57 -39.17 21.15
N LEU B 39 15.30 -40.46 21.33
CA LEU B 39 14.90 -41.33 20.24
C LEU B 39 13.40 -41.48 20.14
N ALA B 40 12.65 -41.11 21.17
CA ALA B 40 11.20 -41.23 21.11
C ALA B 40 10.64 -40.37 19.99
N LEU B 41 11.25 -39.21 19.76
CA LEU B 41 10.84 -38.35 18.66
C LEU B 41 11.33 -38.88 17.34
N ALA B 42 12.43 -39.63 17.34
CA ALA B 42 12.88 -40.27 16.10
C ALA B 42 11.86 -41.28 15.60
N ALA B 43 11.08 -41.86 16.52
CA ALA B 43 9.96 -42.68 16.11
C ALA B 43 8.97 -41.86 15.30
N LEU B 44 8.55 -40.72 15.85
CA LEU B 44 7.59 -39.87 15.18
C LEU B 44 8.06 -39.47 13.79
N LEU B 45 9.36 -39.32 13.61
CA LEU B 45 9.90 -39.20 12.27
C LEU B 45 9.64 -40.47 11.49
N ALA B 46 9.93 -41.62 12.09
CA ALA B 46 9.65 -42.88 11.43
C ALA B 46 8.16 -43.05 11.20
N VAL B 47 7.33 -42.48 12.08
CA VAL B 47 5.90 -42.50 11.86
C VAL B 47 5.57 -41.69 10.63
N ILE B 48 6.02 -40.43 10.60
CA ILE B 48 5.77 -39.57 9.45
C ILE B 48 6.42 -40.16 8.21
N TRP B 49 7.59 -40.77 8.38
CA TRP B 49 8.17 -41.54 7.31
C TRP B 49 7.21 -42.64 6.87
N GLY B 50 6.88 -43.54 7.80
CA GLY B 50 5.97 -44.62 7.49
C GLY B 50 4.60 -44.13 7.06
N ALA B 51 4.19 -42.97 7.55
CA ALA B 51 2.84 -42.48 7.27
C ALA B 51 2.72 -42.04 5.82
N TYR B 52 3.59 -41.13 5.39
CA TYR B 52 3.60 -40.76 3.99
C TYR B 52 3.98 -41.96 3.14
N LEU B 53 4.92 -42.76 3.63
CA LEU B 53 5.32 -43.98 2.93
C LEU B 53 4.14 -44.93 2.80
N LEU B 54 3.30 -45.02 3.83
CA LEU B 54 2.04 -45.73 3.68
C LEU B 54 1.16 -45.03 2.65
N GLN B 55 1.09 -43.70 2.74
CA GLN B 55 0.34 -42.94 1.75
C GLN B 55 1.01 -42.98 0.38
N LEU B 56 2.32 -43.22 0.36
CA LEU B 56 3.11 -43.05 -0.85
C LEU B 56 2.60 -43.96 -1.96
N ALA B 57 2.61 -45.28 -1.72
CA ALA B 57 2.27 -46.23 -2.76
C ALA B 57 0.85 -46.02 -3.29
N ALA B 58 -0.06 -45.59 -2.41
CA ALA B 58 -1.40 -45.26 -2.87
C ALA B 58 -1.36 -44.13 -3.89
N THR B 59 -0.42 -43.20 -3.71
CA THR B 59 -0.23 -42.16 -4.71
C THR B 59 0.46 -42.72 -5.95
N LEU B 60 1.43 -43.61 -5.77
CA LEU B 60 2.07 -44.24 -6.91
C LEU B 60 1.12 -45.17 -7.64
N LEU B 61 0.02 -45.57 -7.00
CA LEU B 61 -1.13 -46.13 -7.70
C LEU B 61 -1.81 -44.97 -8.39
N LYS B 62 -1.23 -44.56 -9.53
CA LYS B 62 -1.79 -43.52 -10.37
C LYS B 62 -2.52 -44.09 -11.57
N ARG B 63 -3.17 -45.24 -11.39
CA ARG B 63 -4.15 -45.73 -12.34
C ARG B 63 -5.55 -45.21 -12.05
N ARG B 64 -5.70 -44.39 -11.01
CA ARG B 64 -6.93 -43.66 -10.78
C ARG B 64 -6.94 -42.38 -11.61
N ALA B 65 -8.03 -42.16 -12.35
CA ALA B 65 -8.18 -40.99 -13.21
C ALA B 65 -7.04 -40.89 -14.22
N GLY B 66 -6.54 -42.04 -14.67
CA GLY B 66 -5.40 -42.07 -15.58
C GLY B 66 -5.77 -41.90 -17.03
N VAL B 67 -6.08 -40.67 -17.43
CA VAL B 67 -6.37 -40.31 -18.82
C VAL B 67 -5.30 -39.33 -19.37
N VAL B 68 -5.21 -38.13 -18.77
CA VAL B 68 -4.16 -37.16 -19.07
C VAL B 68 -3.95 -36.35 -17.79
N ARG B 69 -2.72 -36.32 -17.27
CA ARG B 69 -2.43 -35.63 -16.02
C ARG B 69 -1.00 -35.11 -16.03
N ASP B 70 -0.78 -34.06 -15.24
CA ASP B 70 0.51 -33.38 -15.12
C ASP B 70 0.88 -33.35 -13.64
N ARG B 71 1.47 -34.45 -13.16
CA ARG B 71 1.71 -34.67 -11.73
C ARG B 71 3.19 -34.71 -11.41
N THR B 72 4.04 -34.22 -12.31
CA THR B 72 5.39 -33.86 -11.92
C THR B 72 5.43 -33.00 -10.66
N PRO B 73 4.52 -32.05 -10.45
CA PRO B 73 4.56 -31.32 -9.16
C PRO B 73 4.26 -32.19 -7.96
N LYS B 74 3.12 -32.87 -7.96
CA LYS B 74 2.66 -33.55 -6.75
C LYS B 74 3.53 -34.74 -6.39
N ILE B 75 4.32 -35.24 -7.32
CA ILE B 75 5.16 -36.40 -7.08
C ILE B 75 6.58 -35.99 -6.71
N ALA B 76 6.98 -34.76 -7.02
CA ALA B 76 8.38 -34.34 -6.92
C ALA B 76 8.95 -34.46 -5.50
N ILE B 77 8.09 -34.54 -4.49
CA ILE B 77 8.52 -34.53 -3.10
C ILE B 77 8.27 -35.88 -2.44
N ASP B 78 7.13 -36.49 -2.78
CA ASP B 78 6.75 -37.78 -2.23
C ASP B 78 7.84 -38.81 -2.46
N VAL B 79 8.47 -38.74 -3.62
CA VAL B 79 9.61 -39.60 -3.92
C VAL B 79 10.71 -39.36 -2.90
N LEU B 80 11.17 -38.12 -2.82
CA LEU B 80 12.21 -37.77 -1.87
C LEU B 80 11.73 -37.71 -0.45
N ALA B 81 10.41 -37.76 -0.22
CA ALA B 81 9.88 -37.73 1.13
C ALA B 81 10.39 -38.90 1.97
N VAL B 82 10.70 -40.01 1.33
CA VAL B 82 11.13 -41.23 2.02
C VAL B 82 12.55 -41.63 1.65
N LEU B 83 13.02 -41.28 0.46
CA LEU B 83 14.34 -41.71 0.03
C LEU B 83 15.44 -40.97 0.80
N VAL B 84 15.26 -39.68 0.98
CA VAL B 84 16.31 -38.83 1.52
C VAL B 84 16.56 -39.18 2.98
N PRO B 85 15.53 -39.37 3.82
CA PRO B 85 15.80 -39.92 5.14
C PRO B 85 16.49 -41.26 5.10
N LEU B 86 16.20 -42.07 4.08
CA LEU B 86 16.68 -43.44 4.06
C LEU B 86 18.18 -43.48 3.80
N ALA B 87 18.62 -42.86 2.71
CA ALA B 87 20.05 -42.78 2.44
C ALA B 87 20.76 -42.00 3.54
N ALA B 88 20.07 -41.03 4.12
CA ALA B 88 20.62 -40.31 5.26
C ALA B 88 20.77 -41.22 6.46
N PHE B 89 19.87 -42.20 6.60
CA PHE B 89 19.87 -43.03 7.79
C PHE B 89 21.12 -43.87 7.92
N LEU B 90 21.75 -44.25 6.80
CA LEU B 90 22.87 -45.18 6.80
C LEU B 90 24.21 -44.48 6.60
N LEU B 91 24.33 -43.68 5.54
CA LEU B 91 25.62 -43.06 5.24
C LEU B 91 26.05 -42.11 6.35
N ASP B 92 25.12 -41.29 6.84
CA ASP B 92 25.41 -40.36 7.93
C ASP B 92 25.07 -41.05 9.24
N GLY B 93 26.01 -41.88 9.70
CA GLY B 93 25.77 -42.66 10.90
C GLY B 93 25.61 -41.82 12.15
N SER B 94 26.37 -40.73 12.23
CA SER B 94 26.25 -39.79 13.33
C SER B 94 24.84 -39.17 13.32
N PRO B 95 24.41 -38.53 14.42
CA PRO B 95 23.05 -37.98 14.47
C PRO B 95 22.73 -36.94 13.40
N ASP B 96 23.74 -36.46 12.69
CA ASP B 96 23.56 -35.48 11.62
C ASP B 96 22.56 -35.90 10.55
N TRP B 97 22.21 -37.19 10.45
CA TRP B 97 21.21 -37.63 9.49
C TRP B 97 19.90 -36.89 9.68
N SER B 98 19.59 -36.49 10.91
CA SER B 98 18.40 -35.70 11.18
C SER B 98 18.42 -34.38 10.43
N LEU B 99 19.59 -33.89 10.04
CA LEU B 99 19.68 -32.63 9.33
C LEU B 99 19.03 -32.67 7.94
N TYR B 100 18.59 -33.84 7.48
CA TYR B 100 17.78 -33.96 6.29
C TYR B 100 16.30 -33.81 6.58
N CYS B 101 15.96 -33.14 7.68
CA CYS B 101 14.61 -32.63 7.87
C CYS B 101 14.39 -31.29 7.20
N ALA B 102 15.28 -30.89 6.28
CA ALA B 102 14.98 -29.82 5.34
C ALA B 102 14.12 -30.30 4.19
N VAL B 103 13.60 -31.52 4.26
CA VAL B 103 12.98 -32.17 3.13
C VAL B 103 11.47 -32.04 3.18
N TRP B 104 10.91 -32.27 4.37
CA TRP B 104 9.45 -32.18 4.53
C TRP B 104 8.94 -30.76 4.33
N LEU B 105 9.82 -29.76 4.37
CA LEU B 105 9.39 -28.37 4.24
C LEU B 105 8.66 -28.10 2.92
N LEU B 106 8.84 -28.93 1.90
CA LEU B 106 8.09 -28.80 0.66
C LEU B 106 6.73 -29.49 0.73
N LYS B 107 6.55 -30.42 1.67
CA LYS B 107 5.28 -31.13 1.78
C LYS B 107 4.11 -30.20 2.03
N PRO B 108 4.23 -29.15 2.85
CA PRO B 108 3.21 -28.09 2.78
C PRO B 108 3.09 -27.55 1.38
N LEU B 109 4.23 -27.20 0.77
CA LEU B 109 4.21 -26.67 -0.58
C LEU B 109 3.80 -27.70 -1.61
N ARG B 110 3.79 -28.99 -1.25
CA ARG B 110 3.22 -29.98 -2.14
C ARG B 110 1.75 -29.64 -2.38
N ASP B 111 0.93 -29.83 -1.36
CA ASP B 111 -0.48 -29.44 -1.42
C ASP B 111 -0.67 -28.06 -0.81
N SER B 112 0.06 -27.10 -1.37
CA SER B 112 -0.22 -25.69 -1.16
C SER B 112 -0.76 -25.15 -2.47
N THR B 113 -2.06 -25.30 -2.67
CA THR B 113 -2.75 -24.33 -3.49
C THR B 113 -2.55 -22.96 -2.85
N PHE B 114 -2.59 -21.92 -3.68
CA PHE B 114 -2.17 -20.55 -3.42
C PHE B 114 -0.64 -20.37 -3.57
N PHE B 115 0.15 -21.45 -3.65
CA PHE B 115 1.56 -21.28 -3.96
C PHE B 115 1.80 -21.20 -5.47
N PRO B 116 1.14 -22.00 -6.31
CA PRO B 116 1.22 -21.74 -7.76
C PRO B 116 0.63 -20.41 -8.13
N VAL B 117 -0.38 -19.95 -7.38
CA VAL B 117 -0.94 -18.63 -7.60
C VAL B 117 0.13 -17.58 -7.42
N LEU B 118 1.02 -17.78 -6.45
CA LEU B 118 2.16 -16.88 -6.29
C LEU B 118 3.06 -16.94 -7.51
N GLY B 119 3.60 -18.12 -7.80
CA GLY B 119 4.58 -18.25 -8.86
C GLY B 119 4.07 -17.89 -10.24
N ARG B 120 2.76 -17.78 -10.41
CA ARG B 120 2.22 -17.41 -11.72
C ARG B 120 2.59 -15.98 -12.09
N VAL B 121 2.41 -15.05 -11.15
CA VAL B 121 2.56 -13.63 -11.48
C VAL B 121 4.02 -13.20 -11.53
N LEU B 122 4.90 -13.90 -10.80
CA LEU B 122 6.33 -13.56 -10.87
C LEU B 122 6.87 -13.68 -12.28
N ALA B 123 6.27 -14.54 -13.10
CA ALA B 123 6.66 -14.69 -14.50
C ALA B 123 5.98 -13.69 -15.43
N ASN B 124 5.53 -12.54 -14.90
CA ASN B 124 5.11 -11.42 -15.74
C ASN B 124 5.76 -10.12 -15.30
N GLU B 125 6.01 -9.98 -13.99
CA GLU B 125 6.43 -8.71 -13.40
C GLU B 125 7.89 -8.69 -12.97
N ALA B 126 8.62 -9.80 -13.10
CA ALA B 126 10.02 -9.82 -12.71
C ALA B 126 10.89 -8.91 -13.57
N ARG B 127 10.39 -8.52 -14.74
CA ARG B 127 11.03 -7.47 -15.52
C ARG B 127 11.33 -6.26 -14.67
N ASN B 128 10.31 -5.74 -13.99
CA ASN B 128 10.49 -4.67 -13.02
C ASN B 128 11.46 -5.08 -11.92
N LEU B 129 11.26 -6.25 -11.31
CA LEU B 129 12.02 -6.64 -10.12
C LEU B 129 13.51 -6.63 -10.38
N ILE B 130 13.92 -7.04 -11.57
CA ILE B 130 15.34 -7.05 -11.89
C ILE B 130 15.85 -5.63 -12.01
N GLY B 131 15.16 -4.79 -12.78
CA GLY B 131 15.57 -3.41 -12.90
C GLY B 131 15.58 -2.70 -11.58
N VAL B 132 14.70 -3.12 -10.66
CA VAL B 132 14.74 -2.60 -9.30
C VAL B 132 15.88 -3.26 -8.52
N THR B 133 16.08 -4.56 -8.72
CA THR B 133 17.15 -5.26 -8.03
C THR B 133 18.50 -4.73 -8.44
N THR B 134 18.70 -4.54 -9.75
CA THR B 134 19.86 -3.79 -10.23
C THR B 134 19.93 -2.44 -9.54
N LEU B 135 18.86 -1.66 -9.65
CA LEU B 135 18.79 -0.34 -9.05
C LEU B 135 19.04 -0.41 -7.55
N PHE B 136 18.60 -1.48 -6.89
CA PHE B 136 18.98 -1.68 -5.51
C PHE B 136 20.47 -1.88 -5.38
N GLY B 137 21.07 -2.64 -6.30
CA GLY B 137 22.51 -2.79 -6.29
C GLY B 137 23.24 -1.52 -6.63
N VAL B 138 22.64 -0.69 -7.48
CA VAL B 138 23.19 0.64 -7.72
C VAL B 138 23.28 1.40 -6.42
N VAL B 139 22.13 1.61 -5.78
CA VAL B 139 22.07 2.40 -4.57
C VAL B 139 22.89 1.77 -3.45
N LEU B 140 23.06 0.44 -3.47
CA LEU B 140 23.82 -0.24 -2.44
C LEU B 140 25.26 0.24 -2.43
N PHE B 141 25.98 -0.03 -3.52
CA PHE B 141 27.39 0.29 -3.54
C PHE B 141 27.63 1.76 -3.84
N ALA B 142 26.65 2.43 -4.46
CA ALA B 142 26.71 3.87 -4.61
C ALA B 142 26.85 4.55 -3.26
N VAL B 143 26.22 3.98 -2.24
CA VAL B 143 26.18 4.55 -0.92
C VAL B 143 27.13 3.85 0.04
N ALA B 144 27.31 2.54 -0.14
CA ALA B 144 28.21 1.80 0.72
C ALA B 144 29.63 2.31 0.58
N LEU B 145 30.00 2.76 -0.61
CA LEU B 145 31.38 3.15 -0.85
C LEU B 145 31.75 4.42 -0.11
N ALA B 146 30.81 5.36 0.00
CA ALA B 146 31.12 6.65 0.60
C ALA B 146 31.47 6.54 2.08
N ALA B 147 31.16 5.41 2.72
CA ALA B 147 31.52 5.21 4.12
C ALA B 147 32.98 4.88 4.31
N TYR B 148 33.54 4.01 3.47
CA TYR B 148 34.96 3.70 3.56
C TYR B 148 35.82 4.93 3.33
N VAL B 149 35.27 5.92 2.65
CA VAL B 149 35.98 7.18 2.41
C VAL B 149 36.40 7.84 3.70
N ILE B 150 35.71 7.55 4.82
CA ILE B 150 35.72 8.42 5.97
C ILE B 150 36.37 7.74 7.17
N GLU B 151 35.74 6.67 7.64
CA GLU B 151 36.09 6.09 8.93
C GLU B 151 37.10 4.97 8.81
N ARG B 152 37.68 4.76 7.63
CA ARG B 152 38.76 3.79 7.51
C ARG B 152 39.94 4.17 8.39
N ASP B 153 40.15 5.48 8.60
CA ASP B 153 41.27 5.93 9.39
C ASP B 153 41.10 5.56 10.85
N ILE B 154 40.00 6.00 11.47
CA ILE B 154 39.79 5.84 12.91
C ILE B 154 38.87 4.67 13.24
N GLN B 155 38.32 3.98 12.23
CA GLN B 155 37.64 2.71 12.44
C GLN B 155 38.13 1.69 11.43
N PRO B 156 39.39 1.24 11.54
CA PRO B 156 39.81 0.10 10.71
C PRO B 156 39.05 -1.16 11.04
N GLU B 157 38.91 -1.46 12.33
CA GLU B 157 38.39 -2.76 12.74
C GLU B 157 36.92 -2.93 12.42
N LYS B 158 36.23 -1.85 12.05
CA LYS B 158 34.82 -1.89 11.68
C LYS B 158 34.59 -1.46 10.24
N PHE B 159 35.18 -0.33 9.83
CA PHE B 159 35.05 0.18 8.47
C PHE B 159 36.42 0.31 7.81
N GLY B 160 37.28 -0.69 8.03
CA GLY B 160 38.55 -0.75 7.33
C GLY B 160 38.47 -1.48 6.02
N SER B 161 37.27 -1.64 5.46
CA SER B 161 37.09 -2.32 4.19
C SER B 161 35.72 -1.96 3.65
N ILE B 162 35.47 -2.37 2.41
CA ILE B 162 34.25 -2.07 1.68
C ILE B 162 33.08 -2.93 2.15
N PRO B 163 33.14 -4.26 2.06
CA PRO B 163 31.94 -5.05 2.37
C PRO B 163 31.51 -4.94 3.80
N GLN B 164 32.43 -4.63 4.72
CA GLN B 164 32.04 -4.29 6.08
C GLN B 164 31.13 -3.09 6.11
N ALA B 165 31.25 -2.21 5.13
CA ALA B 165 30.35 -1.08 4.97
C ALA B 165 29.12 -1.42 4.15
N MET B 166 29.26 -2.29 3.14
CA MET B 166 28.10 -2.83 2.46
C MET B 166 27.24 -3.62 3.43
N TRP B 167 27.86 -4.20 4.45
CA TRP B 167 27.11 -4.80 5.55
C TRP B 167 26.25 -3.75 6.25
N TRP B 168 26.87 -2.68 6.70
CA TRP B 168 26.17 -1.54 7.30
C TRP B 168 25.26 -0.82 6.30
N ALA B 169 25.37 -1.11 5.00
CA ALA B 169 24.48 -0.50 4.03
C ALA B 169 23.06 -1.02 4.15
N VAL B 170 22.89 -2.33 3.97
CA VAL B 170 21.56 -2.91 3.91
C VAL B 170 20.93 -2.89 5.29
N VAL B 171 21.74 -3.05 6.32
CA VAL B 171 21.25 -2.89 7.69
C VAL B 171 20.73 -1.48 7.87
N THR B 172 21.42 -0.51 7.28
CA THR B 172 20.99 0.87 7.33
C THR B 172 19.89 1.17 6.33
N LEU B 173 19.83 0.43 5.24
CA LEU B 173 18.89 0.71 4.16
C LEU B 173 17.61 -0.09 4.28
N SER B 174 17.71 -1.34 4.73
CA SER B 174 16.57 -2.25 4.75
C SER B 174 15.84 -2.26 6.08
N THR B 175 15.76 -1.13 6.76
CA THR B 175 14.81 -0.88 7.84
C THR B 175 15.24 -1.56 9.14
N THR B 176 16.43 -2.14 9.21
CA THR B 176 16.74 -3.10 10.27
C THR B 176 17.40 -2.48 11.50
N GLY B 177 18.61 -1.96 11.32
CA GLY B 177 19.32 -1.36 12.42
C GLY B 177 19.68 -2.33 13.51
N TYR B 178 20.61 -3.25 13.22
CA TYR B 178 21.15 -4.14 14.24
C TYR B 178 21.75 -3.38 15.40
N GLY B 179 22.78 -2.58 15.13
CA GLY B 179 23.43 -1.78 16.16
C GLY B 179 24.79 -2.28 16.57
N ASP B 180 25.56 -2.81 15.62
CA ASP B 180 26.90 -3.28 15.90
C ASP B 180 27.97 -2.22 15.61
N THR B 181 27.90 -1.59 14.44
CA THR B 181 28.96 -0.69 13.96
C THR B 181 28.32 0.54 13.35
N ILE B 182 28.50 1.68 13.99
CA ILE B 182 27.83 2.93 13.62
C ILE B 182 28.89 4.02 13.56
N PRO B 183 28.75 5.05 12.73
CA PRO B 183 29.80 6.08 12.64
C PRO B 183 29.98 6.85 13.94
N GLN B 184 30.96 7.74 13.89
CA GLN B 184 31.30 8.68 14.96
C GLN B 184 31.41 10.11 14.47
N SER B 185 31.77 10.31 13.20
CA SER B 185 31.97 11.65 12.65
C SER B 185 30.64 12.24 12.21
N PHE B 186 30.71 13.44 11.62
CA PHE B 186 29.52 14.17 11.22
C PHE B 186 29.05 13.76 9.84
N ALA B 187 29.88 13.98 8.82
CA ALA B 187 29.42 13.85 7.44
C ALA B 187 29.00 12.43 7.12
N GLY B 188 29.70 11.44 7.67
CA GLY B 188 29.25 10.07 7.52
C GLY B 188 27.89 9.87 8.16
N ARG B 189 27.64 10.54 9.28
CA ARG B 189 26.30 10.52 9.85
C ARG B 189 25.32 11.35 9.05
N VAL B 190 25.79 12.36 8.31
CA VAL B 190 24.88 13.12 7.45
C VAL B 190 24.29 12.21 6.39
N LEU B 191 25.09 11.26 5.91
CA LEU B 191 24.70 10.49 4.74
C LEU B 191 23.46 9.66 5.00
N ALA B 192 23.28 9.20 6.24
CA ALA B 192 22.10 8.41 6.56
C ALA B 192 20.80 9.19 6.38
N GLY B 193 20.88 10.52 6.30
CA GLY B 193 19.68 11.32 6.11
C GLY B 193 18.90 10.98 4.86
N ALA B 194 19.57 10.42 3.85
CA ALA B 194 18.92 10.05 2.60
C ALA B 194 18.72 8.55 2.45
N VAL B 195 19.28 7.76 3.35
CA VAL B 195 19.30 6.32 3.15
C VAL B 195 17.93 5.72 3.48
N MET B 196 17.49 5.89 4.73
CA MET B 196 16.16 5.44 5.11
C MET B 196 15.11 6.14 4.27
N MET B 197 15.35 7.40 3.95
CA MET B 197 14.54 8.11 2.96
C MET B 197 14.49 7.31 1.67
N SER B 198 15.63 6.75 1.26
CA SER B 198 15.69 6.02 0.01
C SER B 198 15.02 4.66 0.13
N GLY B 199 15.56 3.80 0.98
CA GLY B 199 15.15 2.39 1.01
C GLY B 199 13.68 2.22 1.32
N ILE B 200 13.13 3.09 2.16
CA ILE B 200 11.70 3.04 2.42
C ILE B 200 10.92 3.52 1.21
N GLY B 201 11.54 4.33 0.35
CA GLY B 201 10.94 4.69 -0.91
C GLY B 201 11.11 3.57 -1.93
N ILE B 202 12.25 2.88 -1.85
CA ILE B 202 12.52 1.80 -2.80
C ILE B 202 11.57 0.63 -2.54
N PHE B 203 11.66 0.06 -1.34
CA PHE B 203 10.73 -1.00 -0.96
C PHE B 203 9.29 -0.52 -0.94
N GLY B 204 9.09 0.80 -0.79
CA GLY B 204 7.77 1.35 -1.04
C GLY B 204 7.27 1.02 -2.43
N LEU B 205 8.18 0.95 -3.40
CA LEU B 205 7.85 0.49 -4.74
C LEU B 205 8.00 -1.01 -4.86
N TRP B 206 9.14 -1.54 -4.41
CA TRP B 206 9.55 -2.89 -4.79
C TRP B 206 8.59 -3.94 -4.26
N ALA B 207 8.36 -3.93 -2.93
CA ALA B 207 7.34 -4.82 -2.39
C ALA B 207 5.96 -4.46 -2.90
N GLY B 208 5.76 -3.19 -3.28
CA GLY B 208 4.51 -2.80 -3.91
C GLY B 208 4.25 -3.56 -5.20
N ILE B 209 5.31 -3.91 -5.92
CA ILE B 209 5.18 -4.70 -7.14
C ILE B 209 4.45 -6.00 -6.86
N LEU B 210 4.71 -6.61 -5.71
CA LEU B 210 4.11 -7.90 -5.41
C LEU B 210 2.60 -7.76 -5.27
N ALA B 211 2.16 -6.99 -4.28
CA ALA B 211 0.72 -6.82 -4.04
C ALA B 211 0.00 -6.16 -5.20
N THR B 212 0.72 -5.54 -6.13
CA THR B 212 0.15 -4.73 -7.20
C THR B 212 -0.87 -5.49 -8.04
N GLY B 213 -0.41 -6.53 -8.73
CA GLY B 213 -1.26 -7.39 -9.54
C GLY B 213 -1.42 -8.78 -8.98
N PHE B 214 -0.74 -9.05 -7.88
CA PHE B 214 -1.11 -10.20 -7.06
C PHE B 214 -2.59 -10.13 -6.72
N TYR B 215 -3.04 -8.95 -6.29
CA TYR B 215 -4.46 -8.75 -6.04
C TYR B 215 -5.29 -8.92 -7.31
N GLN B 216 -4.75 -8.51 -8.46
CA GLN B 216 -5.42 -8.78 -9.71
C GLN B 216 -5.65 -10.27 -9.87
N GLU B 217 -4.63 -11.07 -9.55
CA GLU B 217 -4.74 -12.51 -9.71
C GLU B 217 -5.73 -13.10 -8.72
N VAL B 218 -5.74 -12.59 -7.49
CA VAL B 218 -6.68 -13.09 -6.50
C VAL B 218 -8.08 -12.58 -6.80
N ARG B 219 -8.18 -11.31 -7.22
CA ARG B 219 -9.45 -10.82 -7.74
C ARG B 219 -9.79 -11.52 -9.06
N ARG B 220 -8.78 -12.05 -9.75
CA ARG B 220 -9.04 -12.87 -10.93
C ARG B 220 -9.35 -14.31 -10.55
N GLY B 221 -8.71 -14.82 -9.50
CA GLY B 221 -9.02 -16.16 -9.02
C GLY B 221 -10.48 -16.30 -8.67
N ASP B 222 -11.09 -15.20 -8.21
CA ASP B 222 -12.51 -15.17 -7.88
C ASP B 222 -13.40 -15.18 -9.11
N PHE B 223 -12.85 -15.04 -10.32
CA PHE B 223 -13.63 -15.14 -11.55
C PHE B 223 -13.45 -16.48 -12.24
N VAL B 224 -12.19 -16.85 -12.50
CA VAL B 224 -11.88 -18.09 -13.20
C VAL B 224 -12.43 -19.29 -12.44
N ARG B 225 -12.42 -19.24 -11.11
CA ARG B 225 -13.02 -20.29 -10.31
C ARG B 225 -14.54 -20.18 -10.23
N ASN B 226 -15.12 -19.14 -10.84
CA ASN B 226 -16.54 -18.86 -10.67
C ASN B 226 -17.22 -18.42 -11.96
N TRP B 227 -16.54 -18.52 -13.10
CA TRP B 227 -17.28 -18.71 -14.35
C TRP B 227 -17.94 -20.07 -14.37
N GLN B 228 -17.47 -20.99 -13.55
CA GLN B 228 -18.27 -22.12 -13.13
C GLN B 228 -19.39 -21.64 -12.22
N LEU B 229 -20.33 -22.54 -11.93
CA LEU B 229 -21.51 -22.22 -11.14
C LEU B 229 -22.34 -21.12 -11.79
N VAL B 230 -22.29 -21.05 -13.13
CA VAL B 230 -23.02 -20.04 -13.91
C VAL B 230 -24.20 -20.69 -14.62
N ALA B 231 -23.94 -21.66 -15.49
CA ALA B 231 -25.01 -22.38 -16.18
C ALA B 231 -25.85 -23.21 -15.22
N ALA B 232 -25.33 -23.53 -14.03
CA ALA B 232 -26.08 -24.36 -13.09
C ALA B 232 -27.37 -23.68 -12.64
N VAL B 233 -27.40 -22.35 -12.65
CA VAL B 233 -28.53 -21.60 -12.11
C VAL B 233 -29.66 -21.62 -13.14
N PRO B 234 -30.87 -22.12 -12.82
CA PRO B 234 -31.92 -22.17 -13.85
C PRO B 234 -32.40 -20.83 -14.37
N LEU B 235 -32.10 -19.72 -13.69
CA LEU B 235 -32.68 -18.42 -14.03
C LEU B 235 -31.80 -17.58 -14.94
N PHE B 236 -30.55 -17.97 -15.17
CA PHE B 236 -29.56 -17.06 -15.73
C PHE B 236 -29.41 -17.19 -17.25
N GLN B 237 -30.51 -17.47 -17.95
CA GLN B 237 -30.52 -17.43 -19.41
C GLN B 237 -30.80 -16.04 -19.96
N LYS B 238 -31.38 -15.15 -19.15
CA LYS B 238 -31.71 -13.80 -19.60
C LYS B 238 -30.60 -12.79 -19.35
N LEU B 239 -29.60 -13.14 -18.54
CA LEU B 239 -28.57 -12.18 -18.17
C LEU B 239 -27.78 -11.74 -19.39
N GLY B 240 -27.71 -10.43 -19.60
CA GLY B 240 -27.03 -9.88 -20.75
C GLY B 240 -25.54 -10.16 -20.70
N PRO B 241 -24.84 -9.90 -21.80
CA PRO B 241 -23.40 -10.21 -21.83
C PRO B 241 -22.58 -9.43 -20.81
N ALA B 242 -22.70 -8.11 -20.80
CA ALA B 242 -21.88 -7.29 -19.92
C ALA B 242 -22.35 -7.32 -18.47
N VAL B 243 -23.41 -8.06 -18.16
CA VAL B 243 -23.97 -8.05 -16.81
C VAL B 243 -23.07 -8.82 -15.85
N LEU B 244 -22.49 -9.93 -16.33
CA LEU B 244 -21.81 -10.85 -15.43
C LEU B 244 -20.46 -10.31 -14.99
N VAL B 245 -19.76 -9.61 -15.89
CA VAL B 245 -18.45 -9.07 -15.55
C VAL B 245 -18.57 -8.10 -14.38
N GLU B 246 -19.70 -7.39 -14.30
CA GLU B 246 -19.95 -6.51 -13.17
C GLU B 246 -20.07 -7.31 -11.87
N ILE B 247 -20.52 -8.55 -11.96
CA ILE B 247 -21.05 -9.27 -10.80
C ILE B 247 -20.02 -10.20 -10.21
N VAL B 248 -19.42 -11.03 -11.07
CA VAL B 248 -18.61 -12.14 -10.59
C VAL B 248 -17.35 -11.67 -9.89
N ARG B 249 -16.99 -10.39 -10.02
CA ARG B 249 -15.92 -9.82 -9.22
C ARG B 249 -16.16 -10.03 -7.73
N ALA B 250 -17.42 -9.90 -7.29
CA ALA B 250 -17.76 -9.99 -5.87
C ALA B 250 -18.11 -11.40 -5.44
N LEU B 251 -18.73 -12.19 -6.32
CA LEU B 251 -19.20 -13.51 -5.95
C LEU B 251 -18.03 -14.43 -5.67
N ARG B 252 -17.92 -14.91 -4.43
CA ARG B 252 -17.00 -15.98 -4.08
C ARG B 252 -17.79 -17.24 -3.74
N ALA B 253 -17.20 -18.38 -4.07
CA ALA B 253 -17.76 -19.69 -3.75
C ALA B 253 -16.90 -20.37 -2.70
N ARG B 254 -17.55 -20.91 -1.66
CA ARG B 254 -16.88 -21.78 -0.71
C ARG B 254 -17.84 -22.90 -0.32
N THR B 255 -17.29 -23.89 0.38
CA THR B 255 -18.02 -25.07 0.81
C THR B 255 -18.21 -25.02 2.32
N VAL B 256 -19.42 -25.38 2.76
CA VAL B 256 -19.73 -25.55 4.18
C VAL B 256 -19.86 -27.05 4.42
N PRO B 257 -19.46 -27.59 5.56
CA PRO B 257 -19.66 -29.02 5.81
C PRO B 257 -21.04 -29.33 6.39
N ALA B 258 -21.35 -30.61 6.43
CA ALA B 258 -22.58 -31.06 7.05
C ALA B 258 -22.56 -30.77 8.55
N GLY B 259 -23.74 -30.43 9.09
CA GLY B 259 -23.90 -30.15 10.49
C GLY B 259 -23.64 -28.72 10.90
N ALA B 260 -22.95 -27.95 10.07
CA ALA B 260 -22.67 -26.57 10.39
C ALA B 260 -23.90 -25.70 10.22
N VAL B 261 -23.85 -24.50 10.81
CA VAL B 261 -24.91 -23.52 10.68
C VAL B 261 -24.59 -22.64 9.48
N ILE B 262 -25.64 -22.14 8.82
CA ILE B 262 -25.51 -21.30 7.64
C ILE B 262 -25.91 -19.86 7.96
N CYS B 263 -27.14 -19.64 8.38
CA CYS B 263 -27.55 -18.34 8.93
C CYS B 263 -28.50 -18.60 10.09
N ARG B 264 -28.19 -18.00 11.23
CA ARG B 264 -28.98 -18.22 12.44
C ARG B 264 -30.15 -17.26 12.51
N ILE B 265 -31.28 -17.76 13.02
CA ILE B 265 -32.50 -16.96 13.05
C ILE B 265 -32.30 -15.76 13.97
N GLY B 266 -32.84 -14.62 13.53
CA GLY B 266 -32.85 -13.42 14.33
C GLY B 266 -31.64 -12.53 14.18
N GLU B 267 -30.53 -13.07 13.66
CA GLU B 267 -29.37 -12.24 13.41
C GLU B 267 -29.68 -11.28 12.27
N PRO B 268 -28.98 -10.14 12.20
CA PRO B 268 -29.37 -9.12 11.21
C PRO B 268 -29.16 -9.59 9.79
N GLY B 269 -30.23 -9.54 9.00
CA GLY B 269 -30.17 -9.97 7.62
C GLY B 269 -29.19 -9.11 6.84
N ASP B 270 -28.02 -9.66 6.51
CA ASP B 270 -26.95 -8.92 5.87
C ASP B 270 -26.45 -9.54 4.57
N ARG B 271 -27.01 -10.67 4.15
CA ARG B 271 -26.48 -11.36 2.98
C ARG B 271 -27.47 -12.42 2.51
N MET B 272 -27.37 -12.76 1.24
CA MET B 272 -28.14 -13.85 0.65
C MET B 272 -27.22 -14.75 -0.14
N PHE B 273 -27.59 -16.02 -0.24
CA PHE B 273 -26.76 -17.07 -0.82
C PHE B 273 -27.46 -17.70 -2.02
N PHE B 274 -26.66 -18.35 -2.86
CA PHE B 274 -27.16 -19.19 -3.96
C PHE B 274 -26.68 -20.61 -3.73
N VAL B 275 -27.60 -21.50 -3.40
CA VAL B 275 -27.29 -22.92 -3.36
C VAL B 275 -27.16 -23.44 -4.78
N VAL B 276 -26.14 -24.26 -5.03
CA VAL B 276 -25.98 -24.94 -6.31
C VAL B 276 -25.80 -26.44 -6.18
N GLU B 277 -25.37 -26.96 -5.02
CA GLU B 277 -25.23 -28.40 -4.86
C GLU B 277 -25.16 -28.72 -3.38
N GLY B 278 -25.98 -29.68 -2.95
CA GLY B 278 -26.06 -30.09 -1.56
C GLY B 278 -27.47 -29.99 -1.04
N SER B 279 -27.61 -29.89 0.28
CA SER B 279 -28.92 -29.73 0.90
C SER B 279 -28.76 -28.95 2.19
N VAL B 280 -29.86 -28.33 2.62
CA VAL B 280 -29.88 -27.39 3.73
C VAL B 280 -30.81 -27.89 4.81
N SER B 281 -30.90 -27.16 5.93
CA SER B 281 -31.94 -27.37 6.93
C SER B 281 -32.56 -26.00 7.23
N VAL B 282 -33.54 -25.62 6.40
CA VAL B 282 -34.26 -24.37 6.62
C VAL B 282 -35.18 -24.62 7.81
N ALA B 283 -34.76 -24.21 8.99
CA ALA B 283 -35.43 -24.63 10.21
C ALA B 283 -36.81 -23.99 10.35
N THR B 284 -37.83 -24.76 10.02
CA THR B 284 -39.23 -24.34 10.07
C THR B 284 -40.03 -25.52 10.58
N PRO B 285 -41.33 -25.33 10.86
CA PRO B 285 -42.15 -26.49 11.26
C PRO B 285 -42.18 -27.59 10.20
N ASN B 286 -42.33 -27.20 8.94
CA ASN B 286 -42.09 -28.08 7.80
C ASN B 286 -40.77 -27.65 7.17
N PRO B 287 -39.64 -28.31 7.45
CA PRO B 287 -38.36 -27.84 6.88
C PRO B 287 -38.37 -27.85 5.36
N VAL B 288 -38.19 -26.66 4.78
CA VAL B 288 -38.16 -26.51 3.32
C VAL B 288 -36.74 -26.84 2.91
N GLU B 289 -36.48 -28.13 2.76
CA GLU B 289 -35.14 -28.65 2.49
C GLU B 289 -34.82 -28.48 1.02
N LEU B 290 -34.12 -27.40 0.69
CA LEU B 290 -33.84 -27.04 -0.70
C LEU B 290 -32.51 -27.64 -1.13
N GLY B 291 -32.46 -28.09 -2.37
CA GLY B 291 -31.35 -28.87 -2.87
C GLY B 291 -30.50 -28.10 -3.85
N PRO B 292 -29.83 -28.79 -4.78
CA PRO B 292 -28.98 -28.10 -5.77
C PRO B 292 -29.75 -27.06 -6.58
N GLY B 293 -29.26 -25.82 -6.54
CA GLY B 293 -29.80 -24.76 -7.36
C GLY B 293 -30.89 -23.96 -6.69
N ALA B 294 -30.60 -23.42 -5.50
CA ALA B 294 -31.57 -22.63 -4.74
C ALA B 294 -30.90 -21.41 -4.12
N PHE B 295 -31.69 -20.61 -3.41
CA PHE B 295 -31.19 -19.35 -2.84
C PHE B 295 -32.08 -18.95 -1.67
N PHE B 296 -31.60 -17.97 -0.90
CA PHE B 296 -32.36 -17.44 0.22
C PHE B 296 -31.70 -16.18 0.76
N GLY B 297 -32.55 -15.25 1.20
CA GLY B 297 -32.11 -14.03 1.85
C GLY B 297 -32.87 -12.80 1.39
N GLU B 298 -33.42 -12.88 0.17
CA GLU B 298 -34.30 -11.82 -0.35
C GLU B 298 -35.42 -11.49 0.62
N MET B 299 -35.89 -12.46 1.40
CA MET B 299 -36.88 -12.20 2.44
C MET B 299 -36.36 -11.17 3.43
N ALA B 300 -35.06 -11.22 3.75
CA ALA B 300 -34.45 -10.34 4.73
C ALA B 300 -33.87 -9.07 4.13
N LEU B 301 -33.68 -9.02 2.80
CA LEU B 301 -33.02 -7.88 2.18
C LEU B 301 -34.04 -6.89 1.60
N ILE B 302 -35.07 -7.40 0.91
CA ILE B 302 -36.09 -6.51 0.38
C ILE B 302 -36.80 -5.81 1.53
N SER B 303 -36.91 -6.48 2.68
CA SER B 303 -37.49 -5.89 3.88
C SER B 303 -36.43 -5.32 4.81
N GLY B 304 -35.17 -5.74 4.69
CA GLY B 304 -34.13 -5.27 5.57
C GLY B 304 -34.36 -5.70 7.01
N GLU B 305 -34.59 -6.98 7.22
CA GLU B 305 -35.03 -7.55 8.49
C GLU B 305 -34.08 -8.62 8.95
N PRO B 306 -34.26 -9.14 10.17
CA PRO B 306 -33.48 -10.31 10.59
C PRO B 306 -33.86 -11.56 9.81
N ARG B 307 -33.26 -12.69 10.18
CA ARG B 307 -33.45 -13.92 9.44
C ARG B 307 -34.84 -14.50 9.69
N SER B 308 -35.36 -15.18 8.68
CA SER B 308 -36.64 -15.86 8.76
C SER B 308 -36.51 -17.34 9.08
N ALA B 309 -35.30 -17.86 9.23
CA ALA B 309 -35.12 -19.28 9.49
C ALA B 309 -33.68 -19.56 9.88
N THR B 310 -33.50 -20.45 10.86
CA THR B 310 -32.17 -20.94 11.22
C THR B 310 -31.75 -21.95 10.16
N VAL B 311 -31.22 -21.45 9.05
CA VAL B 311 -30.71 -22.32 8.00
C VAL B 311 -29.37 -22.87 8.48
N SER B 312 -29.25 -24.19 8.49
CA SER B 312 -28.01 -24.87 8.84
C SER B 312 -27.70 -25.94 7.79
N ALA B 313 -26.42 -26.25 7.66
CA ALA B 313 -25.97 -27.19 6.64
C ALA B 313 -26.42 -28.60 6.97
N ALA B 314 -27.50 -29.04 6.32
CA ALA B 314 -27.91 -30.44 6.47
C ALA B 314 -26.85 -31.37 5.90
N THR B 315 -26.16 -30.96 4.85
CA THR B 315 -25.10 -31.73 4.23
C THR B 315 -23.98 -30.78 3.84
N THR B 316 -22.93 -31.31 3.21
CA THR B 316 -21.86 -30.49 2.69
C THR B 316 -22.37 -29.79 1.43
N VAL B 317 -22.46 -28.45 1.48
CA VAL B 317 -23.03 -27.65 0.41
C VAL B 317 -21.92 -26.81 -0.21
N SER B 318 -21.87 -26.80 -1.54
CA SER B 318 -20.99 -25.89 -2.27
C SER B 318 -21.71 -24.54 -2.36
N LEU B 319 -21.30 -23.60 -1.53
CA LEU B 319 -22.04 -22.36 -1.34
C LEU B 319 -21.53 -21.25 -2.23
N LEU B 320 -22.44 -20.36 -2.58
CA LEU B 320 -22.16 -19.03 -3.09
C LEU B 320 -22.65 -18.01 -2.06
N SER B 321 -22.41 -16.73 -2.34
CA SER B 321 -22.84 -15.70 -1.41
C SER B 321 -22.87 -14.35 -2.10
N LEU B 322 -23.62 -13.42 -1.48
CA LEU B 322 -23.84 -12.11 -2.06
C LEU B 322 -24.44 -11.15 -1.04
N HIS B 323 -23.81 -9.98 -0.87
CA HIS B 323 -24.39 -8.93 -0.05
C HIS B 323 -25.38 -8.07 -0.86
N SER B 324 -26.08 -7.18 -0.15
CA SER B 324 -27.25 -6.48 -0.67
C SER B 324 -26.95 -5.63 -1.90
N ALA B 325 -26.12 -4.60 -1.74
CA ALA B 325 -25.70 -3.66 -2.77
C ALA B 325 -25.55 -4.26 -4.16
N ASP B 326 -24.80 -5.37 -4.24
CA ASP B 326 -24.63 -6.07 -5.50
C ASP B 326 -25.88 -6.80 -5.93
N PHE B 327 -26.80 -7.06 -5.00
CA PHE B 327 -28.13 -7.58 -5.31
C PHE B 327 -29.13 -6.45 -5.50
N GLN B 328 -29.05 -5.42 -4.66
CA GLN B 328 -29.64 -4.13 -4.99
C GLN B 328 -29.16 -3.64 -6.35
N MET B 329 -27.90 -3.91 -6.69
CA MET B 329 -27.42 -3.65 -8.03
C MET B 329 -28.20 -4.48 -9.04
N LEU B 330 -28.46 -5.73 -8.71
CA LEU B 330 -29.26 -6.59 -9.58
C LEU B 330 -30.71 -6.13 -9.61
N CYS B 331 -31.27 -5.82 -8.44
CA CYS B 331 -32.64 -5.30 -8.38
C CYS B 331 -32.73 -3.97 -9.12
N SER B 332 -31.65 -3.19 -9.09
CA SER B 332 -31.60 -1.97 -9.89
C SER B 332 -31.31 -2.27 -11.35
N SER B 333 -30.64 -3.40 -11.63
CA SER B 333 -30.20 -3.70 -12.99
C SER B 333 -31.35 -4.03 -13.93
N SER B 334 -32.38 -4.73 -13.47
CA SER B 334 -33.45 -5.19 -14.35
C SER B 334 -34.76 -5.38 -13.60
N PRO B 335 -35.88 -4.77 -14.03
CA PRO B 335 -37.18 -5.11 -13.40
C PRO B 335 -37.65 -6.52 -13.70
N GLU B 336 -37.13 -7.18 -14.74
CA GLU B 336 -37.58 -8.52 -15.09
C GLU B 336 -37.31 -9.51 -13.97
N ILE B 337 -36.29 -9.27 -13.15
CA ILE B 337 -35.86 -10.25 -12.17
C ILE B 337 -36.56 -10.05 -10.82
N ALA B 338 -36.87 -8.81 -10.46
CA ALA B 338 -37.55 -8.55 -9.20
C ALA B 338 -38.95 -9.13 -9.15
N GLU B 339 -39.56 -9.40 -10.32
CA GLU B 339 -40.88 -10.01 -10.36
C GLU B 339 -40.88 -11.35 -9.65
N ILE B 340 -39.91 -12.21 -9.98
CA ILE B 340 -39.84 -13.53 -9.36
C ILE B 340 -39.48 -13.40 -7.89
N PHE B 341 -38.51 -12.54 -7.56
CA PHE B 341 -38.11 -12.37 -6.17
C PHE B 341 -39.14 -11.60 -5.37
N ARG B 342 -40.14 -11.00 -6.03
CA ARG B 342 -41.32 -10.53 -5.32
C ARG B 342 -42.24 -11.70 -4.98
N LYS B 343 -42.53 -12.54 -5.97
CA LYS B 343 -43.33 -13.73 -5.71
C LYS B 343 -42.62 -14.62 -4.69
N THR B 344 -41.30 -14.77 -4.82
CA THR B 344 -40.54 -15.58 -3.88
C THR B 344 -40.64 -15.04 -2.47
N ALA B 345 -40.71 -13.72 -2.31
CA ALA B 345 -40.93 -13.12 -1.01
C ALA B 345 -42.37 -13.24 -0.53
N LEU B 346 -43.25 -13.88 -1.29
CA LEU B 346 -44.59 -14.24 -0.86
C LEU B 346 -44.79 -15.74 -0.81
N GLU B 347 -44.20 -16.48 -1.75
CA GLU B 347 -44.27 -17.94 -1.71
C GLU B 347 -43.57 -18.48 -0.46
N ARG B 348 -42.32 -18.06 -0.23
CA ARG B 348 -41.54 -18.56 0.88
C ARG B 348 -42.10 -18.14 2.25
N ARG B 349 -42.94 -17.12 2.30
CA ARG B 349 -43.58 -16.77 3.57
C ARG B 349 -44.57 -17.85 3.98
N GLY B 350 -45.38 -18.31 3.02
CA GLY B 350 -46.34 -19.36 3.28
C GLY B 350 -45.72 -20.74 3.12
N ALA B 351 -44.78 -20.87 2.18
CA ALA B 351 -44.12 -22.15 1.94
C ALA B 351 -43.16 -22.53 3.05
N ALA B 352 -42.74 -21.58 3.89
CA ALA B 352 -41.82 -21.90 4.98
C ALA B 352 -42.51 -22.75 6.05
N ALA B 353 -43.65 -22.27 6.56
CA ALA B 353 -44.39 -23.04 7.56
C ALA B 353 -45.06 -24.24 6.93
N SER B 354 -45.67 -24.05 5.76
CA SER B 354 -46.27 -25.15 5.01
C SER B 354 -45.18 -25.91 4.25
N ALA B 355 -45.61 -26.79 3.34
CA ALA B 355 -44.69 -27.53 2.49
C ALA B 355 -44.44 -26.77 1.19
N MET C 1 0.86 -12.52 -14.48
CA MET C 1 0.28 -13.89 -14.52
C MET C 1 -0.08 -14.41 -15.92
N SER C 2 0.17 -13.63 -16.98
CA SER C 2 -0.42 -13.90 -18.29
C SER C 2 0.58 -13.69 -19.42
N VAL C 3 1.88 -13.81 -19.16
CA VAL C 3 2.90 -13.41 -20.13
C VAL C 3 4.04 -14.40 -20.06
N LEU C 4 4.73 -14.56 -21.20
CA LEU C 4 5.90 -15.42 -21.34
C LEU C 4 7.13 -14.56 -21.61
N PRO C 5 7.73 -13.96 -20.57
CA PRO C 5 8.91 -13.11 -20.77
C PRO C 5 10.18 -13.96 -20.87
N PHE C 6 10.82 -13.92 -22.04
CA PHE C 6 11.99 -14.76 -22.29
C PHE C 6 12.92 -13.99 -23.21
N LEU C 7 14.00 -14.67 -23.62
CA LEU C 7 15.12 -14.05 -24.33
C LEU C 7 15.74 -12.94 -23.49
N ARG C 8 16.34 -13.38 -22.37
CA ARG C 8 17.39 -12.68 -21.64
C ARG C 8 17.17 -11.17 -21.51
N ILE C 9 16.11 -10.76 -20.82
CA ILE C 9 15.79 -9.34 -20.63
C ILE C 9 17.00 -8.57 -20.09
N TYR C 10 17.85 -9.25 -19.33
CA TYR C 10 19.15 -8.74 -18.90
C TYR C 10 20.22 -9.14 -19.92
N ALA C 11 19.98 -8.77 -21.17
CA ALA C 11 20.76 -9.29 -22.30
C ALA C 11 22.17 -8.70 -22.40
N PRO C 12 22.32 -7.38 -22.58
CA PRO C 12 23.61 -6.85 -23.07
C PRO C 12 24.74 -7.07 -22.07
N LEU C 13 25.87 -7.56 -22.59
CA LEU C 13 27.05 -7.76 -21.77
C LEU C 13 27.61 -6.44 -21.24
N ASN C 14 27.21 -5.30 -21.82
CA ASN C 14 27.57 -4.02 -21.24
C ASN C 14 27.07 -3.92 -19.81
N ALA C 15 25.90 -4.49 -19.53
CA ALA C 15 25.36 -4.52 -18.19
C ALA C 15 25.97 -5.64 -17.36
N VAL C 16 26.30 -6.76 -18.00
CA VAL C 16 26.67 -7.95 -17.26
C VAL C 16 27.98 -7.75 -16.51
N LEU C 17 28.87 -6.91 -17.03
CA LEU C 17 30.24 -6.86 -16.54
C LEU C 17 30.44 -5.89 -15.39
N ALA C 18 29.45 -5.04 -15.11
CA ALA C 18 29.56 -4.17 -13.95
C ALA C 18 29.59 -4.97 -12.66
N ALA C 19 28.74 -5.98 -12.54
CA ALA C 19 28.66 -6.76 -11.32
C ALA C 19 29.97 -7.45 -10.98
N PRO C 20 30.54 -8.32 -11.82
CA PRO C 20 31.83 -8.90 -11.47
C PRO C 20 32.94 -7.88 -11.47
N GLY C 21 32.78 -6.80 -12.22
CA GLY C 21 33.84 -5.81 -12.31
C GLY C 21 34.10 -5.12 -11.00
N LEU C 22 33.05 -4.85 -10.24
CA LEU C 22 33.19 -4.10 -9.01
C LEU C 22 33.54 -5.00 -7.83
N LEU C 23 33.28 -6.30 -7.95
CA LEU C 23 33.73 -7.23 -6.93
C LEU C 23 35.23 -7.46 -6.99
N ALA C 24 35.87 -7.06 -8.09
CA ALA C 24 37.33 -7.01 -8.14
C ALA C 24 37.90 -6.02 -7.15
N VAL C 25 37.09 -5.08 -6.67
CA VAL C 25 37.59 -3.97 -5.88
C VAL C 25 38.10 -4.45 -4.53
N ALA C 26 37.29 -5.27 -3.85
CA ALA C 26 37.42 -5.42 -2.41
C ALA C 26 38.73 -6.08 -2.00
N ALA C 27 39.23 -7.01 -2.80
CA ALA C 27 40.46 -7.72 -2.43
C ALA C 27 41.63 -6.76 -2.31
N LEU C 28 41.65 -5.70 -3.11
CA LEU C 28 42.67 -4.67 -2.95
C LEU C 28 42.51 -3.91 -1.64
N THR C 29 41.32 -3.95 -1.04
CA THR C 29 40.98 -3.10 0.09
C THR C 29 41.39 -3.71 1.42
N ILE C 30 42.18 -4.77 1.40
CA ILE C 30 42.32 -5.66 2.55
C ILE C 30 43.81 -5.84 2.85
N PRO C 31 44.27 -5.68 4.10
CA PRO C 31 45.68 -5.97 4.39
C PRO C 31 45.98 -7.46 4.32
N ASP C 32 47.29 -7.75 4.36
CA ASP C 32 47.81 -9.11 4.45
C ASP C 32 47.36 -9.97 3.26
N MET C 33 47.12 -9.34 2.11
CA MET C 33 46.66 -10.02 0.92
C MET C 33 47.85 -10.29 0.00
N SER C 34 47.91 -11.50 -0.55
CA SER C 34 49.00 -11.86 -1.42
C SER C 34 48.93 -11.09 -2.73
N GLY C 35 50.10 -10.70 -3.23
CA GLY C 35 50.18 -9.95 -4.47
C GLY C 35 49.77 -10.74 -5.71
N ARG C 36 49.56 -12.05 -5.58
CA ARG C 36 49.27 -12.89 -6.74
C ARG C 36 47.96 -12.47 -7.41
N SER C 37 46.85 -12.67 -6.71
CA SER C 37 45.56 -12.26 -7.25
C SER C 37 45.29 -10.78 -7.05
N ARG C 38 46.14 -10.09 -6.28
CA ARG C 38 45.99 -8.65 -6.05
C ARG C 38 45.90 -7.90 -7.35
N LEU C 39 46.79 -8.21 -8.29
CA LEU C 39 46.79 -7.59 -9.60
C LEU C 39 46.05 -8.40 -10.64
N ALA C 40 45.78 -9.68 -10.37
CA ALA C 40 45.06 -10.51 -11.32
C ALA C 40 43.68 -9.95 -11.59
N LEU C 41 43.06 -9.39 -10.57
CA LEU C 41 41.77 -8.75 -10.73
C LEU C 41 41.90 -7.39 -11.39
N ALA C 42 43.05 -6.74 -11.26
CA ALA C 42 43.28 -5.49 -11.97
C ALA C 42 43.27 -5.72 -13.47
N ALA C 43 43.65 -6.92 -13.89
CA ALA C 43 43.50 -7.28 -15.29
C ALA C 43 42.04 -7.22 -15.70
N LEU C 44 41.18 -7.90 -14.93
CA LEU C 44 39.76 -7.94 -15.24
C LEU C 44 39.17 -6.55 -15.33
N LEU C 45 39.69 -5.61 -14.54
CA LEU C 45 39.35 -4.21 -14.74
C LEU C 45 39.84 -3.75 -16.10
N ALA C 46 41.10 -4.07 -16.43
CA ALA C 46 41.63 -3.73 -17.73
C ALA C 46 40.86 -4.44 -18.83
N VAL C 47 40.35 -5.64 -18.54
CA VAL C 47 39.50 -6.33 -19.50
C VAL C 47 38.22 -5.53 -19.71
N ILE C 48 37.52 -5.23 -18.62
CA ILE C 48 36.29 -4.45 -18.70
C ILE C 48 36.58 -3.09 -19.29
N TRP C 49 37.74 -2.52 -18.92
CA TRP C 49 38.20 -1.31 -19.59
C TRP C 49 38.33 -1.56 -21.07
N GLY C 50 39.19 -2.50 -21.45
CA GLY C 50 39.38 -2.82 -22.86
C GLY C 50 38.11 -3.30 -23.53
N ALA C 51 37.21 -3.92 -22.77
CA ALA C 51 36.02 -4.50 -23.37
C ALA C 51 35.05 -3.42 -23.81
N TYR C 52 34.66 -2.55 -22.89
CA TYR C 52 33.85 -1.41 -23.26
C TYR C 52 34.60 -0.51 -24.23
N LEU C 53 35.90 -0.34 -23.99
CA LEU C 53 36.74 0.43 -24.87
C LEU C 53 36.77 -0.18 -26.27
N LEU C 54 36.79 -1.51 -26.36
CA LEU C 54 36.58 -2.16 -27.64
C LEU C 54 35.18 -1.86 -28.15
N GLN C 55 34.19 -1.96 -27.28
CA GLN C 55 32.82 -1.61 -27.66
C GLN C 55 32.68 -0.12 -27.90
N LEU C 56 33.54 0.69 -27.29
CA LEU C 56 33.37 2.13 -27.28
C LEU C 56 33.32 2.70 -28.69
N ALA C 57 34.40 2.51 -29.45
CA ALA C 57 34.52 3.12 -30.76
C ALA C 57 33.39 2.69 -31.70
N ALA C 58 32.93 1.45 -31.55
CA ALA C 58 31.78 1.00 -32.32
C ALA C 58 30.56 1.85 -32.00
N THR C 59 30.45 2.29 -30.76
CA THR C 59 29.37 3.21 -30.41
C THR C 59 29.67 4.61 -30.93
N LEU C 60 30.93 5.03 -30.87
CA LEU C 60 31.28 6.33 -31.43
C LEU C 60 31.18 6.33 -32.95
N LEU C 61 31.15 5.15 -33.57
CA LEU C 61 30.66 5.03 -34.94
C LEU C 61 29.15 5.18 -34.88
N LYS C 62 28.71 6.43 -34.78
CA LYS C 62 27.30 6.77 -34.80
C LYS C 62 26.86 7.28 -36.16
N ARG C 63 27.44 6.75 -37.22
CA ARG C 63 26.90 6.91 -38.56
C ARG C 63 25.87 5.84 -38.90
N ARG C 64 25.59 4.93 -37.97
CA ARG C 64 24.48 4.01 -38.11
C ARG C 64 23.19 4.68 -37.64
N ALA C 65 22.15 4.61 -38.47
CA ALA C 65 20.86 5.21 -38.15
C ALA C 65 20.99 6.72 -37.88
N GLY C 66 21.94 7.37 -38.56
CA GLY C 66 22.22 8.77 -38.33
C GLY C 66 21.31 9.72 -39.09
N VAL C 67 20.07 9.85 -38.61
CA VAL C 67 19.10 10.80 -39.17
C VAL C 67 18.72 11.88 -38.15
N VAL C 68 18.13 11.48 -37.02
CA VAL C 68 17.84 12.36 -35.88
C VAL C 68 17.87 11.46 -34.65
N ARG C 69 18.71 11.79 -33.67
CA ARG C 69 18.85 10.97 -32.47
C ARG C 69 19.21 11.85 -31.28
N ASP C 70 18.88 11.36 -30.08
CA ASP C 70 19.10 12.05 -28.82
C ASP C 70 19.88 11.08 -27.92
N ARG C 71 21.20 11.04 -28.08
CA ARG C 71 22.05 10.06 -27.44
C ARG C 71 23.01 10.68 -26.44
N THR C 72 22.74 11.92 -26.02
CA THR C 72 23.37 12.43 -24.81
C THR C 72 23.24 11.46 -23.64
N PRO C 73 22.12 10.74 -23.44
CA PRO C 73 22.11 9.75 -22.35
C PRO C 73 23.08 8.60 -22.56
N LYS C 74 22.97 7.91 -23.69
CA LYS C 74 23.71 6.65 -23.87
C LYS C 74 25.20 6.88 -23.98
N ILE C 75 25.64 8.11 -24.28
CA ILE C 75 27.05 8.40 -24.45
C ILE C 75 27.65 8.97 -23.17
N ALA C 76 26.82 9.47 -22.25
CA ALA C 76 27.31 10.23 -21.10
C ALA C 76 28.26 9.44 -20.21
N ILE C 77 28.27 8.12 -20.31
CA ILE C 77 29.04 7.27 -19.41
C ILE C 77 30.17 6.58 -20.17
N ASP C 78 29.88 6.16 -21.39
CA ASP C 78 30.86 5.47 -22.23
C ASP C 78 32.12 6.31 -22.37
N VAL C 79 31.94 7.61 -22.49
CA VAL C 79 33.07 8.52 -22.53
C VAL C 79 33.89 8.38 -21.26
N LEU C 80 33.25 8.61 -20.12
CA LEU C 80 33.92 8.49 -18.84
C LEU C 80 34.18 7.05 -18.44
N ALA C 81 33.60 6.07 -19.15
CA ALA C 81 33.83 4.67 -18.82
C ALA C 81 35.30 4.30 -18.92
N VAL C 82 36.05 5.00 -19.79
CA VAL C 82 37.45 4.69 -20.02
C VAL C 82 38.37 5.84 -19.62
N LEU C 83 37.89 7.08 -19.65
CA LEU C 83 38.75 8.21 -19.35
C LEU C 83 39.09 8.26 -17.87
N VAL C 84 38.11 8.02 -17.02
CA VAL C 84 38.26 8.24 -15.59
C VAL C 84 39.23 7.22 -15.01
N PRO C 85 39.15 5.93 -15.37
CA PRO C 85 40.24 5.02 -14.98
C PRO C 85 41.59 5.47 -15.48
N LEU C 86 41.63 6.09 -16.66
CA LEU C 86 42.90 6.39 -17.30
C LEU C 86 43.63 7.49 -16.56
N ALA C 87 42.97 8.63 -16.39
CA ALA C 87 43.57 9.70 -15.60
C ALA C 87 43.81 9.26 -14.17
N ALA C 88 42.94 8.40 -13.65
CA ALA C 88 43.16 7.83 -12.34
C ALA C 88 44.39 6.95 -12.31
N PHE C 89 44.69 6.29 -13.43
CA PHE C 89 45.78 5.32 -13.46
C PHE C 89 47.14 5.97 -13.22
N LEU C 90 47.30 7.24 -13.60
CA LEU C 90 48.60 7.91 -13.57
C LEU C 90 48.72 8.87 -12.40
N LEU C 91 47.78 9.80 -12.27
CA LEU C 91 47.88 10.83 -11.24
C LEU C 91 47.86 10.21 -9.85
N ASP C 92 46.94 9.27 -9.62
CA ASP C 92 46.82 8.57 -8.35
C ASP C 92 47.68 7.31 -8.41
N GLY C 93 48.99 7.51 -8.20
CA GLY C 93 49.92 6.40 -8.32
C GLY C 93 49.69 5.33 -7.28
N SER C 94 49.33 5.72 -6.06
CA SER C 94 49.00 4.77 -5.02
C SER C 94 47.78 3.95 -5.43
N PRO C 95 47.51 2.82 -4.77
CA PRO C 95 46.39 1.96 -5.19
C PRO C 95 45.02 2.64 -5.16
N ASP C 96 44.91 3.82 -4.56
CA ASP C 96 43.66 4.57 -4.49
C ASP C 96 43.02 4.81 -5.85
N TRP C 97 43.75 4.67 -6.96
CA TRP C 97 43.16 4.84 -8.29
C TRP C 97 41.98 3.89 -8.49
N SER C 98 42.01 2.73 -7.84
CA SER C 98 40.89 1.81 -7.89
C SER C 98 39.61 2.43 -7.33
N LEU C 99 39.73 3.46 -6.50
CA LEU C 99 38.55 4.10 -5.92
C LEU C 99 37.69 4.80 -6.96
N TYR C 100 38.15 4.89 -8.21
CA TYR C 100 37.30 5.35 -9.30
C TYR C 100 36.52 4.22 -9.95
N CYS C 101 36.27 3.16 -9.20
CA CYS C 101 35.25 2.19 -9.57
C CYS C 101 33.87 2.61 -9.12
N ALA C 102 33.69 3.88 -8.74
CA ALA C 102 32.36 4.46 -8.62
C ALA C 102 31.79 4.86 -9.98
N VAL C 103 32.45 4.48 -11.06
CA VAL C 103 32.15 5.01 -12.38
C VAL C 103 31.27 4.05 -13.15
N TRP C 104 31.60 2.76 -13.11
CA TRP C 104 30.82 1.77 -13.83
C TRP C 104 29.41 1.63 -13.28
N LEU C 105 29.15 2.14 -12.07
CA LEU C 105 27.83 2.00 -11.46
C LEU C 105 26.71 2.60 -12.30
N LEU C 106 27.03 3.52 -13.22
CA LEU C 106 26.04 4.06 -14.14
C LEU C 106 25.85 3.18 -15.37
N LYS C 107 26.82 2.32 -15.67
CA LYS C 107 26.70 1.45 -16.84
C LYS C 107 25.48 0.56 -16.79
N PRO C 108 25.09 -0.02 -15.65
CA PRO C 108 23.73 -0.56 -15.58
C PRO C 108 22.70 0.49 -15.92
N LEU C 109 22.81 1.66 -15.29
CA LEU C 109 21.87 2.73 -15.56
C LEU C 109 22.02 3.30 -16.96
N ARG C 110 23.11 2.99 -17.66
CA ARG C 110 23.18 3.35 -19.07
C ARG C 110 22.05 2.66 -19.81
N ASP C 111 22.15 1.35 -19.97
CA ASP C 111 21.08 0.56 -20.56
C ASP C 111 20.20 -0.03 -19.47
N SER C 112 19.65 0.87 -18.66
CA SER C 112 18.54 0.54 -17.78
C SER C 112 17.32 1.27 -18.33
N THR C 113 16.66 0.64 -19.29
CA THR C 113 15.24 0.89 -19.43
C THR C 113 14.58 0.51 -18.11
N PHE C 114 13.45 1.16 -17.81
CA PHE C 114 12.76 1.23 -16.53
C PHE C 114 13.39 2.26 -15.58
N PHE C 115 14.58 2.78 -15.86
CA PHE C 115 15.10 3.89 -15.07
C PHE C 115 14.56 5.23 -15.55
N PRO C 116 14.49 5.51 -16.86
CA PRO C 116 13.75 6.71 -17.28
C PRO C 116 12.29 6.66 -16.91
N VAL C 117 11.71 5.47 -16.87
CA VAL C 117 10.34 5.31 -16.42
C VAL C 117 10.19 5.82 -15.00
N LEU C 118 11.22 5.59 -14.17
CA LEU C 118 11.23 6.15 -12.83
C LEU C 118 11.27 7.67 -12.88
N GLY C 119 12.32 8.21 -13.48
CA GLY C 119 12.53 9.64 -13.48
C GLY C 119 11.43 10.44 -14.15
N ARG C 120 10.57 9.79 -14.93
CA ARG C 120 9.49 10.51 -15.60
C ARG C 120 8.47 11.03 -14.60
N VAL C 121 8.06 10.20 -13.65
CA VAL C 121 6.95 10.57 -12.77
C VAL C 121 7.41 11.49 -11.65
N LEU C 122 8.69 11.43 -11.26
CA LEU C 122 9.18 12.34 -10.23
C LEU C 122 8.99 13.79 -10.62
N ALA C 123 8.98 14.09 -11.92
CA ALA C 123 8.76 15.42 -12.43
C ALA C 123 7.27 15.77 -12.58
N ASN C 124 6.38 15.10 -11.84
CA ASN C 124 4.99 15.52 -11.72
C ASN C 124 4.56 15.57 -10.26
N GLU C 125 5.09 14.69 -9.43
CA GLU C 125 4.61 14.49 -8.07
C GLU C 125 5.56 15.01 -6.99
N ALA C 126 6.72 15.55 -7.37
CA ALA C 126 7.65 16.07 -6.38
C ALA C 126 7.09 17.28 -5.66
N ARG C 127 6.07 17.94 -6.21
CA ARG C 127 5.32 18.95 -5.49
C ARG C 127 4.92 18.45 -4.10
N ASN C 128 4.26 17.31 -4.06
CA ASN C 128 3.94 16.65 -2.80
C ASN C 128 5.21 16.36 -2.00
N LEU C 129 6.21 15.75 -2.63
CA LEU C 129 7.37 15.24 -1.91
C LEU C 129 8.07 16.35 -1.14
N ILE C 130 8.12 17.54 -1.70
CA ILE C 130 8.77 18.65 -1.02
C ILE C 130 7.95 19.07 0.18
N GLY C 131 6.64 19.27 -0.02
CA GLY C 131 5.78 19.63 1.09
C GLY C 131 5.78 18.58 2.17
N VAL C 132 5.99 17.33 1.79
CA VAL C 132 6.16 16.27 2.77
C VAL C 132 7.56 16.32 3.36
N THR C 133 8.56 16.58 2.52
CA THR C 133 9.93 16.67 3.00
C THR C 133 10.11 17.83 3.96
N THR C 134 9.55 18.99 3.62
CA THR C 134 9.43 20.07 4.59
C THR C 134 8.74 19.59 5.84
N LEU C 135 7.54 19.03 5.67
CA LEU C 135 6.76 18.53 6.79
C LEU C 135 7.54 17.48 7.58
N PHE C 136 8.36 16.68 6.89
CA PHE C 136 9.25 15.79 7.61
C PHE C 136 10.26 16.60 8.43
N GLY C 137 10.78 17.68 7.85
CA GLY C 137 11.67 18.54 8.60
C GLY C 137 10.98 19.26 9.72
N VAL C 138 9.71 19.59 9.54
CA VAL C 138 8.92 20.13 10.64
C VAL C 138 8.92 19.15 11.80
N VAL C 139 8.40 17.94 11.55
CA VAL C 139 8.26 16.94 12.60
C VAL C 139 9.61 16.55 13.15
N LEU C 140 10.68 16.66 12.37
CA LEU C 140 12.01 16.28 12.82
C LEU C 140 12.43 17.14 13.99
N PHE C 141 12.58 18.44 13.75
CA PHE C 141 13.09 19.32 14.79
C PHE C 141 12.00 19.71 15.78
N ALA C 142 10.74 19.62 15.36
CA ALA C 142 9.64 19.79 16.30
C ALA C 142 9.75 18.81 17.44
N VAL C 143 10.24 17.61 17.14
CA VAL C 143 10.31 16.53 18.10
C VAL C 143 11.72 16.34 18.63
N ALA C 144 12.72 16.56 17.78
CA ALA C 144 14.10 16.42 18.22
C ALA C 144 14.44 17.39 19.33
N LEU C 145 13.82 18.57 19.30
CA LEU C 145 14.18 19.60 20.27
C LEU C 145 13.72 19.25 21.67
N ALA C 146 12.56 18.59 21.80
CA ALA C 146 12.02 18.31 23.11
C ALA C 146 12.87 17.35 23.91
N ALA C 147 13.80 16.63 23.27
CA ALA C 147 14.69 15.74 23.99
C ALA C 147 15.80 16.46 24.71
N TYR C 148 16.42 17.45 24.08
CA TYR C 148 17.45 18.24 24.74
C TYR C 148 16.90 18.95 25.97
N VAL C 149 15.59 19.18 26.01
CA VAL C 149 14.95 19.80 27.14
C VAL C 149 15.19 19.03 28.43
N ILE C 150 15.48 17.73 28.33
CA ILE C 150 15.29 16.81 29.45
C ILE C 150 16.63 16.25 29.91
N GLU C 151 17.28 15.48 29.05
CA GLU C 151 18.41 14.66 29.44
C GLU C 151 19.74 15.34 29.24
N ARG C 152 19.73 16.63 28.91
CA ARG C 152 20.98 17.37 28.84
C ARG C 152 21.68 17.38 30.19
N ASP C 153 20.91 17.37 31.28
CA ASP C 153 21.49 17.41 32.62
C ASP C 153 22.25 16.13 32.93
N ILE C 154 21.58 14.99 32.85
CA ILE C 154 22.15 13.71 33.26
C ILE C 154 22.65 12.87 32.09
N GLN C 155 22.47 13.34 30.85
CA GLN C 155 23.14 12.75 29.69
C GLN C 155 23.77 13.85 28.84
N PRO C 156 24.82 14.51 29.34
CA PRO C 156 25.57 15.41 28.46
C PRO C 156 26.22 14.68 27.31
N GLU C 157 26.89 13.57 27.61
CA GLU C 157 27.74 12.91 26.63
C GLU C 157 26.94 12.28 25.49
N LYS C 158 25.62 12.17 25.64
CA LYS C 158 24.74 11.63 24.61
C LYS C 158 23.74 12.64 24.11
N PHE C 159 23.05 13.33 25.02
CA PHE C 159 22.06 14.34 24.69
C PHE C 159 22.44 15.69 25.28
N GLY C 160 23.72 16.02 25.21
CA GLY C 160 24.18 17.35 25.61
C GLY C 160 24.16 18.35 24.47
N SER C 161 23.42 18.06 23.42
CA SER C 161 23.32 18.96 22.27
C SER C 161 22.10 18.57 21.45
N ILE C 162 21.78 19.40 20.47
CA ILE C 162 20.60 19.26 19.62
C ILE C 162 20.81 18.17 18.58
N PRO C 163 21.80 18.26 17.69
CA PRO C 163 21.85 17.29 16.58
C PRO C 163 22.11 15.87 17.05
N GLN C 164 22.74 15.72 18.21
CA GLN C 164 22.83 14.39 18.83
C GLN C 164 21.45 13.83 19.10
N ALA C 165 20.46 14.69 19.33
CA ALA C 165 19.08 14.29 19.48
C ALA C 165 18.35 14.20 18.14
N MET C 166 18.68 15.09 17.20
CA MET C 166 18.17 14.93 15.84
C MET C 166 18.69 13.62 15.24
N TRP C 167 19.86 13.17 15.69
CA TRP C 167 20.33 11.84 15.34
C TRP C 167 19.37 10.78 15.84
N TRP C 168 19.08 10.79 17.15
CA TRP C 168 18.10 9.91 17.75
C TRP C 168 16.68 10.16 17.25
N ALA C 169 16.44 11.26 16.53
CA ALA C 169 15.12 11.52 15.97
C ALA C 169 14.80 10.55 14.84
N VAL C 170 15.61 10.60 13.78
CA VAL C 170 15.30 9.83 12.59
C VAL C 170 15.49 8.34 12.85
N VAL C 171 16.46 8.01 13.69
CA VAL C 171 16.62 6.63 14.12
C VAL C 171 15.36 6.17 14.84
N THR C 172 14.78 7.07 15.62
CA THR C 172 13.54 6.78 16.32
C THR C 172 12.32 6.92 15.43
N LEU C 173 12.41 7.76 14.40
CA LEU C 173 11.27 8.05 13.54
C LEU C 173 11.22 7.18 12.31
N SER C 174 12.38 6.87 11.73
CA SER C 174 12.45 6.16 10.46
C SER C 174 12.60 4.65 10.63
N THR C 175 11.98 4.07 11.64
CA THR C 175 11.71 2.64 11.74
C THR C 175 12.97 1.86 12.12
N THR C 176 14.06 2.51 12.48
CA THR C 176 15.37 1.84 12.49
C THR C 176 15.74 1.27 13.85
N GLY C 177 15.95 2.14 14.83
CA GLY C 177 16.31 1.69 16.15
C GLY C 177 17.68 1.03 16.22
N TYR C 178 18.73 1.82 16.02
CA TYR C 178 20.09 1.32 16.20
C TYR C 178 20.31 0.77 17.60
N GLY C 179 20.16 1.61 18.62
CA GLY C 179 20.31 1.18 19.99
C GLY C 179 21.59 1.67 20.65
N ASP C 180 22.01 2.89 20.32
CA ASP C 180 23.21 3.47 20.93
C ASP C 180 22.87 4.36 22.13
N THR C 181 21.90 5.25 21.99
CA THR C 181 21.61 6.28 22.98
C THR C 181 20.11 6.40 23.15
N ILE C 182 19.61 6.00 24.32
CA ILE C 182 18.17 5.91 24.58
C ILE C 182 17.91 6.60 25.92
N PRO C 183 16.74 7.19 26.14
CA PRO C 183 16.50 7.90 27.41
C PRO C 183 16.54 6.98 28.62
N GLN C 184 16.39 7.63 29.77
CA GLN C 184 16.29 6.98 31.08
C GLN C 184 15.09 7.46 31.88
N SER C 185 14.63 8.69 31.65
CA SER C 185 13.53 9.24 32.41
C SER C 185 12.19 8.81 31.83
N PHE C 186 11.11 9.35 32.40
CA PHE C 186 9.77 8.95 32.01
C PHE C 186 9.27 9.76 30.83
N ALA C 187 9.15 11.07 30.99
CA ALA C 187 8.45 11.90 30.02
C ALA C 187 9.15 11.89 28.67
N GLY C 188 10.48 11.86 28.68
CA GLY C 188 11.20 11.69 27.44
C GLY C 188 10.88 10.38 26.78
N ARG C 189 10.69 9.33 27.59
CA ARG C 189 10.22 8.07 27.04
C ARG C 189 8.75 8.13 26.66
N VAL C 190 7.95 9.00 27.28
CA VAL C 190 6.56 9.16 26.86
C VAL C 190 6.50 9.64 25.42
N LEU C 191 7.44 10.49 25.04
CA LEU C 191 7.35 11.19 23.76
C LEU C 191 7.40 10.22 22.60
N ALA C 192 8.13 9.11 22.75
CA ALA C 192 8.21 8.14 21.67
C ALA C 192 6.87 7.52 21.34
N GLY C 193 5.88 7.63 22.23
CA GLY C 193 4.57 7.06 21.98
C GLY C 193 3.91 7.59 20.72
N ALA C 194 4.28 8.80 20.29
CA ALA C 194 3.71 9.41 19.09
C ALA C 194 4.66 9.39 17.90
N VAL C 195 5.92 9.00 18.11
CA VAL C 195 6.92 9.15 17.06
C VAL C 195 6.75 8.07 16.02
N MET C 196 6.89 6.81 16.43
CA MET C 196 6.65 5.70 15.53
C MET C 196 5.24 5.74 14.98
N MET C 197 4.30 6.15 15.83
CA MET C 197 2.96 6.46 15.37
C MET C 197 3.00 7.46 14.22
N SER C 198 3.87 8.46 14.34
CA SER C 198 3.94 9.49 13.31
C SER C 198 4.65 8.98 12.06
N GLY C 199 5.93 8.61 12.19
CA GLY C 199 6.75 8.33 11.03
C GLY C 199 6.22 7.20 10.18
N ILE C 200 5.61 6.20 10.82
CA ILE C 200 4.98 5.13 10.06
C ILE C 200 3.72 5.64 9.38
N GLY C 201 3.12 6.70 9.89
CA GLY C 201 2.03 7.36 9.20
C GLY C 201 2.54 8.26 8.10
N ILE C 202 3.70 8.87 8.34
CA ILE C 202 4.28 9.77 7.35
C ILE C 202 4.73 8.99 6.14
N PHE C 203 5.68 8.07 6.34
CA PHE C 203 6.13 7.20 5.26
C PHE C 203 5.00 6.33 4.76
N GLY C 204 3.97 6.10 5.56
CA GLY C 204 2.75 5.51 5.05
C GLY C 204 2.17 6.32 3.90
N LEU C 205 2.33 7.64 3.95
CA LEU C 205 1.97 8.50 2.85
C LEU C 205 3.12 8.68 1.87
N TRP C 206 4.30 9.00 2.40
CA TRP C 206 5.37 9.54 1.56
C TRP C 206 5.86 8.52 0.55
N ALA C 207 6.24 7.34 1.01
CA ALA C 207 6.58 6.28 0.06
C ALA C 207 5.36 5.85 -0.74
N GLY C 208 4.16 6.05 -0.19
CA GLY C 208 2.95 5.80 -0.96
C GLY C 208 2.86 6.66 -2.20
N ILE C 209 3.41 7.88 -2.13
CA ILE C 209 3.44 8.76 -3.28
C ILE C 209 4.13 8.09 -4.46
N LEU C 210 5.19 7.32 -4.19
CA LEU C 210 5.94 6.71 -5.27
C LEU C 210 5.08 5.68 -6.00
N ALA C 211 4.65 4.64 -5.30
CA ALA C 211 3.86 3.59 -5.93
C ALA C 211 2.51 4.08 -6.44
N THR C 212 2.07 5.27 -6.02
CA THR C 212 0.74 5.78 -6.31
C THR C 212 0.42 5.83 -7.80
N GLY C 213 1.17 6.64 -8.54
CA GLY C 213 1.03 6.78 -9.98
C GLY C 213 2.20 6.21 -10.74
N PHE C 214 3.22 5.74 -10.03
CA PHE C 214 4.18 4.86 -10.64
C PHE C 214 3.48 3.69 -11.30
N TYR C 215 2.52 3.10 -10.60
CA TYR C 215 1.72 2.04 -11.20
C TYR C 215 0.90 2.55 -12.36
N GLN C 216 0.42 3.79 -12.28
CA GLN C 216 -0.24 4.39 -13.43
C GLN C 216 0.69 4.37 -14.63
N GLU C 217 1.95 4.72 -14.43
CA GLU C 217 2.90 4.76 -15.53
C GLU C 217 3.20 3.37 -16.05
N VAL C 218 3.31 2.39 -15.16
CA VAL C 218 3.57 1.03 -15.59
C VAL C 218 2.32 0.44 -16.22
N ARG C 219 1.14 0.72 -15.63
CA ARG C 219 -0.10 0.38 -16.30
C ARG C 219 -0.29 1.21 -17.54
N ARG C 220 0.37 2.37 -17.62
CA ARG C 220 0.38 3.14 -18.85
C ARG C 220 1.43 2.65 -19.83
N GLY C 221 2.57 2.19 -19.32
CA GLY C 221 3.58 1.61 -20.18
C GLY C 221 3.05 0.44 -20.97
N ASP C 222 2.08 -0.28 -20.40
CA ASP C 222 1.43 -1.39 -21.06
C ASP C 222 0.47 -0.96 -22.16
N PHE C 223 0.19 0.34 -22.29
CA PHE C 223 -0.64 0.86 -23.36
C PHE C 223 0.18 1.51 -24.46
N VAL C 224 1.02 2.46 -24.08
CA VAL C 224 1.83 3.20 -25.05
C VAL C 224 2.73 2.25 -25.84
N ARG C 225 3.23 1.20 -25.19
CA ARG C 225 4.00 0.18 -25.89
C ARG C 225 3.14 -0.79 -26.66
N ASN C 226 1.81 -0.65 -26.60
CA ASN C 226 0.91 -1.63 -27.17
C ASN C 226 -0.29 -1.02 -27.86
N TRP C 227 -0.32 0.31 -28.04
CA TRP C 227 -1.07 0.86 -29.16
C TRP C 227 -0.42 0.46 -30.48
N GLN C 228 0.85 0.08 -30.44
CA GLN C 228 1.43 -0.74 -31.48
C GLN C 228 0.82 -2.15 -31.41
N LEU C 229 1.11 -2.95 -32.43
CA LEU C 229 0.55 -4.29 -32.57
C LEU C 229 -0.98 -4.24 -32.61
N VAL C 230 -1.54 -3.15 -33.13
CA VAL C 230 -2.98 -2.96 -33.25
C VAL C 230 -3.42 -3.12 -34.70
N ALA C 231 -2.91 -2.27 -35.59
CA ALA C 231 -3.22 -2.38 -37.01
C ALA C 231 -2.67 -3.66 -37.63
N ALA C 232 -1.68 -4.29 -37.00
CA ALA C 232 -1.10 -5.50 -37.56
C ALA C 232 -2.11 -6.63 -37.67
N VAL C 233 -3.13 -6.63 -36.81
CA VAL C 233 -4.08 -7.73 -36.73
C VAL C 233 -5.09 -7.60 -37.87
N PRO C 234 -5.23 -8.58 -38.78
CA PRO C 234 -6.16 -8.39 -39.91
C PRO C 234 -7.62 -8.25 -39.51
N LEU C 235 -8.01 -8.60 -38.29
CA LEU C 235 -9.43 -8.68 -37.92
C LEU C 235 -9.95 -7.41 -37.26
N PHE C 236 -9.08 -6.48 -36.88
CA PHE C 236 -9.44 -5.41 -35.94
C PHE C 236 -9.87 -4.13 -36.63
N GLN C 237 -10.53 -4.23 -37.78
CA GLN C 237 -11.14 -3.07 -38.42
C GLN C 237 -12.54 -2.78 -37.91
N LYS C 238 -13.20 -3.77 -37.29
CA LYS C 238 -14.55 -3.60 -36.79
C LYS C 238 -14.61 -3.12 -35.35
N LEU C 239 -13.50 -3.18 -34.62
CA LEU C 239 -13.51 -2.84 -33.20
C LEU C 239 -13.89 -1.38 -32.99
N GLY C 240 -14.91 -1.15 -32.18
CA GLY C 240 -15.42 0.17 -31.92
C GLY C 240 -14.39 1.03 -31.22
N PRO C 241 -14.64 2.34 -31.12
CA PRO C 241 -13.64 3.23 -30.50
C PRO C 241 -13.37 2.91 -29.03
N ALA C 242 -14.42 2.85 -28.21
CA ALA C 242 -14.24 2.64 -26.79
C ALA C 242 -13.89 1.20 -26.42
N VAL C 243 -13.79 0.30 -27.40
CA VAL C 243 -13.57 -1.10 -27.11
C VAL C 243 -12.14 -1.33 -26.66
N LEU C 244 -11.19 -0.62 -27.27
CA LEU C 244 -9.78 -0.94 -27.09
C LEU C 244 -9.28 -0.47 -25.73
N VAL C 245 -9.77 0.68 -25.26
CA VAL C 245 -9.35 1.20 -23.96
C VAL C 245 -9.67 0.20 -22.86
N GLU C 246 -10.76 -0.54 -23.01
CA GLU C 246 -11.10 -1.58 -22.07
C GLU C 246 -10.07 -2.69 -22.07
N ILE C 247 -9.42 -2.92 -23.21
CA ILE C 247 -8.72 -4.16 -23.48
C ILE C 247 -7.23 -4.01 -23.22
N VAL C 248 -6.62 -2.98 -23.82
CA VAL C 248 -5.17 -2.88 -23.87
C VAL C 248 -4.57 -2.69 -22.49
N ARG C 249 -5.38 -2.35 -21.48
CA ARG C 249 -4.91 -2.33 -20.10
C ARG C 249 -4.30 -3.67 -19.72
N ALA C 250 -4.89 -4.78 -20.17
CA ALA C 250 -4.45 -6.11 -19.79
C ALA C 250 -3.42 -6.68 -20.74
N LEU C 251 -3.52 -6.36 -22.03
CA LEU C 251 -2.63 -6.96 -23.03
C LEU C 251 -1.21 -6.47 -22.82
N ARG C 252 -0.30 -7.41 -22.51
CA ARG C 252 1.13 -7.15 -22.52
C ARG C 252 1.77 -7.90 -23.68
N ALA C 253 2.81 -7.30 -24.24
CA ALA C 253 3.61 -7.90 -25.30
C ALA C 253 4.99 -8.23 -24.78
N ARG C 254 5.46 -9.45 -25.05
CA ARG C 254 6.84 -9.82 -24.81
C ARG C 254 7.32 -10.72 -25.94
N THR C 255 8.63 -10.95 -25.96
CA THR C 255 9.28 -11.76 -26.99
C THR C 255 9.75 -13.07 -26.39
N VAL C 256 9.54 -14.15 -27.13
CA VAL C 256 10.06 -15.47 -26.79
C VAL C 256 11.19 -15.75 -27.76
N PRO C 257 12.26 -16.43 -27.37
CA PRO C 257 13.33 -16.76 -28.32
C PRO C 257 13.05 -18.06 -29.08
N ALA C 258 13.85 -18.30 -30.11
CA ALA C 258 13.77 -19.53 -30.85
C ALA C 258 14.15 -20.71 -29.96
N GLY C 259 13.48 -21.85 -30.19
CA GLY C 259 13.75 -23.07 -29.47
C GLY C 259 12.98 -23.22 -28.17
N ALA C 260 12.45 -22.13 -27.62
CA ALA C 260 11.71 -22.21 -26.38
C ALA C 260 10.32 -22.81 -26.61
N VAL C 261 9.69 -23.23 -25.52
CA VAL C 261 8.35 -23.76 -25.53
C VAL C 261 7.38 -22.61 -25.31
N ILE C 262 6.18 -22.71 -25.90
CA ILE C 262 5.16 -21.68 -25.79
C ILE C 262 4.01 -22.16 -24.92
N CYS C 263 3.34 -23.24 -25.31
CA CYS C 263 2.38 -23.91 -24.45
C CYS C 263 2.51 -25.41 -24.65
N ARG C 264 2.69 -26.13 -23.55
CA ARG C 264 2.92 -27.57 -23.60
C ARG C 264 1.60 -28.32 -23.63
N ILE C 265 1.56 -29.41 -24.40
CA ILE C 265 0.33 -30.16 -24.56
C ILE C 265 -0.11 -30.76 -23.24
N GLY C 266 -1.41 -30.73 -22.98
CA GLY C 266 -2.00 -31.37 -21.83
C GLY C 266 -2.06 -30.50 -20.58
N GLU C 267 -1.28 -29.44 -20.53
CA GLU C 267 -1.36 -28.52 -19.41
C GLU C 267 -2.70 -27.79 -19.46
N PRO C 268 -3.20 -27.29 -18.32
CA PRO C 268 -4.56 -26.75 -18.31
C PRO C 268 -4.65 -25.48 -19.15
N GLY C 269 -5.58 -25.49 -20.11
CA GLY C 269 -5.77 -24.35 -20.98
C GLY C 269 -6.21 -23.14 -20.18
N ASP C 270 -5.29 -22.17 -20.01
CA ASP C 270 -5.52 -21.01 -19.17
C ASP C 270 -5.32 -19.69 -19.88
N ARG C 271 -4.93 -19.69 -21.16
CA ARG C 271 -4.60 -18.45 -21.83
C ARG C 271 -4.54 -18.69 -23.33
N MET C 272 -4.73 -17.60 -24.09
CA MET C 272 -4.58 -17.62 -25.53
C MET C 272 -3.71 -16.43 -25.95
N PHE C 273 -3.01 -16.60 -27.07
CA PHE C 273 -2.02 -15.64 -27.53
C PHE C 273 -2.40 -15.11 -28.91
N PHE C 274 -1.82 -13.96 -29.26
CA PHE C 274 -1.89 -13.40 -30.61
C PHE C 274 -0.49 -13.30 -31.16
N VAL C 275 -0.19 -14.13 -32.16
CA VAL C 275 1.05 -13.98 -32.92
C VAL C 275 0.93 -12.77 -33.82
N VAL C 276 2.01 -11.98 -33.89
CA VAL C 276 2.09 -10.86 -34.82
C VAL C 276 3.35 -10.87 -35.65
N GLU C 277 4.42 -11.53 -35.23
CA GLU C 277 5.63 -11.60 -36.04
C GLU C 277 6.50 -12.74 -35.54
N GLY C 278 6.95 -13.59 -36.46
CA GLY C 278 7.76 -14.74 -36.15
C GLY C 278 7.14 -16.01 -36.68
N SER C 279 7.51 -17.15 -36.10
CA SER C 279 6.93 -18.43 -36.49
C SER C 279 6.94 -19.36 -35.29
N VAL C 280 6.06 -20.36 -35.33
CA VAL C 280 5.80 -21.25 -34.20
C VAL C 280 6.10 -22.68 -34.61
N SER C 281 5.95 -23.61 -33.66
CA SER C 281 5.94 -25.05 -33.96
C SER C 281 4.71 -25.63 -33.28
N VAL C 282 3.57 -25.57 -33.97
CA VAL C 282 2.34 -26.16 -33.46
C VAL C 282 2.50 -27.67 -33.64
N ALA C 283 2.89 -28.36 -32.57
CA ALA C 283 3.33 -29.74 -32.70
C ALA C 283 2.17 -30.66 -33.03
N THR C 284 2.06 -31.03 -34.29
CA THR C 284 1.02 -31.90 -34.82
C THR C 284 1.67 -32.81 -35.85
N PRO C 285 0.94 -33.82 -36.36
CA PRO C 285 1.52 -34.64 -37.44
C PRO C 285 1.90 -33.82 -38.66
N ASN C 286 1.03 -32.90 -39.08
CA ASN C 286 1.36 -31.85 -40.03
C ASN C 286 1.49 -30.55 -39.25
N PRO C 287 2.70 -30.10 -38.90
CA PRO C 287 2.83 -28.88 -38.09
C PRO C 287 2.22 -27.66 -38.79
N VAL C 288 1.21 -27.09 -38.15
CA VAL C 288 0.53 -25.91 -38.69
C VAL C 288 1.38 -24.71 -38.26
N GLU C 289 2.42 -24.46 -39.05
CA GLU C 289 3.42 -23.44 -38.72
C GLU C 289 2.87 -22.07 -39.09
N LEU C 290 2.32 -21.37 -38.10
CA LEU C 290 1.65 -20.09 -38.32
C LEU C 290 2.64 -18.96 -38.14
N GLY C 291 2.52 -17.94 -38.97
CA GLY C 291 3.49 -16.88 -39.06
C GLY C 291 2.98 -15.57 -38.48
N PRO C 292 3.48 -14.44 -38.98
CA PRO C 292 3.04 -13.13 -38.46
C PRO C 292 1.54 -12.94 -38.59
N GLY C 293 0.89 -12.66 -37.45
CA GLY C 293 -0.51 -12.32 -37.43
C GLY C 293 -1.44 -13.50 -37.23
N ALA C 294 -1.22 -14.27 -36.17
CA ALA C 294 -2.01 -15.46 -35.88
C ALA C 294 -2.32 -15.54 -34.38
N PHE C 295 -3.06 -16.57 -33.98
CA PHE C 295 -3.50 -16.71 -32.60
C PHE C 295 -3.81 -18.18 -32.31
N PHE C 296 -3.98 -18.49 -31.03
CA PHE C 296 -4.34 -19.85 -30.62
C PHE C 296 -4.71 -19.87 -29.15
N GLY C 297 -5.68 -20.72 -28.82
CA GLY C 297 -6.08 -20.96 -27.45
C GLY C 297 -7.59 -21.04 -27.30
N GLU C 298 -8.32 -20.40 -28.23
CA GLU C 298 -9.78 -20.51 -28.26
C GLU C 298 -10.25 -21.95 -28.27
N MET C 299 -9.47 -22.87 -28.85
CA MET C 299 -9.78 -24.28 -28.77
C MET C 299 -9.87 -24.76 -27.33
N ALA C 300 -9.02 -24.24 -26.46
CA ALA C 300 -8.95 -24.64 -25.06
C ALA C 300 -9.83 -23.79 -24.15
N LEU C 301 -10.28 -22.62 -24.60
CA LEU C 301 -11.04 -21.71 -23.74
C LEU C 301 -12.54 -21.85 -23.94
N ILE C 302 -12.99 -21.93 -25.19
CA ILE C 302 -14.41 -22.11 -25.45
C ILE C 302 -14.86 -23.46 -24.89
N SER C 303 -13.96 -24.44 -24.87
CA SER C 303 -14.22 -25.74 -24.27
C SER C 303 -13.73 -25.84 -22.84
N GLY C 304 -12.78 -25.00 -22.44
CA GLY C 304 -12.22 -25.06 -21.11
C GLY C 304 -11.46 -26.36 -20.88
N GLU C 305 -10.54 -26.67 -21.78
CA GLU C 305 -9.85 -27.95 -21.84
C GLU C 305 -8.35 -27.76 -21.78
N PRO C 306 -7.58 -28.86 -21.68
CA PRO C 306 -6.13 -28.73 -21.82
C PRO C 306 -5.71 -28.36 -23.23
N ARG C 307 -4.40 -28.28 -23.46
CA ARG C 307 -3.88 -27.83 -24.74
C ARG C 307 -4.09 -28.86 -25.83
N SER C 308 -4.27 -28.38 -27.04
CA SER C 308 -4.43 -29.22 -28.22
C SER C 308 -3.12 -29.43 -28.99
N ALA C 309 -2.02 -28.81 -28.55
CA ALA C 309 -0.77 -28.93 -29.27
C ALA C 309 0.36 -28.38 -28.44
N THR C 310 1.51 -29.05 -28.48
CA THR C 310 2.74 -28.54 -27.85
C THR C 310 3.28 -27.46 -28.77
N VAL C 311 2.77 -26.25 -28.61
CA VAL C 311 3.27 -25.11 -29.37
C VAL C 311 4.59 -24.68 -28.73
N SER C 312 5.65 -24.63 -29.54
CA SER C 312 6.95 -24.17 -29.11
C SER C 312 7.49 -23.16 -30.11
N ALA C 313 8.37 -22.28 -29.63
CA ALA C 313 8.91 -21.21 -30.45
C ALA C 313 9.84 -21.76 -31.51
N ALA C 314 9.34 -21.90 -32.74
CA ALA C 314 10.21 -22.27 -33.84
C ALA C 314 11.25 -21.20 -34.11
N THR C 315 10.89 -19.93 -33.89
CA THR C 315 11.80 -18.80 -34.06
C THR C 315 11.54 -17.81 -32.94
N THR C 316 12.24 -16.68 -32.96
CA THR C 316 11.99 -15.61 -32.02
C THR C 316 10.71 -14.90 -32.42
N VAL C 317 9.69 -14.99 -31.56
CA VAL C 317 8.35 -14.47 -31.85
C VAL C 317 8.08 -13.30 -30.92
N SER C 318 7.57 -12.21 -31.48
CA SER C 318 7.07 -11.08 -30.68
C SER C 318 5.66 -11.43 -30.25
N LEU C 319 5.50 -11.84 -28.99
CA LEU C 319 4.26 -12.43 -28.52
C LEU C 319 3.35 -11.39 -27.88
N LEU C 320 2.05 -11.66 -27.99
CA LEU C 320 1.03 -11.07 -27.15
C LEU C 320 0.40 -12.17 -26.30
N SER C 321 -0.54 -11.79 -25.44
CA SER C 321 -1.16 -12.79 -24.58
C SER C 321 -2.46 -12.25 -24.00
N LEU C 322 -3.30 -13.18 -23.56
CA LEU C 322 -4.63 -12.85 -23.08
C LEU C 322 -5.26 -14.00 -22.31
N HIS C 323 -5.72 -13.75 -21.09
CA HIS C 323 -6.50 -14.75 -20.35
C HIS C 323 -7.98 -14.68 -20.73
N SER C 324 -8.75 -15.66 -20.23
CA SER C 324 -10.10 -15.94 -20.69
C SER C 324 -11.05 -14.77 -20.50
N ALA C 325 -11.31 -14.40 -19.24
CA ALA C 325 -12.20 -13.31 -18.83
C ALA C 325 -12.21 -12.12 -19.78
N ASP C 326 -11.02 -11.62 -20.11
CA ASP C 326 -10.91 -10.50 -21.05
C ASP C 326 -11.20 -10.93 -22.49
N PHE C 327 -11.15 -12.23 -22.77
CA PHE C 327 -11.59 -12.78 -24.04
C PHE C 327 -13.05 -13.23 -23.97
N GLN C 328 -13.44 -13.83 -22.85
CA GLN C 328 -14.84 -13.92 -22.49
C GLN C 328 -15.49 -12.54 -22.50
N MET C 329 -14.74 -11.51 -22.07
CA MET C 329 -15.21 -10.14 -22.23
C MET C 329 -15.43 -9.83 -23.70
N LEU C 330 -14.49 -10.26 -24.55
CA LEU C 330 -14.64 -10.05 -25.98
C LEU C 330 -15.76 -10.90 -26.55
N CYS C 331 -15.83 -12.17 -26.14
CA CYS C 331 -16.93 -13.02 -26.57
C CYS C 331 -18.26 -12.48 -26.08
N SER C 332 -18.26 -11.85 -24.91
CA SER C 332 -19.45 -11.18 -24.42
C SER C 332 -19.65 -9.83 -25.12
N SER C 333 -18.57 -9.22 -25.60
CA SER C 333 -18.64 -7.87 -26.16
C SER C 333 -19.39 -7.81 -27.47
N SER C 334 -19.23 -8.81 -28.35
CA SER C 334 -19.81 -8.75 -29.69
C SER C 334 -20.07 -10.15 -30.24
N PRO C 335 -21.30 -10.48 -30.69
CA PRO C 335 -21.50 -11.75 -31.40
C PRO C 335 -20.83 -11.82 -32.76
N GLU C 336 -20.47 -10.68 -33.35
CA GLU C 336 -19.85 -10.69 -34.68
C GLU C 336 -18.52 -11.42 -34.68
N ILE C 337 -17.83 -11.46 -33.55
CA ILE C 337 -16.48 -12.00 -33.49
C ILE C 337 -16.48 -13.48 -33.17
N ALA C 338 -17.43 -13.95 -32.35
CA ALA C 338 -17.48 -15.37 -32.01
C ALA C 338 -17.79 -16.25 -33.22
N GLU C 339 -18.36 -15.69 -34.28
CA GLU C 339 -18.64 -16.46 -35.48
C GLU C 339 -17.35 -17.03 -36.06
N ILE C 340 -16.33 -16.19 -36.21
CA ILE C 340 -15.06 -16.67 -36.76
C ILE C 340 -14.38 -17.62 -35.80
N PHE C 341 -14.37 -17.30 -34.50
CA PHE C 341 -13.73 -18.16 -33.53
C PHE C 341 -14.54 -19.42 -33.25
N ARG C 342 -15.78 -19.48 -33.74
CA ARG C 342 -16.49 -20.75 -33.80
C ARG C 342 -15.98 -21.59 -34.96
N LYS C 343 -15.91 -20.99 -36.15
CA LYS C 343 -15.34 -21.68 -37.31
C LYS C 343 -13.89 -22.08 -37.02
N THR C 344 -13.13 -21.18 -36.40
CA THR C 344 -11.74 -21.47 -36.06
C THR C 344 -11.63 -22.67 -35.12
N ALA C 345 -12.60 -22.82 -34.21
CA ALA C 345 -12.64 -23.98 -33.35
C ALA C 345 -13.14 -25.23 -34.05
N LEU C 346 -13.44 -25.15 -35.35
CA LEU C 346 -13.72 -26.31 -36.19
C LEU C 346 -12.68 -26.50 -37.28
N GLU C 347 -12.19 -25.40 -37.86
CA GLU C 347 -11.13 -25.49 -38.85
C GLU C 347 -9.86 -26.06 -38.23
N ARG C 348 -9.41 -25.49 -37.11
CA ARG C 348 -8.17 -25.92 -36.49
C ARG C 348 -8.24 -27.33 -35.92
N ARG C 349 -9.44 -27.87 -35.70
CA ARG C 349 -9.54 -29.27 -35.27
C ARG C 349 -9.11 -30.20 -36.39
N GLY C 350 -9.57 -29.93 -37.62
CA GLY C 350 -9.20 -30.72 -38.77
C GLY C 350 -7.91 -30.24 -39.40
N ALA C 351 -7.68 -28.93 -39.36
CA ALA C 351 -6.48 -28.35 -39.93
C ALA C 351 -5.22 -28.66 -39.11
N ALA C 352 -5.38 -29.06 -37.84
CA ALA C 352 -4.20 -29.39 -37.03
C ALA C 352 -3.53 -30.66 -37.52
N ALA C 353 -4.29 -31.75 -37.63
CA ALA C 353 -3.73 -33.00 -38.13
C ALA C 353 -3.44 -32.91 -39.62
N SER C 354 -4.37 -32.33 -40.38
CA SER C 354 -4.17 -32.11 -41.80
C SER C 354 -3.33 -30.85 -42.01
N ALA C 355 -3.26 -30.41 -43.27
CA ALA C 355 -2.56 -29.17 -43.60
C ALA C 355 -3.50 -27.98 -43.55
N MET D 1 3.98 11.92 -14.40
CA MET D 1 4.67 11.58 -15.68
C MET D 1 4.32 12.47 -16.88
N SER D 2 3.46 13.49 -16.69
CA SER D 2 2.82 14.17 -17.81
C SER D 2 2.76 15.68 -17.62
N VAL D 3 3.65 16.24 -16.80
CA VAL D 3 3.53 17.64 -16.38
C VAL D 3 4.91 18.27 -16.34
N LEU D 4 4.95 19.58 -16.56
CA LEU D 4 6.18 20.39 -16.52
C LEU D 4 6.10 21.35 -15.34
N PRO D 5 6.37 20.89 -14.12
CA PRO D 5 6.32 21.79 -12.95
C PRO D 5 7.58 22.61 -12.82
N PHE D 6 7.44 23.93 -12.94
CA PHE D 6 8.59 24.82 -12.94
C PHE D 6 8.17 26.14 -12.29
N LEU D 7 9.10 27.11 -12.30
CA LEU D 7 8.96 28.35 -11.55
C LEU D 7 8.81 28.07 -10.06
N ARG D 8 9.90 27.53 -9.49
CA ARG D 8 10.23 27.59 -8.08
C ARG D 8 9.04 27.38 -7.14
N ILE D 9 8.43 26.19 -7.18
CA ILE D 9 7.29 25.88 -6.32
C ILE D 9 7.58 26.19 -4.86
N TYR D 10 8.85 26.08 -4.46
CA TYR D 10 9.34 26.52 -3.16
C TYR D 10 9.82 27.97 -3.26
N ALA D 11 8.91 28.85 -3.74
CA ALA D 11 9.28 30.21 -4.13
C ALA D 11 9.57 31.14 -2.97
N PRO D 12 8.60 31.40 -2.07
CA PRO D 12 8.71 32.57 -1.19
C PRO D 12 9.87 32.46 -0.21
N LEU D 13 10.64 33.54 -0.12
CA LEU D 13 11.76 33.59 0.83
C LEU D 13 11.28 33.53 2.27
N ASN D 14 10.00 33.78 2.53
CA ASN D 14 9.46 33.55 3.87
C ASN D 14 9.68 32.11 4.30
N ALA D 15 9.58 31.18 3.35
CA ALA D 15 9.84 29.78 3.63
C ALA D 15 11.32 29.46 3.62
N VAL D 16 12.08 30.15 2.77
CA VAL D 16 13.47 29.77 2.52
C VAL D 16 14.32 29.96 3.77
N LEU D 17 13.97 30.92 4.62
CA LEU D 17 14.87 31.36 5.67
C LEU D 17 14.70 30.57 6.96
N ALA D 18 13.65 29.77 7.08
CA ALA D 18 13.52 28.93 8.27
C ALA D 18 14.63 27.91 8.34
N ALA D 19 14.97 27.29 7.21
CA ALA D 19 15.99 26.24 7.20
C ALA D 19 17.35 26.75 7.67
N PRO D 20 17.97 27.75 7.03
CA PRO D 20 19.25 28.24 7.56
C PRO D 20 19.09 28.93 8.90
N GLY D 21 17.90 29.45 9.18
CA GLY D 21 17.70 30.17 10.42
C GLY D 21 17.84 29.29 11.64
N LEU D 22 17.38 28.05 11.54
CA LEU D 22 17.37 27.16 12.69
C LEU D 22 18.70 26.43 12.84
N LEU D 23 19.48 26.35 11.76
CA LEU D 23 20.82 25.79 11.87
C LEU D 23 21.77 26.74 12.56
N ALA D 24 21.39 28.01 12.71
CA ALA D 24 22.12 28.93 13.57
C ALA D 24 22.08 28.50 15.03
N VAL D 25 21.13 27.64 15.39
CA VAL D 25 20.89 27.34 16.79
C VAL D 25 22.06 26.55 17.38
N ALA D 26 22.49 25.51 16.67
CA ALA D 26 23.24 24.43 17.30
C ALA D 26 24.60 24.89 17.82
N ALA D 27 25.25 25.82 17.13
CA ALA D 27 26.59 26.24 17.54
C ALA D 27 26.56 26.87 18.93
N LEU D 28 25.47 27.54 19.28
CA LEU D 28 25.31 28.04 20.64
C LEU D 28 25.17 26.91 21.65
N THR D 29 24.80 25.71 21.20
CA THR D 29 24.43 24.62 22.08
C THR D 29 25.62 23.80 22.54
N ILE D 30 26.85 24.27 22.27
CA ILE D 30 28.03 23.42 22.28
C ILE D 30 29.09 24.08 23.17
N PRO D 31 29.71 23.36 24.11
CA PRO D 31 30.80 23.98 24.89
C PRO D 31 32.04 24.19 24.04
N ASP D 32 32.98 24.95 24.63
CA ASP D 32 34.30 25.17 24.06
C ASP D 32 34.24 25.83 22.68
N MET D 33 33.19 26.61 22.44
CA MET D 33 32.97 27.28 21.17
C MET D 33 33.44 28.72 21.27
N SER D 34 34.16 29.17 20.25
CA SER D 34 34.69 30.52 20.24
C SER D 34 33.56 31.53 20.12
N GLY D 35 33.70 32.64 20.84
CA GLY D 35 32.71 33.70 20.81
C GLY D 35 32.58 34.42 19.49
N ARG D 36 33.49 34.18 18.54
CA ARG D 36 33.50 34.91 17.28
C ARG D 36 32.22 34.67 16.49
N SER D 37 32.03 33.44 16.03
CA SER D 37 30.83 33.09 15.29
C SER D 37 29.65 32.80 16.22
N ARG D 38 29.90 32.71 17.53
CA ARG D 38 28.85 32.45 18.51
C ARG D 38 27.72 33.45 18.36
N LEU D 39 28.07 34.73 18.25
CA LEU D 39 27.09 35.79 18.07
C LEU D 39 26.89 36.16 16.61
N ALA D 40 27.80 35.75 15.74
CA ALA D 40 27.65 36.08 14.32
C ALA D 40 26.39 35.46 13.76
N LEU D 41 26.03 34.27 14.24
CA LEU D 41 24.79 33.64 13.82
C LEU D 41 23.59 34.27 14.51
N ALA D 42 23.78 34.86 15.69
CA ALA D 42 22.69 35.59 16.33
C ALA D 42 22.27 36.78 15.49
N ALA D 43 23.21 37.33 14.71
CA ALA D 43 22.84 38.35 13.75
C ALA D 43 21.84 37.79 12.75
N LEU D 44 22.20 36.65 12.14
CA LEU D 44 21.33 36.04 11.13
C LEU D 44 19.94 35.78 11.68
N LEU D 45 19.84 35.47 12.98
CA LEU D 45 18.53 35.46 13.61
C LEU D 45 17.93 36.85 13.59
N ALA D 46 18.72 37.86 13.96
CA ALA D 46 18.23 39.22 13.90
C ALA D 46 17.91 39.63 12.48
N VAL D 47 18.63 39.06 11.51
CA VAL D 47 18.31 39.31 10.11
C VAL D 47 16.95 38.72 9.80
N ILE D 48 16.78 37.43 10.10
CA ILE D 48 15.50 36.77 9.85
C ILE D 48 14.41 37.43 10.67
N TRP D 49 14.76 37.85 11.89
CA TRP D 49 13.85 38.68 12.67
C TRP D 49 13.51 39.93 11.90
N GLY D 50 14.53 40.74 11.60
CA GLY D 50 14.32 41.96 10.86
C GLY D 50 13.72 41.74 9.49
N ALA D 51 14.00 40.58 8.89
CA ALA D 51 13.55 40.34 7.53
C ALA D 51 12.05 40.12 7.48
N TYR D 52 11.56 39.17 8.27
CA TYR D 52 10.12 38.98 8.37
C TYR D 52 9.49 40.22 8.97
N LEU D 53 10.15 40.81 9.96
CA LEU D 53 9.68 42.05 10.56
C LEU D 53 9.61 43.16 9.54
N LEU D 54 10.57 43.22 8.62
CA LEU D 54 10.43 44.11 7.47
C LEU D 54 9.25 43.69 6.62
N GLN D 55 9.12 42.38 6.37
CA GLN D 55 7.98 41.87 5.63
C GLN D 55 6.71 42.01 6.43
N LEU D 56 6.81 42.05 7.76
CA LEU D 56 5.65 41.96 8.63
C LEU D 56 4.64 43.07 8.34
N ALA D 57 5.07 44.32 8.50
CA ALA D 57 4.16 45.45 8.38
C ALA D 57 3.51 45.51 7.00
N ALA D 58 4.24 45.09 5.96
CA ALA D 58 3.64 45.01 4.64
C ALA D 58 2.47 44.03 4.64
N THR D 59 2.57 42.97 5.43
CA THR D 59 1.45 42.06 5.58
C THR D 59 0.37 42.67 6.45
N LEU D 60 0.76 43.40 7.50
CA LEU D 60 -0.23 44.09 8.32
C LEU D 60 -0.89 45.22 7.56
N LEU D 61 -0.28 45.68 6.47
CA LEU D 61 -0.98 46.49 5.48
C LEU D 61 -1.89 45.53 4.73
N LYS D 62 -3.02 45.21 5.35
CA LYS D 62 -4.04 44.38 4.74
C LYS D 62 -5.20 45.21 4.20
N ARG D 63 -4.90 46.39 3.69
CA ARG D 63 -5.85 47.13 2.88
C ARG D 63 -5.74 46.77 1.40
N ARG D 64 -4.85 45.84 1.06
CA ARG D 64 -4.81 45.28 -0.28
C ARG D 64 -5.82 44.14 -0.37
N ALA D 65 -6.67 44.17 -1.41
CA ALA D 65 -7.70 43.14 -1.62
C ALA D 65 -8.63 43.03 -0.41
N GLY D 66 -8.87 44.15 0.27
CA GLY D 66 -9.66 44.15 1.48
C GLY D 66 -11.15 44.24 1.23
N VAL D 67 -11.75 43.12 0.82
CA VAL D 67 -13.20 42.99 0.62
C VAL D 67 -13.80 41.97 1.59
N VAL D 68 -13.38 40.70 1.50
CA VAL D 68 -13.74 39.63 2.43
C VAL D 68 -12.58 38.65 2.41
N ARG D 69 -11.98 38.38 3.57
CA ARG D 69 -10.83 37.49 3.65
C ARG D 69 -10.81 36.78 5.00
N ASP D 70 -10.16 35.61 5.01
CA ASP D 70 -10.05 34.75 6.19
C ASP D 70 -8.56 34.48 6.40
N ARG D 71 -7.87 35.41 7.08
CA ARG D 71 -6.42 35.40 7.21
C ARG D 71 -5.98 35.19 8.66
N THR D 72 -6.88 34.71 9.51
CA THR D 72 -6.44 34.12 10.78
C THR D 72 -5.32 33.10 10.58
N PRO D 73 -5.32 32.26 9.54
CA PRO D 73 -4.17 31.37 9.37
C PRO D 73 -2.87 32.10 9.07
N LYS D 74 -2.86 32.93 8.02
CA LYS D 74 -1.61 33.49 7.54
C LYS D 74 -1.00 34.48 8.51
N ILE D 75 -1.79 34.99 9.45
CA ILE D 75 -1.32 35.99 10.40
C ILE D 75 -0.92 35.34 11.72
N ALA D 76 -1.36 34.11 11.99
CA ALA D 76 -1.21 33.51 13.31
C ALA D 76 0.24 33.36 13.75
N ILE D 77 1.19 33.42 12.82
CA ILE D 77 2.59 33.15 13.12
C ILE D 77 3.42 34.42 12.98
N ASP D 78 3.09 35.22 11.96
CA ASP D 78 3.80 36.47 11.70
C ASP D 78 3.80 37.36 12.92
N VAL D 79 2.69 37.37 13.64
CA VAL D 79 2.60 38.10 14.90
C VAL D 79 3.65 37.56 15.86
N LEU D 80 3.59 36.27 16.16
CA LEU D 80 4.55 35.66 17.06
C LEU D 80 5.91 35.48 16.43
N ALA D 81 6.03 35.67 15.12
CA ALA D 81 7.33 35.53 14.46
C ALA D 81 8.37 36.49 15.02
N VAL D 82 7.93 37.64 15.54
CA VAL D 82 8.81 38.68 16.05
C VAL D 82 8.61 38.92 17.53
N LEU D 83 7.42 38.67 18.07
CA LEU D 83 7.17 38.96 19.47
C LEU D 83 7.90 37.99 20.38
N VAL D 84 7.87 36.72 20.03
CA VAL D 84 8.36 35.67 20.92
C VAL D 84 9.87 35.79 21.07
N PRO D 85 10.64 36.00 20.00
CA PRO D 85 12.06 36.32 20.20
C PRO D 85 12.27 37.55 21.07
N LEU D 86 11.36 38.52 20.96
CA LEU D 86 11.57 39.81 21.62
C LEU D 86 11.43 39.68 23.13
N ALA D 87 10.30 39.15 23.59
CA ALA D 87 10.13 38.90 25.01
C ALA D 87 11.16 37.90 25.51
N ALA D 88 11.53 36.96 24.65
CA ALA D 88 12.59 36.02 25.00
C ALA D 88 13.92 36.74 25.15
N PHE D 89 14.14 37.80 24.38
CA PHE D 89 15.44 38.46 24.36
C PHE D 89 15.78 39.10 25.69
N LEU D 90 14.78 39.52 26.46
CA LEU D 90 14.99 40.28 27.69
C LEU D 90 14.80 39.44 28.94
N LEU D 91 13.65 38.78 29.07
CA LEU D 91 13.35 38.04 30.28
C LEU D 91 14.34 36.90 30.48
N ASP D 92 14.64 36.16 29.42
CA ASP D 92 15.59 35.05 29.48
C ASP D 92 16.97 35.60 29.11
N GLY D 93 17.61 36.23 30.09
CA GLY D 93 18.89 36.87 29.85
C GLY D 93 19.98 35.89 29.47
N SER D 94 19.97 34.71 30.08
CA SER D 94 20.91 33.66 29.72
C SER D 94 20.69 33.24 28.27
N PRO D 95 21.65 32.52 27.66
CA PRO D 95 21.51 32.17 26.23
C PRO D 95 20.29 31.33 25.90
N ASP D 96 19.58 30.81 26.90
CA ASP D 96 18.38 30.01 26.70
C ASP D 96 17.31 30.71 25.87
N TRP D 97 17.38 32.04 25.70
CA TRP D 97 16.41 32.75 24.85
C TRP D 97 16.40 32.18 23.43
N SER D 98 17.53 31.67 22.97
CA SER D 98 17.59 31.00 21.67
C SER D 98 16.66 29.80 21.59
N LEU D 99 16.28 29.22 22.73
CA LEU D 99 15.40 28.07 22.73
C LEU D 99 14.00 28.39 22.22
N TYR D 100 13.69 29.67 21.98
CA TYR D 100 12.46 30.04 21.30
C TYR D 100 12.62 30.07 19.79
N CYS D 101 13.58 29.30 19.27
CA CYS D 101 13.59 28.96 17.86
C CYS D 101 12.71 27.77 17.53
N ALA D 102 11.81 27.39 18.45
CA ALA D 102 10.71 26.50 18.11
C ALA D 102 9.58 27.24 17.42
N VAL D 103 9.78 28.50 17.06
CA VAL D 103 8.72 29.38 16.63
C VAL D 103 8.64 29.45 15.12
N TRP D 104 9.80 29.59 14.48
CA TRP D 104 9.83 29.68 13.03
C TRP D 104 9.39 28.39 12.36
N LEU D 105 9.35 27.27 13.10
CA LEU D 105 8.98 25.99 12.50
C LEU D 105 7.60 26.01 11.87
N LEU D 106 6.72 26.94 12.26
CA LEU D 106 5.43 27.09 11.62
C LEU D 106 5.49 27.94 10.36
N LYS D 107 6.54 28.75 10.21
CA LYS D 107 6.65 29.59 9.04
C LYS D 107 6.68 28.81 7.74
N PRO D 108 7.34 27.66 7.64
CA PRO D 108 7.04 26.77 6.51
C PRO D 108 5.57 26.43 6.46
N LEU D 109 5.01 26.03 7.59
CA LEU D 109 3.59 25.69 7.64
C LEU D 109 2.70 26.90 7.46
N ARG D 110 3.25 28.12 7.57
CA ARG D 110 2.46 29.29 7.21
C ARG D 110 2.07 29.18 5.75
N ASP D 111 3.05 29.35 4.86
CA ASP D 111 2.81 29.17 3.43
C ASP D 111 3.20 27.76 3.02
N SER D 112 2.55 26.79 3.67
CA SER D 112 2.54 25.42 3.19
C SER D 112 1.13 25.13 2.71
N THR D 113 0.86 25.49 1.47
CA THR D 113 -0.15 24.75 0.74
C THR D 113 0.30 23.30 0.71
N PHE D 114 -0.68 22.39 0.62
CA PHE D 114 -0.59 20.94 0.84
C PHE D 114 -0.65 20.58 2.33
N PHE D 115 -0.51 21.54 3.25
CA PHE D 115 -0.74 21.23 4.66
C PHE D 115 -2.22 21.32 5.03
N PRO D 116 -2.98 22.32 4.56
CA PRO D 116 -4.43 22.23 4.74
C PRO D 116 -5.05 21.06 4.03
N VAL D 117 -4.45 20.66 2.90
CA VAL D 117 -4.90 19.47 2.19
C VAL D 117 -4.79 18.25 3.11
N LEU D 118 -3.75 18.20 3.92
CA LEU D 118 -3.63 17.15 4.92
C LEU D 118 -4.76 17.24 5.94
N GLY D 119 -4.83 18.37 6.64
CA GLY D 119 -5.78 18.51 7.73
C GLY D 119 -7.23 18.40 7.31
N ARG D 120 -7.52 18.49 6.01
CA ARG D 120 -8.90 18.39 5.55
C ARG D 120 -9.45 16.98 5.77
N VAL D 121 -8.67 15.97 5.40
CA VAL D 121 -9.20 14.60 5.39
C VAL D 121 -9.20 13.99 6.79
N LEU D 122 -8.32 14.45 7.68
CA LEU D 122 -8.31 13.94 9.05
C LEU D 122 -9.65 14.17 9.73
N ALA D 123 -10.39 15.20 9.33
CA ALA D 123 -11.69 15.49 9.86
C ALA D 123 -12.82 14.72 9.15
N ASN D 124 -12.51 13.59 8.51
CA ASN D 124 -13.53 12.66 8.03
C ASN D 124 -13.23 11.24 8.48
N GLU D 125 -11.95 10.88 8.58
CA GLU D 125 -11.53 9.51 8.78
C GLU D 125 -10.98 9.22 10.18
N ALA D 126 -10.90 10.23 11.04
CA ALA D 126 -10.41 10.02 12.41
C ALA D 126 -11.32 9.11 13.22
N ARG D 127 -12.57 8.96 12.80
CA ARG D 127 -13.45 7.94 13.37
C ARG D 127 -12.75 6.60 13.43
N ASN D 128 -12.24 6.14 12.29
CA ASN D 128 -11.43 4.93 12.25
C ASN D 128 -10.21 5.04 13.16
N LEU D 129 -9.46 6.14 13.04
CA LEU D 129 -8.17 6.26 13.74
C LEU D 129 -8.31 6.09 15.23
N ILE D 130 -9.39 6.58 15.80
CA ILE D 130 -9.60 6.44 17.22
C ILE D 130 -9.89 5.00 17.58
N GLY D 131 -10.82 4.38 16.86
CA GLY D 131 -11.12 2.98 17.10
C GLY D 131 -9.91 2.10 16.89
N VAL D 132 -9.01 2.51 16.00
CA VAL D 132 -7.75 1.80 15.84
C VAL D 132 -6.80 2.18 16.97
N THR D 133 -6.78 3.47 17.34
CA THR D 133 -5.91 3.91 18.43
C THR D 133 -6.30 3.26 19.74
N THR D 134 -7.60 3.22 20.04
CA THR D 134 -8.10 2.40 21.13
C THR D 134 -7.61 0.97 20.97
N LEU D 135 -7.92 0.37 19.82
CA LEU D 135 -7.52 -1.00 19.53
C LEU D 135 -6.01 -1.17 19.66
N PHE D 136 -5.25 -0.15 19.28
CA PHE D 136 -3.81 -0.19 19.55
C PHE D 136 -3.55 -0.22 21.05
N GLY D 137 -4.30 0.57 21.81
CA GLY D 137 -4.16 0.53 23.25
C GLY D 137 -4.63 -0.78 23.84
N VAL D 138 -5.63 -1.40 23.22
CA VAL D 138 -6.03 -2.75 23.62
C VAL D 138 -4.84 -3.68 23.50
N VAL D 139 -4.33 -3.81 22.28
CA VAL D 139 -3.25 -4.74 22.00
C VAL D 139 -2.00 -4.39 22.79
N LEU D 140 -1.82 -3.11 23.13
CA LEU D 140 -0.64 -2.68 23.86
C LEU D 140 -0.59 -3.35 25.22
N PHE D 141 -1.57 -3.05 26.07
CA PHE D 141 -1.54 -3.55 27.43
C PHE D 141 -2.03 -4.98 27.50
N ALA D 142 -2.81 -5.42 26.51
CA ALA D 142 -3.17 -6.83 26.41
C ALA D 142 -1.92 -7.69 26.34
N VAL D 143 -0.88 -7.18 25.69
CA VAL D 143 0.34 -7.92 25.45
C VAL D 143 1.45 -7.50 26.38
N ALA D 144 1.49 -6.21 26.74
CA ALA D 144 2.51 -5.72 27.65
C ALA D 144 2.41 -6.39 29.00
N LEU D 145 1.20 -6.72 29.43
CA LEU D 145 1.00 -7.27 30.75
C LEU D 145 1.56 -8.67 30.89
N ALA D 146 1.48 -9.47 29.84
CA ALA D 146 1.90 -10.86 29.92
C ALA D 146 3.40 -11.00 30.14
N ALA D 147 4.18 -9.94 29.92
CA ALA D 147 5.61 -9.99 30.16
C ALA D 147 5.96 -9.88 31.62
N TYR D 148 5.30 -8.99 32.37
CA TYR D 148 5.54 -8.89 33.81
C TYR D 148 5.20 -10.18 34.53
N VAL D 149 4.34 -11.00 33.92
CA VAL D 149 3.97 -12.29 34.49
C VAL D 149 5.19 -13.17 34.70
N ILE D 150 6.27 -12.94 33.95
CA ILE D 150 7.29 -13.96 33.74
C ILE D 150 8.61 -13.54 34.35
N GLU D 151 9.19 -12.47 33.83
CA GLU D 151 10.57 -12.12 34.13
C GLU D 151 10.70 -11.14 35.27
N ARG D 152 9.60 -10.86 35.97
CA ARG D 152 9.72 -10.05 37.17
C ARG D 152 10.61 -10.70 38.20
N ASP D 153 10.64 -12.03 38.23
CA ASP D 153 11.44 -12.75 39.21
C ASP D 153 12.93 -12.55 38.95
N ILE D 154 13.38 -12.92 37.75
CA ILE D 154 14.81 -12.92 37.42
C ILE D 154 15.24 -11.70 36.62
N GLN D 155 14.31 -10.81 36.26
CA GLN D 155 14.65 -9.49 35.74
C GLN D 155 13.83 -8.43 36.45
N PRO D 156 14.10 -8.18 37.74
CA PRO D 156 13.50 -7.00 38.38
C PRO D 156 13.94 -5.71 37.74
N GLU D 157 15.25 -5.56 37.53
CA GLU D 157 15.81 -4.28 37.15
C GLU D 157 15.40 -3.87 35.73
N LYS D 158 14.82 -4.77 34.95
CA LYS D 158 14.35 -4.50 33.60
C LYS D 158 12.86 -4.69 33.46
N PHE D 159 12.33 -5.82 33.94
CA PHE D 159 10.91 -6.13 33.88
C PHE D 159 10.35 -6.35 35.28
N GLY D 160 10.76 -5.52 36.22
CA GLY D 160 10.18 -5.53 37.55
C GLY D 160 8.99 -4.63 37.69
N SER D 161 8.38 -4.24 36.58
CA SER D 161 7.20 -3.38 36.60
C SER D 161 6.52 -3.45 35.25
N ILE D 162 5.33 -2.85 35.18
CA ILE D 162 4.48 -2.89 34.00
C ILE D 162 4.99 -1.95 32.91
N PRO D 163 5.10 -0.64 33.16
CA PRO D 163 5.42 0.26 32.04
C PRO D 163 6.79 0.02 31.45
N GLN D 164 7.71 -0.53 32.24
CA GLN D 164 8.98 -0.99 31.69
C GLN D 164 8.76 -2.05 30.63
N ALA D 165 7.67 -2.81 30.74
CA ALA D 165 7.29 -3.76 29.71
C ALA D 165 6.43 -3.14 28.63
N MET D 166 5.58 -2.18 28.97
CA MET D 166 4.89 -1.39 27.95
C MET D 166 5.90 -0.64 27.11
N TRP D 167 7.05 -0.30 27.70
CA TRP D 167 8.15 0.25 26.93
C TRP D 167 8.62 -0.75 25.88
N TRP D 168 8.97 -1.96 26.31
CA TRP D 168 9.33 -3.05 25.43
C TRP D 168 8.19 -3.50 24.53
N ALA D 169 6.95 -3.06 24.80
CA ALA D 169 5.83 -3.40 23.94
C ALA D 169 5.92 -2.70 22.59
N VAL D 170 5.91 -1.38 22.61
CA VAL D 170 5.84 -0.62 21.37
C VAL D 170 7.15 -0.73 20.61
N VAL D 171 8.26 -0.82 21.34
CA VAL D 171 9.54 -1.10 20.70
C VAL D 171 9.48 -2.44 20.00
N THR D 172 8.80 -3.40 20.61
CA THR D 172 8.63 -4.71 20.01
C THR D 172 7.52 -4.72 18.98
N LEU D 173 6.53 -3.83 19.11
CA LEU D 173 5.37 -3.84 18.26
C LEU D 173 5.50 -2.89 17.07
N SER D 174 6.13 -1.74 17.28
CA SER D 174 6.19 -0.70 16.28
C SER D 174 7.47 -0.76 15.43
N THR D 175 7.95 -1.95 15.15
CA THR D 175 8.91 -2.21 14.08
C THR D 175 10.32 -1.78 14.46
N THR D 176 10.57 -1.39 15.71
CA THR D 176 11.78 -0.63 16.02
C THR D 176 12.95 -1.50 16.48
N GLY D 177 12.79 -2.14 17.63
CA GLY D 177 13.84 -2.98 18.15
C GLY D 177 15.09 -2.22 18.53
N TYR D 178 15.01 -1.42 19.59
CA TYR D 178 16.18 -0.75 20.15
C TYR D 178 17.27 -1.74 20.53
N GLY D 179 16.96 -2.63 21.47
CA GLY D 179 17.90 -3.64 21.91
C GLY D 179 18.48 -3.39 23.28
N ASP D 180 17.68 -2.85 24.20
CA ASP D 180 18.13 -2.61 25.57
C ASP D 180 17.77 -3.76 26.51
N THR D 181 16.51 -4.21 26.47
CA THR D 181 15.99 -5.17 27.44
C THR D 181 15.16 -6.20 26.71
N ILE D 182 15.63 -7.44 26.70
CA ILE D 182 15.04 -8.52 25.92
C ILE D 182 14.90 -9.73 26.83
N PRO D 183 13.92 -10.61 26.64
CA PRO D 183 13.76 -11.75 27.56
C PRO D 183 14.94 -12.71 27.51
N GLN D 184 14.84 -13.71 28.38
CA GLN D 184 15.78 -14.82 28.48
C GLN D 184 15.08 -16.17 28.46
N SER D 185 13.84 -16.26 28.92
CA SER D 185 13.12 -17.51 28.99
C SER D 185 12.50 -17.86 27.64
N PHE D 186 11.74 -18.96 27.63
CA PHE D 186 11.16 -19.47 26.40
C PHE D 186 9.81 -18.80 26.11
N ALA D 187 8.84 -18.99 27.00
CA ALA D 187 7.47 -18.62 26.69
C ALA D 187 7.32 -17.13 26.48
N GLY D 188 8.06 -16.33 27.25
CA GLY D 188 8.08 -14.90 27.00
C GLY D 188 8.64 -14.60 25.62
N ARG D 189 9.63 -15.38 25.18
CA ARG D 189 10.10 -15.24 23.81
C ARG D 189 9.10 -15.82 22.81
N VAL D 190 8.26 -16.78 23.22
CA VAL D 190 7.23 -17.28 22.31
C VAL D 190 6.28 -16.16 21.93
N LEU D 191 6.00 -15.27 22.89
CA LEU D 191 4.93 -14.30 22.71
C LEU D 191 5.22 -13.35 21.56
N ALA D 192 6.49 -13.05 21.32
CA ALA D 192 6.85 -12.16 20.23
C ALA D 192 6.44 -12.71 18.88
N GLY D 193 6.18 -14.03 18.78
CA GLY D 193 5.79 -14.62 17.51
C GLY D 193 4.55 -14.00 16.90
N ALA D 194 3.67 -13.42 17.73
CA ALA D 194 2.44 -12.79 17.25
C ALA D 194 2.51 -11.28 17.26
N VAL D 195 3.56 -10.69 17.82
CA VAL D 195 3.57 -9.25 18.05
C VAL D 195 3.88 -8.54 16.74
N MET D 196 5.05 -8.81 16.17
CA MET D 196 5.39 -8.23 14.88
C MET D 196 4.39 -8.65 13.82
N MET D 197 3.90 -9.89 13.93
CA MET D 197 2.76 -10.33 13.14
C MET D 197 1.60 -9.37 13.32
N SER D 198 1.36 -8.92 14.55
CA SER D 198 0.24 -8.04 14.81
C SER D 198 0.50 -6.63 14.31
N GLY D 199 1.53 -5.97 14.88
CA GLY D 199 1.72 -4.55 14.64
C GLY D 199 1.93 -4.21 13.19
N ILE D 200 2.60 -5.10 12.45
CA ILE D 200 2.76 -4.90 11.02
C ILE D 200 1.44 -5.10 10.31
N GLY D 201 0.52 -5.85 10.90
CA GLY D 201 -0.83 -5.96 10.38
C GLY D 201 -1.66 -4.75 10.78
N ILE D 202 -1.39 -4.23 11.98
CA ILE D 202 -2.14 -3.09 12.48
C ILE D 202 -1.79 -1.84 11.66
N PHE D 203 -0.51 -1.45 11.71
CA PHE D 203 -0.06 -0.35 10.89
C PHE D 203 -0.21 -0.63 9.42
N GLY D 204 -0.28 -1.90 9.03
CA GLY D 204 -0.70 -2.23 7.67
C GLY D 204 -2.07 -1.65 7.35
N LEU D 205 -2.94 -1.57 8.35
CA LEU D 205 -4.22 -0.90 8.22
C LEU D 205 -4.11 0.58 8.57
N TRP D 206 -3.50 0.88 9.71
CA TRP D 206 -3.65 2.20 10.32
C TRP D 206 -3.04 3.28 9.45
N ALA D 207 -1.76 3.12 9.10
CA ALA D 207 -1.16 4.06 8.16
C ALA D 207 -1.82 3.97 6.80
N GLY D 208 -2.41 2.81 6.47
CA GLY D 208 -3.17 2.69 5.25
C GLY D 208 -4.35 3.63 5.21
N ILE D 209 -4.92 3.94 6.37
CA ILE D 209 -6.02 4.89 6.46
C ILE D 209 -5.62 6.22 5.87
N LEU D 210 -4.37 6.64 6.10
CA LEU D 210 -3.93 7.95 5.64
C LEU D 210 -3.93 7.99 4.12
N ALA D 211 -3.11 7.16 3.49
CA ALA D 211 -2.99 7.17 2.03
C ALA D 211 -4.29 6.76 1.34
N THR D 212 -5.25 6.19 2.06
CA THR D 212 -6.46 5.62 1.50
C THR D 212 -7.25 6.62 0.66
N GLY D 213 -7.75 7.67 1.31
CA GLY D 213 -8.49 8.74 0.67
C GLY D 213 -7.74 10.04 0.62
N PHE D 214 -6.56 10.08 1.22
CA PHE D 214 -5.62 11.14 0.93
C PHE D 214 -5.40 11.23 -0.57
N TYR D 215 -5.19 10.07 -1.22
CA TYR D 215 -5.08 10.04 -2.67
C TYR D 215 -6.36 10.49 -3.33
N GLN D 216 -7.51 10.16 -2.75
CA GLN D 216 -8.77 10.70 -3.26
C GLN D 216 -8.72 12.21 -3.28
N GLU D 217 -8.22 12.82 -2.21
CA GLU D 217 -8.16 14.27 -2.13
C GLU D 217 -7.18 14.84 -3.12
N VAL D 218 -6.04 14.18 -3.30
CA VAL D 218 -5.06 14.67 -4.27
C VAL D 218 -5.54 14.39 -5.68
N ARG D 219 -6.15 13.23 -5.90
CA ARG D 219 -6.83 12.99 -7.17
C ARG D 219 -8.04 13.90 -7.29
N ARG D 220 -8.58 14.37 -6.17
CA ARG D 220 -9.64 15.37 -6.21
C ARG D 220 -9.08 16.77 -6.37
N GLY D 221 -7.92 17.05 -5.77
CA GLY D 221 -7.27 18.33 -5.96
C GLY D 221 -7.01 18.63 -7.42
N ASP D 222 -6.78 17.58 -8.20
CA ASP D 222 -6.56 17.70 -9.64
C ASP D 222 -7.84 18.00 -10.40
N PHE D 223 -9.01 17.96 -9.76
CA PHE D 223 -10.27 18.32 -10.39
C PHE D 223 -10.73 19.70 -9.98
N VAL D 224 -10.84 19.92 -8.67
CA VAL D 224 -11.33 21.19 -8.14
C VAL D 224 -10.45 22.35 -8.61
N ARG D 225 -9.14 22.12 -8.73
CA ARG D 225 -8.24 23.13 -9.26
C ARG D 225 -8.29 23.20 -10.78
N ASN D 226 -9.09 22.35 -11.44
CA ASN D 226 -9.07 22.25 -12.89
C ASN D 226 -10.46 22.09 -13.49
N TRP D 227 -11.52 22.24 -12.70
CA TRP D 227 -12.78 22.69 -13.29
C TRP D 227 -12.65 24.13 -13.77
N GLN D 228 -11.67 24.86 -13.26
CA GLN D 228 -11.15 26.02 -13.95
C GLN D 228 -10.41 25.58 -15.22
N LEU D 229 -10.06 26.56 -16.05
CA LEU D 229 -9.42 26.29 -17.33
C LEU D 229 -10.29 25.42 -18.23
N VAL D 230 -11.61 25.51 -18.06
CA VAL D 230 -12.59 24.74 -18.83
C VAL D 230 -13.28 25.63 -19.85
N ALA D 231 -13.98 26.66 -19.39
CA ALA D 231 -14.63 27.61 -20.30
C ALA D 231 -13.63 28.41 -21.12
N ALA D 232 -12.36 28.50 -20.67
CA ALA D 232 -11.37 29.27 -21.39
C ALA D 232 -11.12 28.73 -22.79
N VAL D 233 -11.33 27.43 -22.99
CA VAL D 233 -11.01 26.78 -24.26
C VAL D 233 -12.09 27.09 -25.27
N PRO D 234 -11.80 27.70 -26.42
CA PRO D 234 -12.88 28.05 -27.36
C PRO D 234 -13.63 26.86 -27.96
N LEU D 235 -13.10 25.63 -27.86
CA LEU D 235 -13.67 24.50 -28.57
C LEU D 235 -14.62 23.67 -27.72
N PHE D 236 -14.70 23.91 -26.41
CA PHE D 236 -15.31 22.96 -25.49
C PHE D 236 -16.78 23.27 -25.19
N GLN D 237 -17.51 23.79 -26.18
CA GLN D 237 -18.96 23.95 -26.05
C GLN D 237 -19.73 22.70 -26.45
N LYS D 238 -19.10 21.79 -27.21
CA LYS D 238 -19.76 20.58 -27.66
C LYS D 238 -19.59 19.41 -26.71
N LEU D 239 -18.66 19.49 -25.77
CA LEU D 239 -18.35 18.36 -24.91
C LEU D 239 -19.57 17.99 -24.06
N GLY D 240 -19.96 16.72 -24.14
CA GLY D 240 -21.12 16.24 -23.42
C GLY D 240 -20.92 16.31 -21.92
N PRO D 241 -22.00 16.10 -21.15
CA PRO D 241 -21.87 16.23 -19.70
C PRO D 241 -20.91 15.21 -19.07
N ALA D 242 -21.10 13.92 -19.36
CA ALA D 242 -20.29 12.88 -18.75
C ALA D 242 -18.90 12.78 -19.34
N VAL D 243 -18.57 13.61 -20.33
CA VAL D 243 -17.28 13.50 -21.00
C VAL D 243 -16.16 14.00 -20.10
N LEU D 244 -16.41 15.07 -19.36
CA LEU D 244 -15.34 15.76 -18.65
C LEU D 244 -14.88 14.99 -17.43
N VAL D 245 -15.82 14.33 -16.73
CA VAL D 245 -15.47 13.56 -15.54
C VAL D 245 -14.47 12.47 -15.89
N GLU D 246 -14.56 11.92 -17.10
CA GLU D 246 -13.60 10.95 -17.56
C GLU D 246 -12.22 11.56 -17.72
N ILE D 247 -12.15 12.85 -17.99
CA ILE D 247 -10.95 13.47 -18.54
C ILE D 247 -10.15 14.17 -17.45
N VAL D 248 -10.82 15.02 -16.68
CA VAL D 248 -10.14 15.93 -15.79
C VAL D 248 -9.41 15.20 -14.66
N ARG D 249 -9.71 13.91 -14.45
CA ARG D 249 -8.92 13.10 -13.55
C ARG D 249 -7.44 13.13 -13.90
N ALA D 250 -7.11 13.12 -15.19
CA ALA D 250 -5.74 13.06 -15.66
C ALA D 250 -5.13 14.44 -15.87
N LEU D 251 -5.93 15.42 -16.30
CA LEU D 251 -5.41 16.73 -16.63
C LEU D 251 -4.90 17.43 -15.38
N ARG D 252 -3.60 17.71 -15.33
CA ARG D 252 -3.03 18.59 -14.32
C ARG D 252 -2.57 19.89 -14.98
N ALA D 253 -2.68 20.98 -14.22
CA ALA D 253 -2.22 22.29 -14.64
C ALA D 253 -1.02 22.70 -13.81
N ARG D 254 0.04 23.17 -14.48
CA ARG D 254 1.15 23.81 -13.80
C ARG D 254 1.63 24.99 -14.64
N THR D 255 2.51 25.79 -14.04
CA THR D 255 3.05 26.99 -14.66
C THR D 255 4.52 26.77 -14.99
N VAL D 256 4.92 27.22 -16.18
CA VAL D 256 6.31 27.24 -16.60
C VAL D 256 6.75 28.70 -16.57
N PRO D 257 7.99 29.02 -16.21
CA PRO D 257 8.44 30.42 -16.25
C PRO D 257 8.96 30.81 -17.62
N ALA D 258 9.16 32.13 -17.78
CA ALA D 258 9.74 32.66 -19.00
C ALA D 258 11.17 32.16 -19.16
N GLY D 259 11.57 31.92 -20.41
CA GLY D 259 12.91 31.48 -20.73
C GLY D 259 13.10 29.98 -20.70
N ALA D 260 12.23 29.24 -20.04
CA ALA D 260 12.37 27.80 -19.95
C ALA D 260 11.98 27.14 -21.28
N VAL D 261 12.39 25.89 -21.43
CA VAL D 261 12.04 25.07 -22.59
C VAL D 261 10.75 24.34 -22.27
N ILE D 262 9.95 24.08 -23.31
CA ILE D 262 8.67 23.40 -23.16
C ILE D 262 8.74 21.99 -23.77
N CYS D 263 9.03 21.89 -25.06
CA CYS D 263 9.35 20.60 -25.68
C CYS D 263 10.46 20.83 -26.69
N ARG D 264 11.52 20.04 -26.57
CA ARG D 264 12.69 20.20 -27.43
C ARG D 264 12.52 19.41 -28.71
N ILE D 265 13.01 19.99 -29.82
CA ILE D 265 12.84 19.37 -31.12
C ILE D 265 13.58 18.04 -31.17
N GLY D 266 12.95 17.05 -31.79
CA GLY D 266 13.55 15.76 -32.04
C GLY D 266 13.38 14.75 -30.93
N GLU D 267 13.02 15.19 -29.73
CA GLU D 267 12.74 14.26 -28.66
C GLU D 267 11.45 13.51 -28.97
N PRO D 268 11.26 12.30 -28.42
CA PRO D 268 10.12 11.49 -28.85
C PRO D 268 8.80 12.12 -28.44
N GLY D 269 7.93 12.32 -29.43
CA GLY D 269 6.63 12.92 -29.18
C GLY D 269 5.82 12.04 -28.25
N ASP D 270 5.65 12.47 -27.00
CA ASP D 270 5.00 11.68 -25.97
C ASP D 270 3.85 12.40 -25.29
N ARG D 271 3.56 13.64 -25.65
CA ARG D 271 2.54 14.41 -24.92
C ARG D 271 2.17 15.64 -25.74
N MET D 272 0.97 16.14 -25.47
CA MET D 272 0.48 17.39 -26.05
C MET D 272 -0.09 18.25 -24.93
N PHE D 273 -0.03 19.57 -25.14
CA PHE D 273 -0.39 20.56 -24.13
C PHE D 273 -1.53 21.44 -24.64
N PHE D 274 -2.21 22.08 -23.68
CA PHE D 274 -3.20 23.12 -23.97
C PHE D 274 -2.73 24.42 -23.33
N VAL D 275 -2.35 25.38 -24.16
CA VAL D 275 -2.08 26.73 -23.69
C VAL D 275 -3.40 27.40 -23.36
N VAL D 276 -3.43 28.10 -22.23
CA VAL D 276 -4.59 28.91 -21.86
C VAL D 276 -4.22 30.34 -21.51
N GLU D 277 -2.99 30.64 -21.13
CA GLU D 277 -2.60 32.02 -20.83
C GLU D 277 -1.08 32.12 -20.86
N GLY D 278 -0.58 33.12 -21.58
CA GLY D 278 0.84 33.34 -21.73
C GLY D 278 1.24 33.37 -23.20
N SER D 279 2.51 33.10 -23.48
CA SER D 279 3.00 33.05 -24.85
C SER D 279 4.17 32.08 -24.91
N VAL D 280 4.41 31.57 -26.12
CA VAL D 280 5.38 30.51 -26.34
C VAL D 280 6.45 30.98 -27.31
N SER D 281 7.43 30.12 -27.59
CA SER D 281 8.37 30.33 -28.69
C SER D 281 8.41 29.04 -29.50
N VAL D 282 7.48 28.90 -30.44
CA VAL D 282 7.46 27.74 -31.32
C VAL D 282 8.59 27.96 -32.32
N ALA D 283 9.73 27.34 -32.06
CA ALA D 283 10.94 27.67 -32.79
C ALA D 283 10.88 27.22 -34.24
N THR D 284 10.59 28.16 -35.13
CA THR D 284 10.47 27.94 -36.56
C THR D 284 11.09 29.14 -37.26
N PRO D 285 11.25 29.09 -38.59
CA PRO D 285 11.75 30.29 -39.29
C PRO D 285 10.86 31.50 -39.08
N ASN D 286 9.54 31.32 -39.17
CA ASN D 286 8.56 32.31 -38.71
C ASN D 286 7.97 31.78 -37.39
N PRO D 287 8.43 32.24 -36.22
CA PRO D 287 7.91 31.69 -34.97
C PRO D 287 6.41 31.90 -34.83
N VAL D 288 5.68 30.79 -34.75
CA VAL D 288 4.22 30.83 -34.60
C VAL D 288 3.97 31.02 -33.11
N GLU D 289 4.03 32.27 -32.69
CA GLU D 289 3.95 32.63 -31.27
C GLU D 289 2.48 32.61 -30.85
N LEU D 290 2.06 31.51 -30.25
CA LEU D 290 0.66 31.30 -29.88
C LEU D 290 0.43 31.77 -28.46
N GLY D 291 -0.73 32.38 -28.24
CA GLY D 291 -1.03 33.06 -27.00
C GLY D 291 -2.04 32.31 -26.15
N PRO D 292 -2.82 33.02 -25.33
CA PRO D 292 -3.82 32.36 -24.47
C PRO D 292 -4.83 31.56 -25.29
N GLY D 293 -4.93 30.27 -24.97
CA GLY D 293 -5.94 29.41 -25.55
C GLY D 293 -5.48 28.68 -26.80
N ALA D 294 -4.37 27.95 -26.69
CA ALA D 294 -3.80 27.22 -27.82
C ALA D 294 -3.32 25.84 -27.37
N PHE D 295 -2.79 25.06 -28.31
CA PHE D 295 -2.38 23.68 -28.04
C PHE D 295 -1.36 23.25 -29.07
N PHE D 296 -0.70 22.12 -28.80
CA PHE D 296 0.27 21.56 -29.72
C PHE D 296 0.66 20.16 -29.28
N GLY D 297 0.90 19.29 -30.27
CA GLY D 297 1.40 17.95 -30.05
C GLY D 297 0.69 16.92 -30.91
N GLU D 298 -0.53 17.24 -31.33
CA GLU D 298 -1.26 16.38 -32.28
C GLU D 298 -0.44 16.08 -33.53
N MET D 299 0.43 17.00 -33.94
CA MET D 299 1.35 16.73 -35.04
C MET D 299 2.22 15.51 -34.75
N ALA D 300 2.64 15.35 -33.51
CA ALA D 300 3.52 14.26 -33.10
C ALA D 300 2.78 13.02 -32.63
N LEU D 301 1.48 13.13 -32.31
CA LEU D 301 0.74 12.00 -31.76
C LEU D 301 -0.05 11.26 -32.82
N ILE D 302 -0.73 11.98 -33.71
CA ILE D 302 -1.46 11.32 -34.80
C ILE D 302 -0.49 10.57 -35.70
N SER D 303 0.74 11.09 -35.82
CA SER D 303 1.80 10.43 -36.57
C SER D 303 2.71 9.59 -35.69
N GLY D 304 2.74 9.86 -34.38
CA GLY D 304 3.63 9.13 -33.49
C GLY D 304 5.08 9.39 -33.81
N GLU D 305 5.46 10.66 -33.89
CA GLU D 305 6.76 11.09 -34.38
C GLU D 305 7.45 11.96 -33.34
N PRO D 306 8.72 12.32 -33.56
CA PRO D 306 9.36 13.31 -32.69
C PRO D 306 8.76 14.70 -32.85
N ARG D 307 9.33 15.66 -32.13
CA ARG D 307 8.76 17.01 -32.11
C ARG D 307 8.99 17.73 -33.42
N SER D 308 8.05 18.60 -33.76
CA SER D 308 8.13 19.43 -34.95
C SER D 308 8.69 20.83 -34.67
N ALA D 309 9.00 21.15 -33.42
CA ALA D 309 9.47 22.49 -33.09
C ALA D 309 10.01 22.50 -31.67
N THR D 310 11.11 23.22 -31.47
CA THR D 310 11.65 23.47 -30.13
C THR D 310 10.77 24.55 -29.50
N VAL D 311 9.65 24.13 -28.92
CA VAL D 311 8.78 25.05 -28.20
C VAL D 311 9.44 25.34 -26.86
N SER D 312 9.65 26.63 -26.58
CA SER D 312 10.19 27.09 -25.30
C SER D 312 9.33 28.23 -24.77
N ALA D 313 9.35 28.37 -23.44
CA ALA D 313 8.51 29.37 -22.79
C ALA D 313 9.01 30.77 -23.09
N ALA D 314 8.36 31.45 -24.04
CA ALA D 314 8.66 32.85 -24.28
C ALA D 314 8.33 33.71 -23.06
N THR D 315 7.28 33.34 -22.34
CA THR D 315 6.87 34.04 -21.12
C THR D 315 6.43 33.00 -20.10
N THR D 316 5.96 33.46 -18.96
CA THR D 316 5.40 32.58 -17.94
C THR D 316 4.03 32.13 -18.41
N VAL D 317 3.88 30.83 -18.67
CA VAL D 317 2.65 30.27 -19.24
C VAL D 317 2.01 29.38 -18.19
N SER D 318 0.69 29.54 -18.02
CA SER D 318 -0.10 28.61 -17.20
C SER D 318 -0.43 27.41 -18.06
N LEU D 319 0.28 26.31 -17.85
CA LEU D 319 0.23 25.17 -18.76
C LEU D 319 -0.78 24.13 -18.31
N LEU D 320 -1.32 23.43 -19.29
CA LEU D 320 -1.99 22.16 -19.13
C LEU D 320 -1.17 21.08 -19.84
N SER D 321 -1.62 19.84 -19.74
CA SER D 321 -0.88 18.76 -20.37
C SER D 321 -1.75 17.53 -20.52
N LEU D 322 -1.34 16.65 -21.43
CA LEU D 322 -2.13 15.47 -21.76
C LEU D 322 -1.31 14.47 -22.56
N HIS D 323 -1.26 13.21 -22.11
CA HIS D 323 -0.64 12.14 -22.89
C HIS D 323 -1.64 11.56 -23.89
N SER D 324 -1.14 10.67 -24.76
CA SER D 324 -1.84 10.22 -25.97
C SER D 324 -3.15 9.51 -25.65
N ALA D 325 -3.08 8.35 -24.98
CA ALA D 325 -4.20 7.52 -24.58
C ALA D 325 -5.47 8.29 -24.22
N ASP D 326 -5.33 9.27 -23.34
CA ASP D 326 -6.46 10.11 -22.97
C ASP D 326 -6.88 11.06 -24.07
N PHE D 327 -6.00 11.31 -25.04
CA PHE D 327 -6.32 12.04 -26.26
C PHE D 327 -6.75 11.10 -27.37
N GLN D 328 -6.07 9.96 -27.49
CA GLN D 328 -6.62 8.83 -28.21
C GLN D 328 -8.00 8.47 -27.66
N MET D 329 -8.19 8.60 -26.36
CA MET D 329 -9.53 8.46 -25.78
C MET D 329 -10.45 9.51 -26.36
N LEU D 330 -9.96 10.74 -26.49
CA LEU D 330 -10.76 11.81 -27.09
C LEU D 330 -10.96 11.57 -28.58
N CYS D 331 -9.89 11.18 -29.28
CA CYS D 331 -10.02 10.84 -30.69
C CYS D 331 -10.95 9.66 -30.89
N SER D 332 -10.96 8.73 -29.93
CA SER D 332 -11.92 7.64 -29.95
C SER D 332 -13.30 8.10 -29.49
N SER D 333 -13.35 9.15 -28.66
CA SER D 333 -14.62 9.56 -28.07
C SER D 333 -15.58 10.17 -29.07
N SER D 334 -15.10 10.94 -30.05
CA SER D 334 -15.99 11.66 -30.96
C SER D 334 -15.30 11.93 -32.30
N PRO D 335 -15.91 11.54 -33.44
CA PRO D 335 -15.34 11.96 -34.73
C PRO D 335 -15.46 13.45 -35.01
N GLU D 336 -16.35 14.16 -34.30
CA GLU D 336 -16.53 15.59 -34.55
C GLU D 336 -15.27 16.39 -34.26
N ILE D 337 -14.42 15.89 -33.36
CA ILE D 337 -13.27 16.66 -32.90
C ILE D 337 -12.03 16.37 -33.75
N ALA D 338 -11.88 15.15 -34.25
CA ALA D 338 -10.72 14.82 -35.07
C ALA D 338 -10.70 15.58 -36.39
N GLU D 339 -11.85 16.08 -36.84
CA GLU D 339 -11.90 16.87 -38.06
C GLU D 339 -11.00 18.09 -37.96
N ILE D 340 -11.13 18.85 -36.86
CA ILE D 340 -10.32 20.04 -36.69
C ILE D 340 -8.86 19.67 -36.49
N PHE D 341 -8.58 18.65 -35.68
CA PHE D 341 -7.20 18.24 -35.43
C PHE D 341 -6.61 17.51 -36.63
N ARG D 342 -7.42 17.16 -37.62
CA ARG D 342 -6.89 16.76 -38.91
C ARG D 342 -6.44 17.98 -39.70
N LYS D 343 -7.32 18.98 -39.80
CA LYS D 343 -6.96 20.23 -40.45
C LYS D 343 -5.76 20.87 -39.74
N THR D 344 -5.78 20.85 -38.41
CA THR D 344 -4.68 21.41 -37.64
C THR D 344 -3.36 20.70 -37.94
N ALA D 345 -3.41 19.40 -38.19
CA ALA D 345 -2.23 18.66 -38.61
C ALA D 345 -1.84 18.91 -40.06
N LEU D 346 -2.57 19.76 -40.77
CA LEU D 346 -2.19 20.24 -42.09
C LEU D 346 -1.93 21.74 -42.10
N GLU D 347 -2.70 22.51 -41.35
CA GLU D 347 -2.46 23.94 -41.24
C GLU D 347 -1.10 24.21 -40.59
N ARG D 348 -0.84 23.59 -39.43
CA ARG D 348 0.39 23.82 -38.71
C ARG D 348 1.63 23.32 -39.44
N ARG D 349 1.47 22.41 -40.40
CA ARG D 349 2.63 21.99 -41.20
C ARG D 349 3.11 23.13 -42.08
N GLY D 350 2.18 23.82 -42.73
CA GLY D 350 2.51 24.96 -43.57
C GLY D 350 2.60 26.23 -42.77
N ALA D 351 1.76 26.36 -41.74
CA ALA D 351 1.76 27.56 -40.91
C ALA D 351 2.99 27.65 -40.01
N ALA D 352 3.71 26.54 -39.79
CA ALA D 352 4.91 26.60 -38.95
C ALA D 352 6.02 27.38 -39.64
N ALA D 353 6.38 26.98 -40.86
CA ALA D 353 7.42 27.70 -41.59
C ALA D 353 6.92 29.07 -42.05
N SER D 354 5.69 29.13 -42.54
CA SER D 354 5.07 30.38 -42.93
C SER D 354 4.50 31.08 -41.70
N ALA D 355 3.72 32.12 -41.92
CA ALA D 355 3.05 32.84 -40.84
C ALA D 355 1.67 32.24 -40.57
K K E . 18.95 -2.46 17.48
K K F . 14.07 -1.81 13.04
#